data_2M08
#
_entry.id   2M08
#
_entity_poly.entity_id   1
_entity_poly.type   'polypeptide(L)'
_entity_poly.pdbx_seq_one_letter_code
;GPSNKIKCSHILVSKQSEALAIMEKLKSGEKFGKLAKELSIDSGSAKKNGNLGYFTKGMMVKPFEDAAFKLQVGEVSEPI
KSEFGYHIIKRFG
;
_entity_poly.pdbx_strand_id   A
#
# COMPACT_ATOMS: atom_id res chain seq x y z
N GLY A 1 9.50 21.97 1.34
CA GLY A 1 10.29 22.02 0.12
C GLY A 1 9.66 21.23 -1.01
N PRO A 2 10.40 21.10 -2.13
CA PRO A 2 9.94 20.36 -3.30
C PRO A 2 9.87 18.87 -3.05
N SER A 3 8.65 18.34 -2.92
CA SER A 3 8.46 16.91 -2.69
C SER A 3 8.11 16.19 -3.98
N ASN A 4 9.10 15.57 -4.60
CA ASN A 4 8.90 14.84 -5.85
C ASN A 4 8.49 13.40 -5.58
N LYS A 5 9.17 12.77 -4.62
CA LYS A 5 8.88 11.39 -4.25
C LYS A 5 8.59 11.27 -2.77
N ILE A 6 7.95 10.17 -2.38
CA ILE A 6 7.61 9.93 -0.98
C ILE A 6 7.58 8.45 -0.67
N LYS A 7 7.80 8.10 0.59
CA LYS A 7 7.80 6.71 1.02
C LYS A 7 6.37 6.19 1.16
N CYS A 8 6.13 4.99 0.66
CA CYS A 8 4.81 4.38 0.72
C CYS A 8 4.88 2.88 0.43
N SER A 9 3.82 2.16 0.78
CA SER A 9 3.78 0.72 0.56
C SER A 9 2.57 0.35 -0.30
N HIS A 10 2.27 -0.95 -0.36
CA HIS A 10 1.14 -1.44 -1.15
C HIS A 10 0.91 -2.93 -0.90
N ILE A 11 -0.36 -3.32 -0.88
CA ILE A 11 -0.72 -4.71 -0.64
C ILE A 11 -1.91 -5.12 -1.51
N LEU A 12 -1.75 -6.24 -2.23
CA LEU A 12 -2.80 -6.74 -3.09
C LEU A 12 -3.46 -7.98 -2.49
N VAL A 13 -4.79 -8.01 -2.49
CA VAL A 13 -5.54 -9.13 -1.95
C VAL A 13 -6.63 -9.58 -2.91
N SER A 14 -7.44 -10.54 -2.48
CA SER A 14 -8.53 -11.06 -3.30
C SER A 14 -9.88 -10.72 -2.69
N LYS A 15 -9.87 -10.38 -1.40
CA LYS A 15 -11.10 -10.03 -0.70
C LYS A 15 -10.93 -8.73 0.09
N GLN A 16 -11.98 -7.91 0.11
CA GLN A 16 -11.93 -6.65 0.83
C GLN A 16 -11.67 -6.87 2.31
N SER A 17 -12.13 -8.00 2.83
CA SER A 17 -11.95 -8.33 4.24
C SER A 17 -10.47 -8.41 4.59
N GLU A 18 -9.64 -8.69 3.58
CA GLU A 18 -8.19 -8.80 3.78
C GLU A 18 -7.52 -7.44 3.62
N ALA A 19 -7.84 -6.74 2.55
CA ALA A 19 -7.27 -5.42 2.28
C ALA A 19 -7.67 -4.43 3.36
N LEU A 20 -8.96 -4.40 3.69
CA LEU A 20 -9.47 -3.49 4.70
C LEU A 20 -8.93 -3.85 6.08
N ALA A 21 -8.56 -5.11 6.26
CA ALA A 21 -8.02 -5.58 7.53
C ALA A 21 -6.63 -4.98 7.79
N ILE A 22 -6.06 -4.36 6.76
CA ILE A 22 -4.75 -3.74 6.89
C ILE A 22 -4.80 -2.50 7.76
N MET A 23 -5.95 -1.85 7.80
CA MET A 23 -6.14 -0.65 8.60
C MET A 23 -6.70 -1.00 9.97
N GLU A 24 -7.34 -2.16 10.07
CA GLU A 24 -7.92 -2.61 11.33
C GLU A 24 -6.91 -3.39 12.16
N LYS A 25 -6.18 -4.28 11.50
CA LYS A 25 -5.16 -5.09 12.18
C LYS A 25 -4.10 -4.21 12.82
N LEU A 26 -3.47 -3.37 12.01
CA LEU A 26 -2.42 -2.47 12.50
C LEU A 26 -2.95 -1.61 13.65
N LYS A 27 -4.26 -1.40 13.66
CA LYS A 27 -4.90 -0.58 14.70
C LYS A 27 -4.56 -1.12 16.09
N SER A 28 -4.26 -2.41 16.16
CA SER A 28 -3.93 -3.05 17.42
C SER A 28 -2.47 -2.78 17.80
N GLY A 29 -1.65 -2.50 16.80
CA GLY A 29 -0.24 -2.24 17.05
C GLY A 29 0.67 -3.22 16.35
N GLU A 30 0.27 -3.66 15.15
CA GLU A 30 1.05 -4.60 14.38
C GLU A 30 1.94 -3.88 13.37
N LYS A 31 2.52 -4.63 12.44
CA LYS A 31 3.39 -4.06 11.43
C LYS A 31 2.79 -4.23 10.03
N PHE A 32 2.79 -3.16 9.25
CA PHE A 32 2.25 -3.20 7.90
C PHE A 32 2.85 -4.36 7.10
N GLY A 33 4.17 -4.44 7.09
CA GLY A 33 4.83 -5.52 6.37
C GLY A 33 4.39 -6.89 6.82
N LYS A 34 3.97 -7.00 8.08
CA LYS A 34 3.52 -8.27 8.62
C LYS A 34 2.35 -8.83 7.81
N LEU A 35 1.65 -7.94 7.11
CA LEU A 35 0.52 -8.35 6.29
C LEU A 35 0.88 -8.30 4.80
N ALA A 36 1.83 -7.44 4.46
CA ALA A 36 2.27 -7.30 3.08
C ALA A 36 3.11 -8.50 2.64
N LYS A 37 3.65 -9.22 3.62
CA LYS A 37 4.47 -10.39 3.33
C LYS A 37 3.62 -11.65 3.23
N GLU A 38 2.30 -11.47 3.21
CA GLU A 38 1.38 -12.59 3.13
C GLU A 38 0.18 -12.23 2.25
N LEU A 39 -0.61 -11.27 2.69
CA LEU A 39 -1.79 -10.84 1.94
C LEU A 39 -1.41 -10.42 0.53
N SER A 40 -0.36 -9.61 0.41
CA SER A 40 0.11 -9.14 -0.88
C SER A 40 0.30 -10.31 -1.85
N ILE A 41 -0.65 -10.46 -2.77
CA ILE A 41 -0.58 -11.54 -3.75
C ILE A 41 0.47 -11.25 -4.82
N ASP A 42 0.85 -9.97 -4.94
CA ASP A 42 1.85 -9.56 -5.91
C ASP A 42 3.20 -10.19 -5.60
N SER A 43 3.62 -11.12 -6.46
CA SER A 43 4.90 -11.81 -6.27
C SER A 43 6.03 -10.80 -6.09
N GLY A 44 5.93 -9.67 -6.79
CA GLY A 44 6.96 -8.65 -6.68
C GLY A 44 6.63 -7.60 -5.64
N SER A 45 6.19 -8.05 -4.47
CA SER A 45 5.84 -7.15 -3.39
C SER A 45 5.91 -7.86 -2.04
N ALA A 46 5.44 -9.09 -2.01
CA ALA A 46 5.45 -9.89 -0.78
C ALA A 46 6.87 -10.17 -0.32
N LYS A 47 7.83 -9.93 -1.22
CA LYS A 47 9.24 -10.16 -0.89
C LYS A 47 9.86 -8.93 -0.24
N LYS A 48 9.21 -7.78 -0.42
CA LYS A 48 9.70 -6.54 0.16
C LYS A 48 8.68 -5.96 1.13
N ASN A 49 7.85 -6.83 1.71
CA ASN A 49 6.83 -6.39 2.66
C ASN A 49 5.96 -5.30 2.07
N GLY A 50 5.78 -5.34 0.74
CA GLY A 50 4.96 -4.34 0.08
C GLY A 50 5.55 -2.95 0.19
N ASN A 51 6.80 -2.87 0.61
CA ASN A 51 7.47 -1.58 0.76
C ASN A 51 8.24 -1.21 -0.51
N LEU A 52 7.62 -0.37 -1.33
CA LEU A 52 8.24 0.06 -2.57
C LEU A 52 9.13 1.28 -2.34
N GLY A 53 9.32 1.64 -1.08
CA GLY A 53 10.15 2.79 -0.74
C GLY A 53 9.62 4.08 -1.34
N TYR A 54 10.50 4.85 -1.97
CA TYR A 54 10.12 6.11 -2.58
C TYR A 54 9.65 5.91 -4.01
N PHE A 55 8.60 6.64 -4.39
CA PHE A 55 8.05 6.53 -5.74
C PHE A 55 7.65 7.91 -6.26
N THR A 56 7.12 7.94 -7.48
CA THR A 56 6.69 9.20 -8.10
C THR A 56 5.49 8.97 -9.01
N LYS A 57 5.02 10.05 -9.64
CA LYS A 57 3.88 9.97 -10.54
C LYS A 57 4.31 9.47 -11.91
N GLY A 58 3.97 8.20 -12.21
CA GLY A 58 4.32 7.62 -13.49
C GLY A 58 5.03 6.29 -13.34
N MET A 59 5.17 5.83 -12.11
CA MET A 59 5.83 4.56 -11.84
C MET A 59 4.82 3.50 -11.40
N MET A 60 3.55 3.89 -11.37
CA MET A 60 2.49 2.97 -10.97
C MET A 60 1.28 3.10 -11.90
N VAL A 61 0.17 2.47 -11.50
CA VAL A 61 -1.05 2.51 -12.30
C VAL A 61 -1.97 3.63 -11.85
N LYS A 62 -2.91 4.02 -12.71
CA LYS A 62 -3.86 5.07 -12.40
C LYS A 62 -4.55 4.81 -11.07
N PRO A 63 -5.24 3.66 -10.98
CA PRO A 63 -5.96 3.25 -9.77
C PRO A 63 -5.01 2.89 -8.63
N PHE A 64 -4.01 3.74 -8.41
CA PHE A 64 -3.04 3.49 -7.34
C PHE A 64 -2.22 4.75 -7.07
N GLU A 65 -1.50 5.22 -8.09
CA GLU A 65 -0.68 6.41 -7.96
C GLU A 65 -1.50 7.60 -7.46
N ASP A 66 -2.72 7.71 -7.96
CA ASP A 66 -3.61 8.80 -7.54
C ASP A 66 -3.74 8.85 -6.02
N ALA A 67 -4.19 7.75 -5.44
CA ALA A 67 -4.37 7.67 -3.99
C ALA A 67 -3.14 7.05 -3.32
N ALA A 68 -1.98 7.29 -3.92
CA ALA A 68 -0.73 6.76 -3.38
C ALA A 68 0.05 7.84 -2.63
N PHE A 69 -0.23 9.10 -2.96
CA PHE A 69 0.45 10.22 -2.32
C PHE A 69 -0.56 11.14 -1.65
N LYS A 70 -1.85 10.88 -1.89
CA LYS A 70 -2.91 11.69 -1.31
C LYS A 70 -3.06 11.41 0.19
N LEU A 71 -2.42 10.34 0.65
CA LEU A 71 -2.48 9.95 2.05
C LEU A 71 -1.56 10.83 2.90
N GLN A 72 -1.65 10.70 4.21
CA GLN A 72 -0.81 11.47 5.13
C GLN A 72 0.38 10.64 5.60
N VAL A 73 1.26 11.28 6.36
CA VAL A 73 2.44 10.62 6.88
C VAL A 73 2.06 9.49 7.83
N GLY A 74 1.99 8.27 7.30
CA GLY A 74 1.63 7.12 8.11
C GLY A 74 0.15 6.79 8.03
N GLU A 75 -0.48 7.20 6.95
CA GLU A 75 -1.91 6.95 6.76
C GLU A 75 -2.13 5.85 5.73
N VAL A 76 -3.14 5.02 5.97
CA VAL A 76 -3.46 3.92 5.06
C VAL A 76 -4.56 4.31 4.08
N SER A 77 -4.42 3.89 2.83
CA SER A 77 -5.40 4.20 1.80
C SER A 77 -6.50 3.16 1.76
N GLU A 78 -7.63 3.51 1.17
CA GLU A 78 -8.77 2.61 1.06
C GLU A 78 -8.48 1.48 0.07
N PRO A 79 -9.27 0.40 0.17
CA PRO A 79 -9.13 -0.76 -0.73
C PRO A 79 -9.54 -0.45 -2.16
N ILE A 80 -8.60 0.09 -2.93
CA ILE A 80 -8.87 0.44 -4.33
C ILE A 80 -8.89 -0.81 -5.21
N LYS A 81 -10.07 -1.17 -5.70
CA LYS A 81 -10.22 -2.34 -6.56
C LYS A 81 -9.68 -2.07 -7.95
N SER A 82 -8.62 -2.77 -8.32
CA SER A 82 -8.00 -2.60 -9.63
C SER A 82 -7.85 -3.94 -10.34
N GLU A 83 -7.19 -3.92 -11.50
CA GLU A 83 -6.98 -5.14 -12.27
C GLU A 83 -6.25 -6.19 -11.44
N PHE A 84 -5.44 -5.73 -10.50
CA PHE A 84 -4.68 -6.62 -9.64
C PHE A 84 -5.43 -6.93 -8.35
N GLY A 85 -6.38 -6.05 -8.01
CA GLY A 85 -7.16 -6.25 -6.80
C GLY A 85 -7.16 -5.02 -5.91
N TYR A 86 -7.44 -5.23 -4.62
CA TYR A 86 -7.48 -4.14 -3.66
C TYR A 86 -6.07 -3.68 -3.31
N HIS A 87 -5.80 -2.39 -3.54
CA HIS A 87 -4.49 -1.83 -3.24
C HIS A 87 -4.51 -1.07 -1.92
N ILE A 88 -3.60 -1.45 -1.01
CA ILE A 88 -3.52 -0.80 0.29
C ILE A 88 -2.23 0.02 0.41
N ILE A 89 -2.26 1.23 -0.12
CA ILE A 89 -1.10 2.11 -0.07
C ILE A 89 -0.98 2.78 1.31
N LYS A 90 0.22 2.75 1.86
CA LYS A 90 0.47 3.36 3.17
C LYS A 90 1.78 4.14 3.16
N ARG A 91 1.67 5.45 3.37
CA ARG A 91 2.84 6.31 3.39
C ARG A 91 3.66 6.10 4.66
N PHE A 92 4.98 6.26 4.56
CA PHE A 92 5.86 6.08 5.69
C PHE A 92 6.77 7.31 5.87
N GLY A 93 7.14 7.92 4.77
CA GLY A 93 8.00 9.10 4.81
C GLY A 93 9.25 8.86 5.64
N GLY A 1 10.44 21.38 3.34
CA GLY A 1 9.90 21.76 2.05
C GLY A 1 9.29 20.60 1.30
N PRO A 2 8.72 20.87 0.12
CA PRO A 2 8.09 19.84 -0.72
C PRO A 2 9.10 18.88 -1.32
N SER A 3 8.61 17.92 -2.10
CA SER A 3 9.47 16.93 -2.74
C SER A 3 8.81 16.36 -3.98
N ASN A 4 9.54 15.48 -4.67
CA ASN A 4 9.03 14.86 -5.89
C ASN A 4 8.59 13.42 -5.62
N LYS A 5 9.22 12.79 -4.63
CA LYS A 5 8.90 11.41 -4.27
C LYS A 5 8.59 11.30 -2.78
N ILE A 6 7.93 10.21 -2.40
CA ILE A 6 7.58 9.98 -1.00
C ILE A 6 7.51 8.48 -0.69
N LYS A 7 7.80 8.13 0.55
CA LYS A 7 7.78 6.74 0.98
C LYS A 7 6.34 6.22 1.05
N CYS A 8 6.16 4.95 0.72
CA CYS A 8 4.84 4.33 0.74
C CYS A 8 4.93 2.85 0.41
N SER A 9 3.89 2.10 0.80
CA SER A 9 3.85 0.66 0.55
C SER A 9 2.64 0.29 -0.28
N HIS A 10 2.36 -1.01 -0.37
CA HIS A 10 1.22 -1.50 -1.14
C HIS A 10 0.96 -2.97 -0.83
N ILE A 11 -0.32 -3.36 -0.87
CA ILE A 11 -0.70 -4.74 -0.60
C ILE A 11 -1.91 -5.14 -1.44
N LEU A 12 -1.74 -6.19 -2.24
CA LEU A 12 -2.83 -6.69 -3.09
C LEU A 12 -3.48 -7.92 -2.48
N VAL A 13 -4.81 -7.94 -2.48
CA VAL A 13 -5.56 -9.06 -1.93
C VAL A 13 -6.69 -9.48 -2.86
N SER A 14 -7.47 -10.46 -2.43
CA SER A 14 -8.59 -10.96 -3.23
C SER A 14 -9.90 -10.85 -2.47
N LYS A 15 -9.90 -10.02 -1.43
CA LYS A 15 -11.09 -9.83 -0.61
C LYS A 15 -11.12 -8.42 -0.02
N GLN A 16 -12.31 -7.95 0.32
CA GLN A 16 -12.48 -6.61 0.89
C GLN A 16 -12.00 -6.59 2.34
N SER A 17 -12.29 -7.66 3.08
CA SER A 17 -11.90 -7.75 4.47
C SER A 17 -10.39 -7.99 4.60
N GLU A 18 -9.78 -8.47 3.52
CA GLU A 18 -8.35 -8.75 3.51
C GLU A 18 -7.56 -7.46 3.34
N ALA A 19 -8.07 -6.56 2.50
CA ALA A 19 -7.41 -5.28 2.25
C ALA A 19 -7.84 -4.23 3.26
N LEU A 20 -9.11 -4.27 3.64
CA LEU A 20 -9.66 -3.31 4.60
C LEU A 20 -9.19 -3.64 6.03
N ALA A 21 -8.52 -4.78 6.16
CA ALA A 21 -8.02 -5.21 7.47
C ALA A 21 -6.72 -4.49 7.82
N ILE A 22 -6.05 -3.96 6.80
CA ILE A 22 -4.80 -3.24 7.00
C ILE A 22 -5.02 -1.98 7.83
N MET A 23 -6.21 -1.40 7.73
CA MET A 23 -6.56 -0.19 8.46
C MET A 23 -7.16 -0.53 9.81
N GLU A 24 -7.13 -1.82 10.17
CA GLU A 24 -7.69 -2.27 11.44
C GLU A 24 -6.62 -2.98 12.28
N LYS A 25 -6.00 -4.00 11.68
CA LYS A 25 -4.96 -4.77 12.38
C LYS A 25 -3.82 -3.85 12.81
N LEU A 26 -3.31 -3.06 11.87
CA LEU A 26 -2.21 -2.14 12.16
C LEU A 26 -2.66 -1.06 13.16
N LYS A 27 -3.96 -0.81 13.21
CA LYS A 27 -4.51 0.18 14.13
C LYS A 27 -4.09 -0.10 15.57
N SER A 28 -3.84 -1.37 15.86
CA SER A 28 -3.44 -1.78 17.21
C SER A 28 -1.97 -1.45 17.45
N GLY A 29 -1.20 -1.38 16.37
CA GLY A 29 0.22 -1.07 16.49
C GLY A 29 1.09 -2.18 15.94
N GLU A 30 0.60 -2.88 14.92
CA GLU A 30 1.35 -3.97 14.30
C GLU A 30 2.28 -3.45 13.21
N LYS A 31 2.82 -4.36 12.42
CA LYS A 31 3.72 -4.00 11.33
C LYS A 31 3.05 -4.19 9.98
N PHE A 32 3.05 -3.13 9.18
CA PHE A 32 2.44 -3.18 7.85
C PHE A 32 2.98 -4.36 7.05
N GLY A 33 4.29 -4.53 7.06
CA GLY A 33 4.91 -5.61 6.32
C GLY A 33 4.42 -6.97 6.79
N LYS A 34 4.02 -7.05 8.06
CA LYS A 34 3.53 -8.31 8.62
C LYS A 34 2.36 -8.84 7.82
N LEU A 35 1.66 -7.95 7.13
CA LEU A 35 0.52 -8.34 6.32
C LEU A 35 0.86 -8.28 4.83
N ALA A 36 1.88 -7.50 4.50
CA ALA A 36 2.31 -7.36 3.11
C ALA A 36 3.10 -8.58 2.66
N LYS A 37 3.65 -9.32 3.62
CA LYS A 37 4.43 -10.52 3.32
C LYS A 37 3.53 -11.75 3.22
N GLU A 38 2.22 -11.52 3.27
CA GLU A 38 1.26 -12.61 3.19
C GLU A 38 0.06 -12.21 2.32
N LEU A 39 -0.66 -11.20 2.75
CA LEU A 39 -1.83 -10.71 2.02
C LEU A 39 -1.46 -10.33 0.59
N SER A 40 -0.39 -9.55 0.45
CA SER A 40 0.07 -9.11 -0.86
C SER A 40 0.24 -10.29 -1.79
N ILE A 41 -0.70 -10.47 -2.70
CA ILE A 41 -0.66 -11.55 -3.66
C ILE A 41 0.39 -11.30 -4.74
N ASP A 42 0.77 -10.03 -4.90
CA ASP A 42 1.77 -9.66 -5.89
C ASP A 42 3.12 -10.30 -5.57
N SER A 43 3.51 -11.28 -6.38
CA SER A 43 4.77 -11.97 -6.18
C SER A 43 5.92 -10.98 -6.06
N GLY A 44 5.81 -9.86 -6.78
CA GLY A 44 6.85 -8.84 -6.74
C GLY A 44 6.59 -7.79 -5.69
N SER A 45 6.22 -8.22 -4.50
CA SER A 45 5.93 -7.30 -3.40
C SER A 45 6.01 -8.02 -2.05
N ALA A 46 5.43 -9.20 -1.98
CA ALA A 46 5.44 -9.99 -0.76
C ALA A 46 6.87 -10.26 -0.28
N LYS A 47 7.82 -10.14 -1.21
CA LYS A 47 9.22 -10.37 -0.89
C LYS A 47 9.84 -9.14 -0.24
N LYS A 48 9.24 -7.98 -0.48
CA LYS A 48 9.73 -6.73 0.09
C LYS A 48 8.67 -6.09 1.00
N ASN A 49 7.83 -6.93 1.58
CA ASN A 49 6.78 -6.45 2.47
C ASN A 49 5.97 -5.34 1.82
N GLY A 50 5.85 -5.41 0.48
CA GLY A 50 5.10 -4.41 -0.24
C GLY A 50 5.62 -3.00 -0.01
N ASN A 51 6.86 -2.91 0.45
CA ASN A 51 7.49 -1.61 0.72
C ASN A 51 8.30 -1.14 -0.48
N LEU A 52 7.63 -0.53 -1.45
CA LEU A 52 8.28 -0.03 -2.66
C LEU A 52 9.18 1.15 -2.32
N GLY A 53 9.01 1.69 -1.12
CA GLY A 53 9.83 2.83 -0.70
C GLY A 53 9.37 4.13 -1.33
N TYR A 54 10.31 4.88 -1.90
CA TYR A 54 9.99 6.15 -2.54
C TYR A 54 9.55 5.95 -3.97
N PHE A 55 8.50 6.68 -4.37
CA PHE A 55 7.97 6.57 -5.73
C PHE A 55 7.60 7.95 -6.27
N THR A 56 7.09 7.98 -7.49
CA THR A 56 6.69 9.24 -8.13
C THR A 56 5.49 9.04 -9.04
N LYS A 57 5.06 10.11 -9.70
CA LYS A 57 3.92 10.05 -10.60
C LYS A 57 4.34 9.52 -11.97
N GLY A 58 3.93 8.29 -12.27
CA GLY A 58 4.27 7.70 -13.55
C GLY A 58 4.98 6.37 -13.40
N MET A 59 5.06 5.88 -12.17
CA MET A 59 5.72 4.61 -11.88
C MET A 59 4.72 3.56 -11.44
N MET A 60 3.44 3.94 -11.41
CA MET A 60 2.38 3.02 -11.00
C MET A 60 1.17 3.13 -11.93
N VAL A 61 0.07 2.52 -11.53
CA VAL A 61 -1.16 2.56 -12.33
C VAL A 61 -2.09 3.66 -11.85
N LYS A 62 -3.13 3.92 -12.62
CA LYS A 62 -4.10 4.96 -12.28
C LYS A 62 -4.72 4.69 -10.92
N PRO A 63 -5.38 3.53 -10.78
CA PRO A 63 -6.03 3.13 -9.53
C PRO A 63 -5.02 2.80 -8.43
N PHE A 64 -4.03 3.67 -8.26
CA PHE A 64 -3.01 3.47 -7.25
C PHE A 64 -2.19 4.74 -7.05
N GLU A 65 -1.54 5.19 -8.11
CA GLU A 65 -0.72 6.40 -8.05
C GLU A 65 -1.51 7.56 -7.45
N ASP A 66 -2.71 7.79 -7.97
CA ASP A 66 -3.57 8.87 -7.50
C ASP A 66 -3.83 8.73 -6.00
N ALA A 67 -4.00 7.48 -5.55
CA ALA A 67 -4.27 7.21 -4.14
C ALA A 67 -3.02 6.65 -3.45
N ALA A 68 -1.86 7.14 -3.86
CA ALA A 68 -0.60 6.70 -3.28
C ALA A 68 0.12 7.85 -2.59
N PHE A 69 -0.21 9.07 -2.97
CA PHE A 69 0.41 10.26 -2.38
C PHE A 69 -0.64 11.16 -1.75
N LYS A 70 -1.89 10.72 -1.79
CA LYS A 70 -3.00 11.48 -1.22
C LYS A 70 -3.26 11.05 0.22
N LEU A 71 -2.31 10.32 0.80
CA LEU A 71 -2.44 9.86 2.18
C LEU A 71 -1.59 10.70 3.12
N GLN A 72 -1.79 10.51 4.43
CA GLN A 72 -1.05 11.25 5.43
C GLN A 72 0.19 10.47 5.88
N VAL A 73 1.08 11.14 6.60
CA VAL A 73 2.30 10.51 7.09
C VAL A 73 1.99 9.36 8.04
N GLY A 74 2.01 8.14 7.51
CA GLY A 74 1.73 6.98 8.33
C GLY A 74 0.27 6.59 8.31
N GLU A 75 -0.42 6.98 7.23
CA GLU A 75 -1.84 6.67 7.09
C GLU A 75 -2.07 5.65 5.99
N VAL A 76 -3.06 4.79 6.17
CA VAL A 76 -3.39 3.75 5.20
C VAL A 76 -4.49 4.21 4.26
N SER A 77 -4.37 3.85 2.98
CA SER A 77 -5.35 4.24 1.98
C SER A 77 -6.54 3.28 2.00
N GLU A 78 -7.41 3.40 1.00
CA GLU A 78 -8.58 2.53 0.90
C GLU A 78 -8.35 1.40 -0.08
N PRO A 79 -9.18 0.35 0.01
CA PRO A 79 -9.08 -0.82 -0.87
C PRO A 79 -9.49 -0.50 -2.30
N ILE A 80 -8.55 0.03 -3.07
CA ILE A 80 -8.80 0.38 -4.47
C ILE A 80 -8.84 -0.87 -5.34
N LYS A 81 -10.03 -1.21 -5.83
CA LYS A 81 -10.22 -2.37 -6.69
C LYS A 81 -9.68 -2.11 -8.09
N SER A 82 -8.62 -2.80 -8.46
CA SER A 82 -8.02 -2.65 -9.78
C SER A 82 -7.80 -4.00 -10.45
N GLU A 83 -7.13 -3.98 -11.61
CA GLU A 83 -6.86 -5.20 -12.34
C GLU A 83 -6.10 -6.21 -11.48
N PHE A 84 -5.38 -5.69 -10.48
CA PHE A 84 -4.61 -6.55 -9.58
C PHE A 84 -5.41 -6.85 -8.31
N GLY A 85 -6.38 -6.00 -8.02
CA GLY A 85 -7.20 -6.19 -6.83
C GLY A 85 -7.20 -4.97 -5.92
N TYR A 86 -7.44 -5.19 -4.64
CA TYR A 86 -7.48 -4.11 -3.67
C TYR A 86 -6.08 -3.64 -3.32
N HIS A 87 -5.79 -2.37 -3.58
CA HIS A 87 -4.48 -1.81 -3.28
C HIS A 87 -4.50 -1.04 -1.95
N ILE A 88 -3.60 -1.41 -1.05
CA ILE A 88 -3.52 -0.76 0.26
C ILE A 88 -2.22 0.02 0.40
N ILE A 89 -2.23 1.25 -0.08
CA ILE A 89 -1.05 2.11 -0.01
C ILE A 89 -0.95 2.78 1.36
N LYS A 90 0.24 2.75 1.95
CA LYS A 90 0.47 3.34 3.25
C LYS A 90 1.76 4.15 3.25
N ARG A 91 1.66 5.45 3.49
CA ARG A 91 2.82 6.33 3.53
C ARG A 91 3.62 6.12 4.80
N PHE A 92 4.93 6.33 4.71
CA PHE A 92 5.82 6.16 5.86
C PHE A 92 6.74 7.37 6.01
N GLY A 93 7.15 7.95 4.89
CA GLY A 93 8.02 9.10 4.93
C GLY A 93 9.24 8.88 5.80
N GLY A 1 6.89 20.96 2.15
CA GLY A 1 8.03 20.39 1.46
C GLY A 1 7.64 19.36 0.42
N PRO A 2 7.04 19.84 -0.68
CA PRO A 2 6.59 18.97 -1.77
C PRO A 2 7.77 18.39 -2.56
N SER A 3 8.10 17.14 -2.27
CA SER A 3 9.21 16.47 -2.94
C SER A 3 8.71 15.73 -4.19
N ASN A 4 9.65 15.31 -5.02
CA ASN A 4 9.33 14.60 -6.26
C ASN A 4 8.92 13.17 -5.97
N LYS A 5 9.41 12.63 -4.86
CA LYS A 5 9.10 11.27 -4.46
C LYS A 5 8.76 11.19 -2.97
N ILE A 6 8.08 10.13 -2.57
CA ILE A 6 7.69 9.94 -1.17
C ILE A 6 7.62 8.46 -0.83
N LYS A 7 7.88 8.14 0.44
CA LYS A 7 7.84 6.76 0.91
C LYS A 7 6.40 6.26 1.01
N CYS A 8 6.19 4.99 0.71
CA CYS A 8 4.86 4.39 0.77
C CYS A 8 4.93 2.89 0.47
N SER A 9 3.88 2.17 0.88
CA SER A 9 3.82 0.73 0.66
C SER A 9 2.61 0.36 -0.18
N HIS A 10 2.31 -0.93 -0.26
CA HIS A 10 1.17 -1.41 -1.02
C HIS A 10 0.93 -2.90 -0.76
N ILE A 11 -0.34 -3.30 -0.80
CA ILE A 11 -0.70 -4.70 -0.56
C ILE A 11 -1.90 -5.10 -1.42
N LEU A 12 -1.72 -6.16 -2.21
CA LEU A 12 -2.78 -6.65 -3.08
C LEU A 12 -3.42 -7.90 -2.49
N VAL A 13 -4.76 -7.93 -2.51
CA VAL A 13 -5.50 -9.07 -1.98
C VAL A 13 -6.58 -9.53 -2.95
N SER A 14 -7.38 -10.49 -2.53
CA SER A 14 -8.46 -11.02 -3.37
C SER A 14 -9.81 -10.59 -2.84
N LYS A 15 -9.87 -10.27 -1.54
CA LYS A 15 -11.12 -9.84 -0.92
C LYS A 15 -10.87 -8.64 -0.01
N GLN A 16 -11.87 -7.77 0.09
CA GLN A 16 -11.77 -6.58 0.92
C GLN A 16 -11.57 -6.95 2.38
N SER A 17 -12.04 -8.12 2.76
CA SER A 17 -11.91 -8.61 4.14
C SER A 17 -10.45 -8.68 4.54
N GLU A 18 -9.56 -8.75 3.56
CA GLU A 18 -8.13 -8.83 3.81
C GLU A 18 -7.47 -7.46 3.65
N ALA A 19 -7.79 -6.78 2.55
CA ALA A 19 -7.23 -5.46 2.28
C ALA A 19 -7.64 -4.46 3.36
N LEU A 20 -8.94 -4.44 3.68
CA LEU A 20 -9.45 -3.53 4.69
C LEU A 20 -8.94 -3.90 6.07
N ALA A 21 -8.36 -5.09 6.19
CA ALA A 21 -7.83 -5.56 7.45
C ALA A 21 -6.49 -4.91 7.77
N ILE A 22 -5.97 -4.16 6.81
CA ILE A 22 -4.69 -3.48 6.98
C ILE A 22 -4.85 -2.22 7.83
N MET A 23 -6.07 -1.71 7.90
CA MET A 23 -6.37 -0.51 8.68
C MET A 23 -7.00 -0.87 10.01
N GLU A 24 -7.17 -2.17 10.26
CA GLU A 24 -7.76 -2.64 11.51
C GLU A 24 -6.78 -3.53 12.27
N LYS A 25 -5.95 -4.24 11.52
CA LYS A 25 -4.96 -5.14 12.12
C LYS A 25 -3.94 -4.36 12.94
N LEU A 26 -3.29 -3.40 12.29
CA LEU A 26 -2.29 -2.57 12.96
C LEU A 26 -2.88 -1.86 14.17
N LYS A 27 -4.19 -1.68 14.15
CA LYS A 27 -4.89 -1.03 15.26
C LYS A 27 -4.56 -1.69 16.59
N SER A 28 -4.25 -2.98 16.53
CA SER A 28 -3.91 -3.74 17.74
C SER A 28 -2.45 -3.54 18.12
N GLY A 29 -1.60 -3.29 17.11
CA GLY A 29 -0.20 -3.08 17.36
C GLY A 29 0.68 -3.98 16.50
N GLU A 30 0.25 -4.23 15.27
CA GLU A 30 0.99 -5.08 14.36
C GLU A 30 1.86 -4.23 13.42
N LYS A 31 2.40 -4.88 12.39
CA LYS A 31 3.24 -4.19 11.41
C LYS A 31 2.70 -4.36 10.00
N PHE A 32 2.73 -3.28 9.23
CA PHE A 32 2.24 -3.31 7.85
C PHE A 32 2.88 -4.45 7.07
N GLY A 33 4.20 -4.54 7.15
CA GLY A 33 4.93 -5.58 6.44
C GLY A 33 4.46 -6.97 6.84
N LYS A 34 4.09 -7.14 8.10
CA LYS A 34 3.63 -8.42 8.60
C LYS A 34 2.43 -8.92 7.79
N LEU A 35 1.72 -7.99 7.17
CA LEU A 35 0.55 -8.34 6.37
C LEU A 35 0.87 -8.26 4.87
N ALA A 36 1.91 -7.50 4.54
CA ALA A 36 2.32 -7.35 3.15
C ALA A 36 3.10 -8.56 2.68
N LYS A 37 3.65 -9.32 3.63
CA LYS A 37 4.42 -10.51 3.30
C LYS A 37 3.52 -11.74 3.24
N GLU A 38 2.21 -11.52 3.29
CA GLU A 38 1.25 -12.61 3.23
C GLU A 38 0.05 -12.24 2.36
N LEU A 39 -0.62 -11.15 2.72
CA LEU A 39 -1.78 -10.68 1.97
C LEU A 39 -1.39 -10.28 0.56
N SER A 40 -0.35 -9.46 0.44
CA SER A 40 0.12 -9.01 -0.85
C SER A 40 0.35 -10.18 -1.79
N ILE A 41 -0.58 -10.38 -2.73
CA ILE A 41 -0.49 -11.46 -3.68
C ILE A 41 0.59 -11.18 -4.73
N ASP A 42 0.91 -9.89 -4.91
CA ASP A 42 1.92 -9.49 -5.88
C ASP A 42 3.27 -10.13 -5.56
N SER A 43 3.68 -11.08 -6.39
CA SER A 43 4.95 -11.77 -6.19
C SER A 43 6.09 -10.78 -6.01
N GLY A 44 6.01 -9.67 -6.73
CA GLY A 44 7.04 -8.65 -6.64
C GLY A 44 6.72 -7.59 -5.60
N SER A 45 6.32 -8.04 -4.41
CA SER A 45 5.99 -7.12 -3.33
C SER A 45 6.03 -7.83 -1.98
N ALA A 46 5.50 -9.05 -1.95
CA ALA A 46 5.48 -9.84 -0.73
C ALA A 46 6.89 -10.13 -0.23
N LYS A 47 7.87 -9.94 -1.10
CA LYS A 47 9.26 -10.17 -0.75
C LYS A 47 9.88 -8.94 -0.08
N LYS A 48 9.26 -7.79 -0.33
CA LYS A 48 9.74 -6.53 0.25
C LYS A 48 8.70 -5.93 1.19
N ASN A 49 7.87 -6.80 1.77
CA ASN A 49 6.82 -6.35 2.68
C ASN A 49 5.98 -5.25 2.06
N GLY A 50 5.82 -5.32 0.73
CA GLY A 50 5.03 -4.33 0.03
C GLY A 50 5.58 -2.93 0.20
N ASN A 51 6.83 -2.82 0.63
CA ASN A 51 7.47 -1.53 0.84
C ASN A 51 8.26 -1.11 -0.39
N LEU A 52 7.57 -0.53 -1.38
CA LEU A 52 8.20 -0.09 -2.61
C LEU A 52 9.15 1.08 -2.35
N GLY A 53 9.05 1.66 -1.15
CA GLY A 53 9.90 2.76 -0.79
C GLY A 53 9.46 4.07 -1.42
N TYR A 54 10.39 4.77 -2.05
CA TYR A 54 10.08 6.04 -2.69
C TYR A 54 9.61 5.83 -4.12
N PHE A 55 8.54 6.54 -4.50
CA PHE A 55 7.99 6.43 -5.84
C PHE A 55 7.59 7.80 -6.39
N THR A 56 7.11 7.82 -7.63
CA THR A 56 6.70 9.08 -8.26
C THR A 56 5.45 8.87 -9.11
N LYS A 57 4.93 9.96 -9.65
CA LYS A 57 3.74 9.90 -10.49
C LYS A 57 4.07 9.38 -11.88
N GLY A 58 3.82 8.09 -12.10
CA GLY A 58 4.09 7.49 -13.39
C GLY A 58 4.75 6.13 -13.27
N MET A 59 5.13 5.76 -12.04
CA MET A 59 5.77 4.48 -11.79
C MET A 59 4.74 3.44 -11.36
N MET A 60 3.48 3.84 -11.34
CA MET A 60 2.40 2.93 -10.94
C MET A 60 1.20 3.08 -11.87
N VAL A 61 0.08 2.49 -11.47
CA VAL A 61 -1.14 2.56 -12.27
C VAL A 61 -2.04 3.69 -11.81
N LYS A 62 -3.07 3.99 -12.59
CA LYS A 62 -4.01 5.07 -12.26
C LYS A 62 -4.66 4.82 -10.90
N PRO A 63 -5.35 3.68 -10.77
CA PRO A 63 -6.03 3.30 -9.53
C PRO A 63 -5.05 2.95 -8.42
N PHE A 64 -4.03 3.79 -8.25
CA PHE A 64 -3.03 3.57 -7.21
C PHE A 64 -2.19 4.82 -6.99
N GLU A 65 -1.48 5.25 -8.02
CA GLU A 65 -0.64 6.44 -7.95
C GLU A 65 -1.44 7.63 -7.43
N ASP A 66 -2.67 7.77 -7.92
CA ASP A 66 -3.54 8.86 -7.51
C ASP A 66 -3.72 8.87 -6.00
N ALA A 67 -4.16 7.75 -5.45
CA ALA A 67 -4.37 7.63 -4.01
C ALA A 67 -3.16 7.04 -3.32
N ALA A 68 -1.97 7.33 -3.86
CA ALA A 68 -0.73 6.82 -3.29
C ALA A 68 0.01 7.91 -2.52
N PHE A 69 -0.24 9.15 -2.90
CA PHE A 69 0.41 10.29 -2.25
C PHE A 69 -0.62 11.17 -1.55
N LYS A 70 -1.89 10.89 -1.78
CA LYS A 70 -2.97 11.65 -1.16
C LYS A 70 -3.10 11.31 0.32
N LEU A 71 -2.42 10.26 0.74
CA LEU A 71 -2.46 9.84 2.14
C LEU A 71 -1.55 10.72 3.00
N GLN A 72 -1.66 10.56 4.31
CA GLN A 72 -0.85 11.33 5.25
C GLN A 72 0.31 10.50 5.78
N VAL A 73 1.23 11.16 6.49
CA VAL A 73 2.39 10.48 7.06
C VAL A 73 1.96 9.35 8.00
N GLY A 74 2.05 8.12 7.50
CA GLY A 74 1.67 6.98 8.31
C GLY A 74 0.19 6.67 8.23
N GLU A 75 -0.45 7.11 7.14
CA GLU A 75 -1.88 6.88 6.95
C GLU A 75 -2.12 5.80 5.91
N VAL A 76 -3.09 4.94 6.17
CA VAL A 76 -3.44 3.86 5.26
C VAL A 76 -4.53 4.27 4.29
N SER A 77 -4.39 3.85 3.03
CA SER A 77 -5.37 4.18 2.00
C SER A 77 -6.55 3.23 2.05
N GLU A 78 -7.37 3.25 1.00
CA GLU A 78 -8.54 2.39 0.93
C GLU A 78 -8.33 1.26 -0.09
N PRO A 79 -9.16 0.22 0.01
CA PRO A 79 -9.08 -0.94 -0.89
C PRO A 79 -9.51 -0.60 -2.32
N ILE A 80 -8.58 -0.06 -3.10
CA ILE A 80 -8.86 0.31 -4.47
C ILE A 80 -8.89 -0.92 -5.38
N LYS A 81 -10.10 -1.25 -5.86
CA LYS A 81 -10.27 -2.41 -6.74
C LYS A 81 -9.72 -2.12 -8.13
N SER A 82 -8.66 -2.83 -8.49
CA SER A 82 -8.03 -2.67 -9.80
C SER A 82 -7.78 -4.01 -10.47
N GLU A 83 -7.11 -3.98 -11.61
CA GLU A 83 -6.80 -5.20 -12.35
C GLU A 83 -6.05 -6.18 -11.48
N PHE A 84 -5.33 -5.66 -10.48
CA PHE A 84 -4.56 -6.51 -9.58
C PHE A 84 -5.35 -6.81 -8.31
N GLY A 85 -6.39 -6.03 -8.07
CA GLY A 85 -7.21 -6.22 -6.89
C GLY A 85 -7.25 -5.00 -6.00
N TYR A 86 -7.46 -5.23 -4.70
CA TYR A 86 -7.51 -4.14 -3.73
C TYR A 86 -6.12 -3.65 -3.39
N HIS A 87 -5.86 -2.37 -3.62
CA HIS A 87 -4.55 -1.78 -3.32
C HIS A 87 -4.59 -1.03 -2.00
N ILE A 88 -3.70 -1.39 -1.09
CA ILE A 88 -3.63 -0.75 0.22
C ILE A 88 -2.32 0.00 0.39
N ILE A 89 -2.29 1.26 -0.05
CA ILE A 89 -1.10 2.09 0.05
C ILE A 89 -0.98 2.71 1.44
N LYS A 90 0.23 2.77 1.95
CA LYS A 90 0.48 3.35 3.27
C LYS A 90 1.77 4.16 3.28
N ARG A 91 1.65 5.47 3.55
CA ARG A 91 2.80 6.35 3.58
C ARG A 91 3.69 6.03 4.79
N PHE A 92 5.00 6.14 4.59
CA PHE A 92 5.97 5.86 5.65
C PHE A 92 6.78 7.11 5.99
N GLY A 93 7.01 7.94 4.98
CA GLY A 93 7.78 9.16 5.18
C GLY A 93 7.24 10.00 6.32
N GLY A 1 12.27 21.55 0.93
CA GLY A 1 11.03 20.79 1.00
C GLY A 1 10.55 20.33 -0.37
N PRO A 2 11.31 19.41 -0.98
CA PRO A 2 10.97 18.87 -2.31
C PRO A 2 9.73 17.98 -2.27
N SER A 3 8.98 17.97 -3.38
CA SER A 3 7.77 17.18 -3.47
C SER A 3 7.78 16.32 -4.74
N ASN A 4 8.86 15.59 -4.94
CA ASN A 4 9.00 14.72 -6.12
C ASN A 4 8.56 13.30 -5.80
N LYS A 5 9.27 12.66 -4.87
CA LYS A 5 8.95 11.30 -4.47
C LYS A 5 8.67 11.21 -2.97
N ILE A 6 8.01 10.14 -2.56
CA ILE A 6 7.68 9.94 -1.16
C ILE A 6 7.62 8.45 -0.81
N LYS A 7 7.85 8.14 0.46
CA LYS A 7 7.81 6.76 0.93
C LYS A 7 6.37 6.26 1.04
N CYS A 8 6.17 4.99 0.72
CA CYS A 8 4.84 4.38 0.79
C CYS A 8 4.90 2.89 0.49
N SER A 9 3.86 2.16 0.89
CA SER A 9 3.80 0.72 0.66
C SER A 9 2.60 0.35 -0.19
N HIS A 10 2.31 -0.94 -0.27
CA HIS A 10 1.18 -1.43 -1.05
C HIS A 10 0.92 -2.90 -0.78
N ILE A 11 -0.34 -3.31 -0.84
CA ILE A 11 -0.71 -4.70 -0.61
C ILE A 11 -1.90 -5.10 -1.47
N LEU A 12 -1.72 -6.18 -2.24
CA LEU A 12 -2.77 -6.67 -3.12
C LEU A 12 -3.42 -7.92 -2.53
N VAL A 13 -4.75 -7.96 -2.55
CA VAL A 13 -5.50 -9.10 -2.03
C VAL A 13 -6.58 -9.54 -3.00
N SER A 14 -7.39 -10.51 -2.58
CA SER A 14 -8.46 -11.02 -3.42
C SER A 14 -9.83 -10.66 -2.84
N LYS A 15 -9.85 -10.34 -1.55
CA LYS A 15 -11.08 -9.97 -0.87
C LYS A 15 -10.87 -8.78 0.05
N GLN A 16 -11.89 -7.94 0.19
CA GLN A 16 -11.80 -6.77 1.04
C GLN A 16 -11.51 -7.16 2.49
N SER A 17 -11.89 -8.38 2.85
CA SER A 17 -11.67 -8.88 4.20
C SER A 17 -10.18 -8.87 4.55
N GLU A 18 -9.34 -8.88 3.51
CA GLU A 18 -7.90 -8.87 3.71
C GLU A 18 -7.32 -7.47 3.56
N ALA A 19 -7.73 -6.79 2.49
CA ALA A 19 -7.27 -5.43 2.23
C ALA A 19 -7.72 -4.47 3.33
N LEU A 20 -9.00 -4.48 3.63
CA LEU A 20 -9.56 -3.61 4.67
C LEU A 20 -9.05 -4.01 6.05
N ALA A 21 -8.47 -5.21 6.13
CA ALA A 21 -7.93 -5.71 7.39
C ALA A 21 -6.62 -5.01 7.74
N ILE A 22 -6.07 -4.26 6.78
CA ILE A 22 -4.82 -3.55 6.99
C ILE A 22 -5.01 -2.36 7.93
N MET A 23 -6.24 -1.84 7.96
CA MET A 23 -6.56 -0.70 8.82
C MET A 23 -7.08 -1.18 10.18
N GLU A 24 -7.56 -2.42 10.23
CA GLU A 24 -8.08 -2.99 11.46
C GLU A 24 -6.99 -3.71 12.24
N LYS A 25 -6.23 -4.54 11.52
CA LYS A 25 -5.14 -5.30 12.14
C LYS A 25 -4.10 -4.36 12.74
N LEU A 26 -3.53 -3.50 11.91
CA LEU A 26 -2.53 -2.56 12.36
C LEU A 26 -3.06 -1.68 13.49
N LYS A 27 -4.37 -1.56 13.56
CA LYS A 27 -5.01 -0.77 14.60
C LYS A 27 -4.59 -1.24 15.99
N SER A 28 -4.22 -2.51 16.09
CA SER A 28 -3.79 -3.09 17.35
C SER A 28 -2.34 -2.74 17.66
N GLY A 29 -1.59 -2.44 16.61
CA GLY A 29 -0.19 -2.09 16.78
C GLY A 29 0.75 -3.04 16.06
N GLU A 30 0.21 -3.72 15.05
CA GLU A 30 1.00 -4.68 14.27
C GLU A 30 1.92 -3.95 13.29
N LYS A 31 2.50 -4.71 12.38
CA LYS A 31 3.41 -4.15 11.38
C LYS A 31 2.85 -4.33 9.97
N PHE A 32 2.89 -3.25 9.18
CA PHE A 32 2.38 -3.30 7.81
C PHE A 32 3.02 -4.45 7.03
N GLY A 33 4.34 -4.59 7.16
CA GLY A 33 5.05 -5.64 6.47
C GLY A 33 4.52 -7.02 6.81
N LYS A 34 4.19 -7.22 8.08
CA LYS A 34 3.66 -8.51 8.54
C LYS A 34 2.42 -8.90 7.75
N LEU A 35 1.74 -7.90 7.19
CA LEU A 35 0.53 -8.14 6.41
C LEU A 35 0.84 -8.14 4.92
N ALA A 36 1.86 -7.38 4.53
CA ALA A 36 2.25 -7.28 3.13
C ALA A 36 3.04 -8.52 2.71
N LYS A 37 3.60 -9.22 3.69
CA LYS A 37 4.39 -10.42 3.42
C LYS A 37 3.48 -11.64 3.29
N GLU A 38 2.18 -11.43 3.37
CA GLU A 38 1.21 -12.51 3.26
C GLU A 38 0.03 -12.11 2.38
N LEU A 39 -0.68 -11.06 2.78
CA LEU A 39 -1.82 -10.58 2.03
C LEU A 39 -1.42 -10.23 0.59
N SER A 40 -0.36 -9.43 0.46
CA SER A 40 0.12 -9.02 -0.86
C SER A 40 0.33 -10.24 -1.76
N ILE A 41 -0.59 -10.43 -2.70
CA ILE A 41 -0.51 -11.56 -3.63
C ILE A 41 0.52 -11.29 -4.72
N ASP A 42 0.81 -10.01 -4.96
CA ASP A 42 1.77 -9.62 -5.97
C ASP A 42 3.15 -10.22 -5.68
N SER A 43 3.60 -11.10 -6.56
CA SER A 43 4.89 -11.75 -6.39
C SER A 43 5.99 -10.72 -6.16
N GLY A 44 5.92 -9.62 -6.89
CA GLY A 44 6.91 -8.57 -6.75
C GLY A 44 6.52 -7.54 -5.71
N SER A 45 6.08 -8.01 -4.55
CA SER A 45 5.68 -7.11 -3.47
C SER A 45 5.69 -7.84 -2.13
N ALA A 46 5.22 -9.08 -2.13
CA ALA A 46 5.18 -9.90 -0.92
C ALA A 46 6.59 -10.25 -0.44
N LYS A 47 7.57 -9.99 -1.30
CA LYS A 47 8.96 -10.28 -0.98
C LYS A 47 9.63 -9.07 -0.32
N LYS A 48 9.05 -7.90 -0.54
CA LYS A 48 9.59 -6.67 0.03
C LYS A 48 8.61 -6.06 1.03
N ASN A 49 7.78 -6.90 1.62
CA ASN A 49 6.79 -6.45 2.61
C ASN A 49 5.95 -5.31 2.05
N GLY A 50 5.73 -5.34 0.73
CA GLY A 50 4.93 -4.31 0.10
C GLY A 50 5.56 -2.93 0.24
N ASN A 51 6.83 -2.90 0.60
CA ASN A 51 7.55 -1.64 0.77
C ASN A 51 8.27 -1.25 -0.51
N LEU A 52 7.62 -0.43 -1.33
CA LEU A 52 8.21 0.02 -2.59
C LEU A 52 9.11 1.22 -2.37
N GLY A 53 9.28 1.62 -1.11
CA GLY A 53 10.12 2.75 -0.79
C GLY A 53 9.60 4.04 -1.40
N TYR A 54 10.49 4.78 -2.06
CA TYR A 54 10.11 6.04 -2.69
C TYR A 54 9.62 5.83 -4.12
N PHE A 55 8.58 6.54 -4.50
CA PHE A 55 8.01 6.43 -5.84
C PHE A 55 7.62 7.80 -6.38
N THR A 56 7.07 7.82 -7.59
CA THR A 56 6.66 9.06 -8.22
C THR A 56 5.44 8.84 -9.12
N LYS A 57 4.87 9.93 -9.61
CA LYS A 57 3.71 9.85 -10.49
C LYS A 57 4.09 9.36 -11.87
N GLY A 58 3.83 8.07 -12.13
CA GLY A 58 4.17 7.49 -13.41
C GLY A 58 4.83 6.13 -13.28
N MET A 59 5.11 5.73 -12.05
CA MET A 59 5.76 4.45 -11.79
C MET A 59 4.74 3.40 -11.35
N MET A 60 3.47 3.79 -11.31
CA MET A 60 2.41 2.89 -10.91
C MET A 60 1.20 3.03 -11.83
N VAL A 61 0.08 2.43 -11.43
CA VAL A 61 -1.14 2.48 -12.23
C VAL A 61 -2.05 3.62 -11.76
N LYS A 62 -3.03 3.97 -12.59
CA LYS A 62 -3.97 5.04 -12.27
C LYS A 62 -4.64 4.77 -10.92
N PRO A 63 -5.32 3.63 -10.81
CA PRO A 63 -6.01 3.23 -9.58
C PRO A 63 -5.05 2.88 -8.45
N PHE A 64 -4.03 3.73 -8.26
CA PHE A 64 -3.05 3.52 -7.22
C PHE A 64 -2.23 4.77 -6.98
N GLU A 65 -1.49 5.21 -8.01
CA GLU A 65 -0.65 6.39 -7.91
C GLU A 65 -1.46 7.59 -7.39
N ASP A 66 -2.70 7.71 -7.89
CA ASP A 66 -3.57 8.80 -7.48
C ASP A 66 -3.72 8.84 -5.96
N ALA A 67 -4.16 7.72 -5.40
CA ALA A 67 -4.36 7.62 -3.96
C ALA A 67 -3.13 7.04 -3.27
N ALA A 68 -1.96 7.34 -3.83
CA ALA A 68 -0.71 6.85 -3.28
C ALA A 68 0.03 7.94 -2.52
N PHE A 69 -0.27 9.19 -2.86
CA PHE A 69 0.36 10.33 -2.21
C PHE A 69 -0.68 11.23 -1.55
N LYS A 70 -1.95 10.93 -1.79
CA LYS A 70 -3.05 11.70 -1.21
C LYS A 70 -3.21 11.39 0.28
N LEU A 71 -2.50 10.36 0.74
CA LEU A 71 -2.57 9.96 2.14
C LEU A 71 -1.69 10.85 3.01
N GLN A 72 -1.79 10.68 4.32
CA GLN A 72 -1.00 11.46 5.26
C GLN A 72 0.24 10.69 5.71
N VAL A 73 1.06 11.33 6.54
CA VAL A 73 2.27 10.70 7.05
C VAL A 73 1.94 9.52 7.95
N GLY A 74 1.84 8.34 7.35
CA GLY A 74 1.53 7.14 8.12
C GLY A 74 0.05 6.79 8.08
N GLU A 75 -0.63 7.24 7.03
CA GLU A 75 -2.06 6.98 6.89
C GLU A 75 -2.31 5.93 5.82
N VAL A 76 -3.13 4.93 6.15
CA VAL A 76 -3.45 3.86 5.22
C VAL A 76 -4.58 4.27 4.27
N SER A 77 -4.42 3.91 3.00
CA SER A 77 -5.42 4.25 1.99
C SER A 77 -6.59 3.27 2.03
N GLU A 78 -7.46 3.35 1.02
CA GLU A 78 -8.61 2.46 0.94
C GLU A 78 -8.37 1.33 -0.07
N PRO A 79 -9.20 0.28 0.02
CA PRO A 79 -9.10 -0.88 -0.87
C PRO A 79 -9.51 -0.55 -2.29
N ILE A 80 -8.57 0.00 -3.06
CA ILE A 80 -8.84 0.36 -4.45
C ILE A 80 -8.88 -0.87 -5.34
N LYS A 81 -10.08 -1.21 -5.83
CA LYS A 81 -10.26 -2.37 -6.69
C LYS A 81 -9.72 -2.08 -8.09
N SER A 82 -8.66 -2.78 -8.48
CA SER A 82 -8.07 -2.60 -9.79
C SER A 82 -7.82 -3.95 -10.47
N GLU A 83 -7.13 -3.92 -11.60
CA GLU A 83 -6.83 -5.14 -12.35
C GLU A 83 -6.10 -6.14 -11.47
N PHE A 84 -5.32 -5.64 -10.52
CA PHE A 84 -4.57 -6.50 -9.61
C PHE A 84 -5.38 -6.81 -8.36
N GLY A 85 -6.37 -5.96 -8.07
CA GLY A 85 -7.20 -6.17 -6.90
C GLY A 85 -7.22 -4.96 -5.99
N TYR A 86 -7.45 -5.20 -4.70
CA TYR A 86 -7.49 -4.12 -3.72
C TYR A 86 -6.08 -3.65 -3.36
N HIS A 87 -5.81 -2.37 -3.59
CA HIS A 87 -4.50 -1.80 -3.29
C HIS A 87 -4.53 -1.05 -1.96
N ILE A 88 -3.63 -1.42 -1.06
CA ILE A 88 -3.55 -0.77 0.25
C ILE A 88 -2.26 0.03 0.39
N ILE A 89 -2.29 1.27 -0.07
CA ILE A 89 -1.13 2.14 0.01
C ILE A 89 -1.01 2.79 1.39
N LYS A 90 0.20 2.80 1.93
CA LYS A 90 0.45 3.38 3.25
C LYS A 90 1.76 4.16 3.26
N ARG A 91 1.67 5.45 3.53
CA ARG A 91 2.84 6.31 3.58
C ARG A 91 3.73 5.97 4.79
N PHE A 92 5.03 6.10 4.62
CA PHE A 92 5.98 5.80 5.69
C PHE A 92 6.81 7.04 6.03
N GLY A 93 7.05 7.87 5.03
CA GLY A 93 7.83 9.08 5.24
C GLY A 93 7.32 9.90 6.41
N GLY A 1 15.20 18.33 -0.35
CA GLY A 1 13.75 18.23 -0.32
C GLY A 1 13.11 18.69 -1.62
N PRO A 2 13.28 17.90 -2.68
CA PRO A 2 12.74 18.21 -4.01
C PRO A 2 11.21 18.08 -4.04
N SER A 3 10.67 17.28 -3.14
CA SER A 3 9.23 17.06 -3.07
C SER A 3 8.71 16.41 -4.35
N ASN A 4 9.45 15.43 -4.84
CA ASN A 4 9.07 14.72 -6.06
C ASN A 4 8.63 13.29 -5.76
N LYS A 5 9.29 12.68 -4.78
CA LYS A 5 8.97 11.31 -4.39
C LYS A 5 8.66 11.23 -2.89
N ILE A 6 8.00 10.16 -2.48
CA ILE A 6 7.66 9.96 -1.08
C ILE A 6 7.58 8.48 -0.74
N LYS A 7 7.83 8.16 0.53
CA LYS A 7 7.78 6.77 1.00
C LYS A 7 6.34 6.27 1.08
N CYS A 8 6.15 5.00 0.78
CA CYS A 8 4.82 4.39 0.82
C CYS A 8 4.89 2.90 0.52
N SER A 9 3.86 2.17 0.94
CA SER A 9 3.81 0.73 0.72
C SER A 9 2.61 0.36 -0.16
N HIS A 10 2.32 -0.94 -0.21
CA HIS A 10 1.19 -1.43 -1.01
C HIS A 10 0.95 -2.91 -0.74
N ILE A 11 -0.32 -3.31 -0.77
CA ILE A 11 -0.68 -4.70 -0.52
C ILE A 11 -1.88 -5.10 -1.38
N LEU A 12 -1.69 -6.14 -2.20
CA LEU A 12 -2.75 -6.63 -3.07
C LEU A 12 -3.41 -7.87 -2.48
N VAL A 13 -4.74 -7.94 -2.59
CA VAL A 13 -5.49 -9.08 -2.07
C VAL A 13 -6.61 -9.47 -3.01
N SER A 14 -7.45 -10.41 -2.57
CA SER A 14 -8.57 -10.88 -3.38
C SER A 14 -9.88 -10.79 -2.61
N LYS A 15 -9.85 -10.07 -1.49
CA LYS A 15 -11.03 -9.91 -0.65
C LYS A 15 -10.95 -8.64 0.18
N GLN A 16 -12.06 -7.91 0.29
CA GLN A 16 -12.10 -6.68 1.06
C GLN A 16 -11.76 -6.94 2.54
N SER A 17 -12.07 -8.15 3.00
CA SER A 17 -11.80 -8.52 4.38
C SER A 17 -10.30 -8.46 4.68
N GLU A 18 -9.50 -8.46 3.63
CA GLU A 18 -8.04 -8.41 3.77
C GLU A 18 -7.53 -6.99 3.58
N ALA A 19 -7.88 -6.39 2.44
CA ALA A 19 -7.45 -5.04 2.13
C ALA A 19 -7.98 -4.04 3.16
N LEU A 20 -9.18 -4.31 3.67
CA LEU A 20 -9.79 -3.43 4.66
C LEU A 20 -9.49 -3.93 6.08
N ALA A 21 -8.47 -4.77 6.21
CA ALA A 21 -8.09 -5.30 7.50
C ALA A 21 -6.69 -4.81 7.90
N ILE A 22 -5.93 -4.36 6.91
CA ILE A 22 -4.59 -3.85 7.17
C ILE A 22 -4.63 -2.54 7.93
N MET A 23 -5.69 -1.77 7.73
CA MET A 23 -5.85 -0.48 8.40
C MET A 23 -6.53 -0.66 9.75
N GLU A 24 -6.80 -1.91 10.12
CA GLU A 24 -7.45 -2.22 11.39
C GLU A 24 -6.54 -3.06 12.27
N LYS A 25 -5.87 -4.04 11.66
CA LYS A 25 -4.96 -4.91 12.39
C LYS A 25 -3.85 -4.11 13.07
N LEU A 26 -3.17 -3.26 12.29
CA LEU A 26 -2.09 -2.44 12.81
C LEU A 26 -2.56 -1.61 14.00
N LYS A 27 -3.86 -1.33 14.05
CA LYS A 27 -4.44 -0.56 15.14
C LYS A 27 -4.15 -1.22 16.49
N SER A 28 -3.91 -2.52 16.46
CA SER A 28 -3.62 -3.27 17.68
C SER A 28 -2.14 -3.16 18.05
N GLY A 29 -1.31 -2.84 17.06
CA GLY A 29 0.11 -2.70 17.30
C GLY A 29 0.93 -3.70 16.50
N GLU A 30 0.57 -3.87 15.23
CA GLU A 30 1.28 -4.80 14.36
C GLU A 30 2.19 -4.04 13.38
N LYS A 31 2.69 -4.76 12.39
CA LYS A 31 3.57 -4.16 11.38
C LYS A 31 2.99 -4.36 9.98
N PHE A 32 3.01 -3.28 9.19
CA PHE A 32 2.50 -3.33 7.82
C PHE A 32 3.12 -4.48 7.05
N GLY A 33 4.45 -4.57 7.07
CA GLY A 33 5.14 -5.63 6.37
C GLY A 33 4.65 -7.01 6.76
N LYS A 34 4.31 -7.17 8.04
CA LYS A 34 3.81 -8.45 8.54
C LYS A 34 2.56 -8.88 7.79
N LEU A 35 1.87 -7.91 7.19
CA LEU A 35 0.65 -8.19 6.45
C LEU A 35 0.92 -8.20 4.94
N ALA A 36 1.95 -7.48 4.53
CA ALA A 36 2.32 -7.41 3.12
C ALA A 36 3.10 -8.65 2.70
N LYS A 37 3.66 -9.35 3.67
CA LYS A 37 4.43 -10.56 3.39
C LYS A 37 3.52 -11.77 3.23
N GLU A 38 2.21 -11.53 3.37
CA GLU A 38 1.23 -12.60 3.23
C GLU A 38 0.04 -12.14 2.38
N LEU A 39 -0.62 -11.08 2.82
CA LEU A 39 -1.77 -10.55 2.10
C LEU A 39 -1.39 -10.21 0.65
N SER A 40 -0.32 -9.44 0.50
CA SER A 40 0.15 -9.03 -0.82
C SER A 40 0.29 -10.24 -1.74
N ILE A 41 -0.68 -10.41 -2.65
CA ILE A 41 -0.66 -11.53 -3.59
C ILE A 41 0.36 -11.29 -4.69
N ASP A 42 0.72 -10.03 -4.91
CA ASP A 42 1.68 -9.68 -5.94
C ASP A 42 3.05 -10.30 -5.65
N SER A 43 3.48 -11.23 -6.50
CA SER A 43 4.75 -11.89 -6.34
C SER A 43 5.88 -10.88 -6.13
N GLY A 44 5.80 -9.77 -6.85
CA GLY A 44 6.81 -8.74 -6.75
C GLY A 44 6.47 -7.69 -5.71
N SER A 45 6.04 -8.15 -4.54
CA SER A 45 5.67 -7.24 -3.46
C SER A 45 5.73 -7.95 -2.11
N ALA A 46 5.26 -9.20 -2.07
CA ALA A 46 5.27 -9.98 -0.85
C ALA A 46 6.70 -10.31 -0.41
N LYS A 47 7.65 -10.07 -1.30
CA LYS A 47 9.06 -10.33 -1.00
C LYS A 47 9.72 -9.10 -0.39
N LYS A 48 9.10 -7.95 -0.58
CA LYS A 48 9.63 -6.70 -0.03
C LYS A 48 8.66 -6.09 0.97
N ASN A 49 7.86 -6.94 1.60
CA ASN A 49 6.88 -6.47 2.59
C ASN A 49 6.00 -5.36 2.01
N GLY A 50 5.81 -5.39 0.70
CA GLY A 50 5.00 -4.39 0.05
C GLY A 50 5.55 -2.98 0.24
N ASN A 51 6.81 -2.89 0.63
CA ASN A 51 7.46 -1.60 0.86
C ASN A 51 8.24 -1.16 -0.37
N LEU A 52 7.54 -0.56 -1.33
CA LEU A 52 8.18 -0.09 -2.56
C LEU A 52 9.12 1.08 -2.27
N GLY A 53 9.02 1.63 -1.07
CA GLY A 53 9.87 2.74 -0.69
C GLY A 53 9.42 4.05 -1.31
N TYR A 54 10.35 4.75 -1.95
CA TYR A 54 10.05 6.03 -2.59
C TYR A 54 9.59 5.82 -4.02
N PHE A 55 8.54 6.54 -4.41
CA PHE A 55 8.00 6.44 -5.77
C PHE A 55 7.66 7.82 -6.32
N THR A 56 7.15 7.85 -7.55
CA THR A 56 6.78 9.10 -8.20
C THR A 56 5.57 8.92 -9.10
N LYS A 57 5.12 10.01 -9.70
CA LYS A 57 3.97 9.97 -10.60
C LYS A 57 4.37 9.46 -11.99
N GLY A 58 3.94 8.25 -12.31
CA GLY A 58 4.27 7.68 -13.61
C GLY A 58 4.98 6.34 -13.49
N MET A 59 4.99 5.79 -12.27
CA MET A 59 5.65 4.50 -12.03
C MET A 59 4.64 3.47 -11.55
N MET A 60 3.37 3.86 -11.48
CA MET A 60 2.31 2.96 -11.05
C MET A 60 1.09 3.08 -11.94
N VAL A 61 -0.02 2.48 -11.52
CA VAL A 61 -1.25 2.51 -12.29
C VAL A 61 -2.17 3.64 -11.81
N LYS A 62 -3.22 3.90 -12.57
CA LYS A 62 -4.17 4.95 -12.22
C LYS A 62 -4.78 4.69 -10.85
N PRO A 63 -5.45 3.53 -10.71
CA PRO A 63 -6.10 3.14 -9.45
C PRO A 63 -5.08 2.81 -8.36
N PHE A 64 -4.09 3.67 -8.20
CA PHE A 64 -3.06 3.47 -7.19
C PHE A 64 -2.25 4.75 -6.98
N GLU A 65 -1.59 5.21 -8.04
CA GLU A 65 -0.78 6.42 -7.96
C GLU A 65 -1.58 7.58 -7.37
N ASP A 66 -2.79 7.78 -7.88
CA ASP A 66 -3.66 8.85 -7.40
C ASP A 66 -3.83 8.77 -5.88
N ALA A 67 -4.08 7.57 -5.39
CA ALA A 67 -4.25 7.36 -3.95
C ALA A 67 -3.00 6.77 -3.32
N ALA A 68 -1.83 7.21 -3.80
CA ALA A 68 -0.56 6.73 -3.28
C ALA A 68 0.21 7.85 -2.60
N PHE A 69 -0.13 9.09 -2.93
CA PHE A 69 0.53 10.25 -2.35
C PHE A 69 -0.49 11.18 -1.69
N LYS A 70 -1.76 10.83 -1.80
CA LYS A 70 -2.83 11.64 -1.21
C LYS A 70 -3.17 11.14 0.19
N LEU A 71 -2.30 10.31 0.75
CA LEU A 71 -2.52 9.76 2.08
C LEU A 71 -1.84 10.63 3.15
N GLN A 72 -2.00 10.25 4.40
CA GLN A 72 -1.41 10.99 5.51
C GLN A 72 -0.10 10.34 5.96
N VAL A 73 0.70 11.10 6.71
CA VAL A 73 1.98 10.59 7.20
C VAL A 73 1.77 9.40 8.13
N GLY A 74 1.81 8.20 7.56
CA GLY A 74 1.64 7.00 8.35
C GLY A 74 0.20 6.50 8.34
N GLU A 75 -0.55 6.91 7.33
CA GLU A 75 -1.95 6.50 7.22
C GLU A 75 -2.12 5.45 6.13
N VAL A 76 -3.19 4.67 6.23
CA VAL A 76 -3.46 3.62 5.26
C VAL A 76 -4.59 4.03 4.31
N SER A 77 -4.35 3.88 3.02
CA SER A 77 -5.34 4.23 2.01
C SER A 77 -6.52 3.27 2.04
N GLU A 78 -7.35 3.33 1.00
CA GLU A 78 -8.53 2.46 0.92
C GLU A 78 -8.30 1.35 -0.10
N PRO A 79 -9.12 0.29 0.01
CA PRO A 79 -9.03 -0.87 -0.90
C PRO A 79 -9.47 -0.53 -2.32
N ILE A 80 -8.55 -0.01 -3.11
CA ILE A 80 -8.86 0.35 -4.49
C ILE A 80 -8.91 -0.88 -5.40
N LYS A 81 -10.10 -1.23 -5.84
CA LYS A 81 -10.29 -2.39 -6.71
C LYS A 81 -9.74 -2.12 -8.10
N SER A 82 -8.72 -2.88 -8.49
CA SER A 82 -8.09 -2.72 -9.80
C SER A 82 -7.87 -4.08 -10.47
N GLU A 83 -7.15 -4.07 -11.59
CA GLU A 83 -6.86 -5.30 -12.32
C GLU A 83 -6.10 -6.29 -11.44
N PHE A 84 -5.30 -5.77 -10.52
CA PHE A 84 -4.52 -6.60 -9.62
C PHE A 84 -5.28 -6.89 -8.34
N GLY A 85 -6.31 -6.09 -8.07
CA GLY A 85 -7.11 -6.27 -6.88
C GLY A 85 -7.14 -5.03 -6.01
N TYR A 86 -7.41 -5.22 -4.72
CA TYR A 86 -7.47 -4.11 -3.78
C TYR A 86 -6.08 -3.62 -3.42
N HIS A 87 -5.82 -2.34 -3.67
CA HIS A 87 -4.53 -1.74 -3.37
C HIS A 87 -4.57 -0.97 -2.05
N ILE A 88 -3.66 -1.30 -1.14
CA ILE A 88 -3.60 -0.63 0.16
C ILE A 88 -2.29 0.12 0.33
N ILE A 89 -2.25 1.36 -0.14
CA ILE A 89 -1.06 2.19 -0.02
C ILE A 89 -0.97 2.85 1.34
N LYS A 90 0.19 2.74 1.98
CA LYS A 90 0.41 3.34 3.28
C LYS A 90 1.70 4.15 3.31
N ARG A 91 1.58 5.43 3.60
CA ARG A 91 2.74 6.32 3.66
C ARG A 91 3.62 5.99 4.85
N PHE A 92 4.93 6.14 4.69
CA PHE A 92 5.88 5.86 5.75
C PHE A 92 6.70 7.09 6.09
N GLY A 93 6.96 7.93 5.09
CA GLY A 93 7.73 9.14 5.30
C GLY A 93 7.18 9.97 6.45
N GLY A 1 15.41 17.75 0.51
CA GLY A 1 15.07 17.93 -0.90
C GLY A 1 13.61 18.28 -1.11
N PRO A 2 13.19 18.38 -2.37
CA PRO A 2 11.81 18.72 -2.73
C PRO A 2 10.84 17.59 -2.41
N SER A 3 9.58 17.76 -2.79
CA SER A 3 8.56 16.76 -2.55
C SER A 3 8.19 16.03 -3.84
N ASN A 4 9.21 15.61 -4.59
CA ASN A 4 8.99 14.90 -5.84
C ASN A 4 8.58 13.46 -5.58
N LYS A 5 9.23 12.82 -4.62
CA LYS A 5 8.94 11.44 -4.26
C LYS A 5 8.65 11.31 -2.78
N ILE A 6 8.00 10.21 -2.40
CA ILE A 6 7.67 9.96 -1.00
C ILE A 6 7.60 8.47 -0.71
N LYS A 7 7.88 8.10 0.53
CA LYS A 7 7.86 6.69 0.94
C LYS A 7 6.43 6.19 1.05
N CYS A 8 6.23 4.92 0.72
CA CYS A 8 4.91 4.32 0.79
C CYS A 8 4.98 2.82 0.45
N SER A 9 3.95 2.09 0.86
CA SER A 9 3.89 0.65 0.61
C SER A 9 2.65 0.29 -0.20
N HIS A 10 2.39 -1.01 -0.33
CA HIS A 10 1.23 -1.49 -1.07
C HIS A 10 0.97 -2.96 -0.78
N ILE A 11 -0.30 -3.35 -0.82
CA ILE A 11 -0.68 -4.73 -0.56
C ILE A 11 -1.88 -5.15 -1.40
N LEU A 12 -1.71 -6.19 -2.20
CA LEU A 12 -2.79 -6.67 -3.06
C LEU A 12 -3.46 -7.90 -2.44
N VAL A 13 -4.79 -7.89 -2.42
CA VAL A 13 -5.56 -9.00 -1.86
C VAL A 13 -6.66 -9.44 -2.81
N SER A 14 -7.48 -10.38 -2.36
CA SER A 14 -8.59 -10.88 -3.17
C SER A 14 -9.94 -10.48 -2.56
N LYS A 15 -9.93 -10.17 -1.27
CA LYS A 15 -11.15 -9.78 -0.58
C LYS A 15 -10.91 -8.50 0.23
N GLN A 16 -11.98 -7.74 0.44
CA GLN A 16 -11.90 -6.50 1.19
C GLN A 16 -11.56 -6.77 2.66
N SER A 17 -11.99 -7.92 3.15
CA SER A 17 -11.73 -8.31 4.54
C SER A 17 -10.24 -8.37 4.82
N GLU A 18 -9.45 -8.51 3.75
CA GLU A 18 -8.00 -8.59 3.89
C GLU A 18 -7.37 -7.22 3.65
N ALA A 19 -7.79 -6.55 2.58
CA ALA A 19 -7.26 -5.23 2.26
C ALA A 19 -7.61 -4.21 3.33
N LEU A 20 -8.89 -4.14 3.67
CA LEU A 20 -9.36 -3.20 4.69
C LEU A 20 -8.87 -3.61 6.08
N ALA A 21 -8.33 -4.83 6.17
CA ALA A 21 -7.83 -5.34 7.44
C ALA A 21 -6.49 -4.72 7.78
N ILE A 22 -5.90 -4.02 6.82
CA ILE A 22 -4.61 -3.38 7.03
C ILE A 22 -4.75 -2.11 7.85
N MET A 23 -5.96 -1.57 7.88
CA MET A 23 -6.23 -0.34 8.64
C MET A 23 -6.82 -0.68 10.00
N GLU A 24 -7.10 -1.94 10.23
CA GLU A 24 -7.67 -2.39 11.51
C GLU A 24 -6.69 -3.29 12.26
N LYS A 25 -5.88 -4.03 11.51
CA LYS A 25 -4.89 -4.93 12.09
C LYS A 25 -3.87 -4.15 12.91
N LEU A 26 -3.20 -3.20 12.27
CA LEU A 26 -2.19 -2.39 12.94
C LEU A 26 -2.79 -1.67 14.15
N LYS A 27 -4.10 -1.47 14.11
CA LYS A 27 -4.80 -0.79 15.20
C LYS A 27 -4.49 -1.46 16.54
N SER A 28 -4.23 -2.76 16.50
CA SER A 28 -3.92 -3.51 17.71
C SER A 28 -2.46 -3.35 18.11
N GLY A 29 -1.62 -3.09 17.11
CA GLY A 29 -0.20 -2.91 17.37
C GLY A 29 0.66 -3.83 16.52
N GLU A 30 0.22 -4.06 15.28
CA GLU A 30 0.96 -4.92 14.36
C GLU A 30 1.83 -4.11 13.41
N LYS A 31 2.34 -4.76 12.37
CA LYS A 31 3.18 -4.09 11.39
C LYS A 31 2.62 -4.27 9.98
N PHE A 32 2.75 -3.24 9.16
CA PHE A 32 2.25 -3.28 7.79
C PHE A 32 2.92 -4.41 7.00
N GLY A 33 4.24 -4.52 7.15
CA GLY A 33 4.97 -5.56 6.44
C GLY A 33 4.53 -6.95 6.84
N LYS A 34 4.16 -7.12 8.11
CA LYS A 34 3.72 -8.41 8.61
C LYS A 34 2.50 -8.91 7.82
N LEU A 35 1.80 -7.99 7.19
CA LEU A 35 0.62 -8.33 6.41
C LEU A 35 0.92 -8.29 4.91
N ALA A 36 1.94 -7.53 4.54
CA ALA A 36 2.33 -7.40 3.15
C ALA A 36 3.09 -8.63 2.68
N LYS A 37 3.64 -9.38 3.63
CA LYS A 37 4.41 -10.58 3.32
C LYS A 37 3.49 -11.80 3.27
N GLU A 38 2.18 -11.55 3.31
CA GLU A 38 1.19 -12.64 3.27
C GLU A 38 0.00 -12.24 2.40
N LEU A 39 -0.67 -11.15 2.77
CA LEU A 39 -1.83 -10.67 2.04
C LEU A 39 -1.44 -10.29 0.60
N SER A 40 -0.39 -9.49 0.47
CA SER A 40 0.07 -9.05 -0.84
C SER A 40 0.27 -10.24 -1.77
N ILE A 41 -0.67 -10.43 -2.69
CA ILE A 41 -0.61 -11.53 -3.64
C ILE A 41 0.44 -11.26 -4.71
N ASP A 42 0.78 -9.99 -4.90
CA ASP A 42 1.77 -9.60 -5.89
C ASP A 42 3.13 -10.21 -5.58
N SER A 43 3.54 -11.17 -6.41
CA SER A 43 4.82 -11.84 -6.22
C SER A 43 5.95 -10.82 -6.07
N GLY A 44 5.83 -9.71 -6.77
CA GLY A 44 6.85 -8.67 -6.71
C GLY A 44 6.56 -7.63 -5.65
N SER A 45 6.20 -8.10 -4.45
CA SER A 45 5.88 -7.21 -3.34
C SER A 45 5.95 -7.95 -2.01
N ALA A 46 5.39 -9.15 -1.98
CA ALA A 46 5.39 -9.96 -0.76
C ALA A 46 6.82 -10.23 -0.29
N LYS A 47 7.78 -10.08 -1.19
CA LYS A 47 9.18 -10.31 -0.87
C LYS A 47 9.80 -9.07 -0.23
N LYS A 48 9.19 -7.93 -0.47
CA LYS A 48 9.68 -6.67 0.09
C LYS A 48 8.65 -6.04 1.02
N ASN A 49 7.77 -6.87 1.57
CA ASN A 49 6.72 -6.40 2.48
C ASN A 49 5.93 -5.26 1.85
N GLY A 50 5.78 -5.31 0.53
CA GLY A 50 5.04 -4.28 -0.18
C GLY A 50 5.66 -2.91 0.00
N ASN A 51 6.91 -2.88 0.43
CA ASN A 51 7.61 -1.61 0.64
C ASN A 51 8.36 -1.19 -0.62
N LEU A 52 7.69 -0.39 -1.45
CA LEU A 52 8.29 0.10 -2.70
C LEU A 52 9.17 1.31 -2.43
N GLY A 53 9.28 1.70 -1.17
CA GLY A 53 10.09 2.84 -0.81
C GLY A 53 9.57 4.13 -1.41
N TYR A 54 10.47 4.92 -1.99
CA TYR A 54 10.10 6.20 -2.59
C TYR A 54 9.62 5.99 -4.03
N PHE A 55 8.57 6.71 -4.40
CA PHE A 55 8.02 6.61 -5.75
C PHE A 55 7.61 7.98 -6.28
N THR A 56 7.08 8.01 -7.50
CA THR A 56 6.66 9.26 -8.12
C THR A 56 5.47 9.04 -9.03
N LYS A 57 4.95 10.13 -9.59
CA LYS A 57 3.80 10.06 -10.49
C LYS A 57 4.21 9.56 -11.87
N GLY A 58 3.83 8.33 -12.19
CA GLY A 58 4.18 7.76 -13.48
C GLY A 58 4.90 6.44 -13.35
N MET A 59 5.00 5.93 -12.13
CA MET A 59 5.67 4.66 -11.88
C MET A 59 4.69 3.60 -11.41
N MET A 60 3.41 3.97 -11.36
CA MET A 60 2.36 3.05 -10.93
C MET A 60 1.15 3.14 -11.85
N VAL A 61 0.05 2.52 -11.43
CA VAL A 61 -1.17 2.52 -12.23
C VAL A 61 -2.13 3.62 -11.74
N LYS A 62 -3.11 3.95 -12.58
CA LYS A 62 -4.08 4.98 -12.24
C LYS A 62 -4.74 4.69 -10.89
N PRO A 63 -5.39 3.52 -10.78
CA PRO A 63 -6.06 3.10 -9.56
C PRO A 63 -5.07 2.76 -8.44
N PHE A 64 -4.10 3.63 -8.23
CA PHE A 64 -3.09 3.43 -7.21
C PHE A 64 -2.30 4.71 -6.95
N GLU A 65 -1.61 5.19 -7.98
CA GLU A 65 -0.81 6.40 -7.87
C GLU A 65 -1.64 7.55 -7.30
N ASP A 66 -2.84 7.73 -7.84
CA ASP A 66 -3.73 8.79 -7.38
C ASP A 66 -3.97 8.69 -5.87
N ALA A 67 -4.06 7.46 -5.38
CA ALA A 67 -4.28 7.22 -3.96
C ALA A 67 -3.01 6.70 -3.29
N ALA A 68 -1.86 7.19 -3.73
CA ALA A 68 -0.59 6.77 -3.17
C ALA A 68 0.09 7.92 -2.43
N PHE A 69 -0.25 9.14 -2.82
CA PHE A 69 0.33 10.33 -2.19
C PHE A 69 -0.76 11.21 -1.58
N LYS A 70 -2.01 10.77 -1.72
CA LYS A 70 -3.15 11.52 -1.18
C LYS A 70 -3.27 11.32 0.32
N LEU A 71 -2.52 10.36 0.85
CA LEU A 71 -2.54 10.06 2.28
C LEU A 71 -1.57 10.95 3.03
N GLN A 72 -1.46 10.74 4.34
CA GLN A 72 -0.57 11.53 5.18
C GLN A 72 0.48 10.64 5.85
N VAL A 73 1.49 11.26 6.44
CA VAL A 73 2.55 10.52 7.12
C VAL A 73 1.98 9.51 8.11
N GLY A 74 2.13 8.23 7.79
CA GLY A 74 1.63 7.19 8.67
C GLY A 74 0.13 6.99 8.53
N GLU A 75 -0.35 6.96 7.28
CA GLU A 75 -1.77 6.79 7.01
C GLU A 75 -1.99 5.69 5.98
N VAL A 76 -3.13 5.01 6.07
CA VAL A 76 -3.46 3.94 5.14
C VAL A 76 -4.55 4.38 4.16
N SER A 77 -4.39 3.98 2.91
CA SER A 77 -5.35 4.33 1.86
C SER A 77 -6.56 3.39 1.90
N GLU A 78 -7.36 3.45 0.84
CA GLU A 78 -8.55 2.61 0.74
C GLU A 78 -8.32 1.46 -0.22
N PRO A 79 -9.15 0.41 -0.12
CA PRO A 79 -9.07 -0.78 -0.98
C PRO A 79 -9.46 -0.48 -2.42
N ILE A 80 -8.51 0.04 -3.20
CA ILE A 80 -8.76 0.36 -4.59
C ILE A 80 -8.80 -0.89 -5.45
N LYS A 81 -10.00 -1.23 -5.94
CA LYS A 81 -10.18 -2.42 -6.78
C LYS A 81 -9.66 -2.17 -8.18
N SER A 82 -8.59 -2.88 -8.55
CA SER A 82 -8.00 -2.73 -9.88
C SER A 82 -7.79 -4.09 -10.53
N GLU A 83 -7.08 -4.09 -11.66
CA GLU A 83 -6.80 -5.33 -12.38
C GLU A 83 -6.07 -6.33 -11.49
N PHE A 84 -5.36 -5.81 -10.49
CA PHE A 84 -4.60 -6.65 -9.58
C PHE A 84 -5.40 -6.93 -8.30
N GLY A 85 -6.39 -6.08 -8.03
CA GLY A 85 -7.21 -6.25 -6.86
C GLY A 85 -7.22 -5.01 -5.97
N TYR A 86 -7.47 -5.21 -4.69
CA TYR A 86 -7.51 -4.10 -3.74
C TYR A 86 -6.10 -3.64 -3.38
N HIS A 87 -5.83 -2.35 -3.60
CA HIS A 87 -4.52 -1.78 -3.31
C HIS A 87 -4.54 -1.03 -1.99
N ILE A 88 -3.67 -1.42 -1.07
CA ILE A 88 -3.58 -0.78 0.24
C ILE A 88 -2.28 -0.01 0.39
N ILE A 89 -2.28 1.24 -0.09
CA ILE A 89 -1.10 2.09 -0.01
C ILE A 89 -0.98 2.74 1.37
N LYS A 90 0.23 2.76 1.90
CA LYS A 90 0.48 3.35 3.21
C LYS A 90 1.78 4.14 3.22
N ARG A 91 1.70 5.43 3.52
CA ARG A 91 2.87 6.29 3.55
C ARG A 91 3.79 5.91 4.70
N PHE A 92 5.10 6.05 4.49
CA PHE A 92 6.09 5.72 5.51
C PHE A 92 7.00 6.90 5.79
N GLY A 93 7.27 7.70 4.76
CA GLY A 93 8.13 8.86 4.92
C GLY A 93 9.44 8.52 5.60
N GLY A 1 10.48 22.40 1.39
CA GLY A 1 11.10 22.24 0.09
C GLY A 1 10.21 21.48 -0.89
N PRO A 2 10.72 21.27 -2.11
CA PRO A 2 9.99 20.56 -3.16
C PRO A 2 9.84 19.07 -2.86
N SER A 3 8.79 18.46 -3.40
CA SER A 3 8.54 17.04 -3.19
C SER A 3 8.33 16.32 -4.52
N ASN A 4 9.29 15.47 -4.88
CA ASN A 4 9.21 14.72 -6.12
C ASN A 4 8.87 13.25 -5.86
N LYS A 5 9.23 12.78 -4.67
CA LYS A 5 8.95 11.39 -4.29
C LYS A 5 8.61 11.29 -2.81
N ILE A 6 7.98 10.20 -2.43
CA ILE A 6 7.59 9.98 -1.03
C ILE A 6 7.56 8.49 -0.70
N LYS A 7 7.77 8.17 0.57
CA LYS A 7 7.75 6.78 1.03
C LYS A 7 6.32 6.26 1.13
N CYS A 8 6.13 4.99 0.80
CA CYS A 8 4.82 4.36 0.84
C CYS A 8 4.91 2.88 0.52
N SER A 9 3.88 2.13 0.91
CA SER A 9 3.84 0.70 0.67
C SER A 9 2.63 0.32 -0.18
N HIS A 10 2.34 -0.98 -0.25
CA HIS A 10 1.20 -1.47 -1.03
C HIS A 10 0.95 -2.94 -0.72
N ILE A 11 -0.32 -3.34 -0.77
CA ILE A 11 -0.70 -4.72 -0.51
C ILE A 11 -1.90 -5.13 -1.37
N LEU A 12 -1.71 -6.16 -2.19
CA LEU A 12 -2.79 -6.65 -3.05
C LEU A 12 -3.45 -7.87 -2.44
N VAL A 13 -4.78 -7.85 -2.41
CA VAL A 13 -5.54 -8.97 -1.85
C VAL A 13 -6.66 -9.39 -2.79
N SER A 14 -7.49 -10.32 -2.34
CA SER A 14 -8.60 -10.82 -3.15
C SER A 14 -9.94 -10.43 -2.53
N LYS A 15 -9.92 -10.13 -1.24
CA LYS A 15 -11.13 -9.75 -0.53
C LYS A 15 -10.91 -8.47 0.27
N GLN A 16 -11.98 -7.71 0.49
CA GLN A 16 -11.90 -6.47 1.24
C GLN A 16 -11.56 -6.74 2.71
N SER A 17 -11.90 -7.93 3.18
CA SER A 17 -11.63 -8.31 4.56
C SER A 17 -10.14 -8.38 4.83
N GLU A 18 -9.36 -8.54 3.76
CA GLU A 18 -7.90 -8.61 3.88
C GLU A 18 -7.27 -7.24 3.68
N ALA A 19 -7.71 -6.54 2.63
CA ALA A 19 -7.18 -5.21 2.33
C ALA A 19 -7.59 -4.20 3.40
N LEU A 20 -8.87 -4.17 3.72
CA LEU A 20 -9.39 -3.26 4.74
C LEU A 20 -8.89 -3.64 6.12
N ALA A 21 -8.30 -4.83 6.23
CA ALA A 21 -7.78 -5.31 7.50
C ALA A 21 -6.46 -4.62 7.84
N ILE A 22 -5.92 -3.87 6.89
CA ILE A 22 -4.67 -3.16 7.09
C ILE A 22 -4.88 -1.91 7.95
N MET A 23 -6.11 -1.43 7.99
CA MET A 23 -6.44 -0.24 8.77
C MET A 23 -7.06 -0.63 10.11
N GLU A 24 -7.17 -1.93 10.35
CA GLU A 24 -7.75 -2.43 11.59
C GLU A 24 -6.74 -3.27 12.36
N LYS A 25 -5.85 -3.94 11.64
CA LYS A 25 -4.82 -4.78 12.24
C LYS A 25 -3.78 -3.93 12.96
N LEU A 26 -3.11 -3.06 12.21
CA LEU A 26 -2.08 -2.19 12.77
C LEU A 26 -2.65 -1.35 13.91
N LYS A 27 -3.96 -1.13 13.88
CA LYS A 27 -4.63 -0.35 14.91
C LYS A 27 -4.33 -0.90 16.30
N SER A 28 -4.04 -2.19 16.37
CA SER A 28 -3.73 -2.85 17.63
C SER A 28 -2.26 -2.68 17.98
N GLY A 29 -1.42 -2.54 16.96
CA GLY A 29 0.00 -2.37 17.18
C GLY A 29 0.82 -3.39 16.42
N GLU A 30 0.38 -3.72 15.21
CA GLU A 30 1.08 -4.68 14.37
C GLU A 30 2.02 -3.98 13.39
N LYS A 31 2.52 -4.73 12.42
CA LYS A 31 3.40 -4.17 11.40
C LYS A 31 2.82 -4.34 10.00
N PHE A 32 2.96 -3.31 9.18
CA PHE A 32 2.44 -3.35 7.82
C PHE A 32 3.08 -4.49 7.02
N GLY A 33 4.40 -4.58 7.09
CA GLY A 33 5.11 -5.64 6.37
C GLY A 33 4.65 -7.02 6.78
N LYS A 34 4.31 -7.18 8.05
CA LYS A 34 3.85 -8.46 8.57
C LYS A 34 2.60 -8.93 7.82
N LEU A 35 1.90 -7.99 7.20
CA LEU A 35 0.68 -8.30 6.46
C LEU A 35 0.94 -8.26 4.96
N ALA A 36 1.98 -7.54 4.55
CA ALA A 36 2.34 -7.42 3.15
C ALA A 36 3.08 -8.66 2.67
N LYS A 37 3.67 -9.40 3.61
CA LYS A 37 4.42 -10.60 3.29
C LYS A 37 3.48 -11.81 3.16
N GLU A 38 2.19 -11.56 3.29
CA GLU A 38 1.19 -12.61 3.19
C GLU A 38 0.01 -12.17 2.34
N LEU A 39 -0.62 -11.07 2.75
CA LEU A 39 -1.78 -10.53 2.03
C LEU A 39 -1.41 -10.20 0.58
N SER A 40 -0.35 -9.41 0.41
CA SER A 40 0.10 -9.02 -0.92
C SER A 40 0.27 -10.24 -1.82
N ILE A 41 -0.68 -10.43 -2.73
CA ILE A 41 -0.65 -11.56 -3.65
C ILE A 41 0.38 -11.33 -4.76
N ASP A 42 0.71 -10.06 -4.99
CA ASP A 42 1.68 -9.71 -6.02
C ASP A 42 3.05 -10.30 -5.70
N SER A 43 3.47 -11.26 -6.51
CA SER A 43 4.77 -11.92 -6.32
C SER A 43 5.88 -10.88 -6.18
N GLY A 44 5.72 -9.75 -6.86
CA GLY A 44 6.72 -8.70 -6.80
C GLY A 44 6.41 -7.68 -5.72
N SER A 45 6.05 -8.16 -4.54
CA SER A 45 5.73 -7.27 -3.42
C SER A 45 5.83 -8.01 -2.09
N ALA A 46 5.27 -9.22 -2.04
CA ALA A 46 5.31 -10.03 -0.84
C ALA A 46 6.75 -10.32 -0.41
N LYS A 47 7.68 -10.16 -1.34
CA LYS A 47 9.09 -10.41 -1.07
C LYS A 47 9.74 -9.19 -0.44
N LYS A 48 9.12 -8.01 -0.64
CA LYS A 48 9.64 -6.77 -0.09
C LYS A 48 8.63 -6.15 0.87
N ASN A 49 7.80 -6.99 1.47
CA ASN A 49 6.79 -6.51 2.42
C ASN A 49 5.97 -5.38 1.81
N GLY A 50 5.80 -5.41 0.50
CA GLY A 50 5.03 -4.38 -0.18
C GLY A 50 5.59 -2.99 0.06
N ASN A 51 6.85 -2.92 0.46
CA ASN A 51 7.51 -1.65 0.73
C ASN A 51 8.29 -1.17 -0.50
N LEU A 52 7.57 -0.56 -1.44
CA LEU A 52 8.20 -0.06 -2.66
C LEU A 52 9.16 1.09 -2.35
N GLY A 53 9.01 1.66 -1.16
CA GLY A 53 9.87 2.76 -0.76
C GLY A 53 9.43 4.08 -1.35
N TYR A 54 10.36 4.77 -2.01
CA TYR A 54 10.07 6.07 -2.62
C TYR A 54 9.61 5.89 -4.06
N PHE A 55 8.54 6.60 -4.43
CA PHE A 55 8.00 6.52 -5.78
C PHE A 55 7.60 7.90 -6.28
N THR A 56 7.10 7.96 -7.51
CA THR A 56 6.69 9.22 -8.12
C THR A 56 5.49 9.01 -9.04
N LYS A 57 5.06 10.09 -9.69
CA LYS A 57 3.92 10.03 -10.60
C LYS A 57 4.36 9.53 -11.97
N GLY A 58 3.92 8.32 -12.32
CA GLY A 58 4.27 7.75 -13.60
C GLY A 58 5.00 6.42 -13.46
N MET A 59 4.97 5.86 -12.27
CA MET A 59 5.64 4.59 -12.01
C MET A 59 4.65 3.54 -11.53
N MET A 60 3.38 3.92 -11.46
CA MET A 60 2.33 3.01 -11.02
C MET A 60 1.11 3.11 -11.93
N VAL A 61 0.00 2.49 -11.50
CA VAL A 61 -1.23 2.51 -12.28
C VAL A 61 -2.16 3.62 -11.80
N LYS A 62 -3.20 3.89 -12.58
CA LYS A 62 -4.17 4.92 -12.24
C LYS A 62 -4.79 4.65 -10.87
N PRO A 63 -5.44 3.48 -10.73
CA PRO A 63 -6.08 3.08 -9.49
C PRO A 63 -5.07 2.75 -8.39
N PHE A 64 -4.10 3.64 -8.22
CA PHE A 64 -3.07 3.44 -7.20
C PHE A 64 -2.27 4.72 -6.99
N GLU A 65 -1.60 5.18 -8.05
CA GLU A 65 -0.80 6.40 -7.97
C GLU A 65 -1.62 7.56 -7.40
N ASP A 66 -2.81 7.76 -7.97
CA ASP A 66 -3.69 8.83 -7.51
C ASP A 66 -4.00 8.69 -6.03
N ALA A 67 -4.05 7.45 -5.55
CA ALA A 67 -4.34 7.18 -4.15
C ALA A 67 -3.11 6.64 -3.43
N ALA A 68 -1.94 7.13 -3.81
CA ALA A 68 -0.68 6.70 -3.20
C ALA A 68 0.01 7.86 -2.50
N PHE A 69 -0.32 9.08 -2.91
CA PHE A 69 0.28 10.28 -2.32
C PHE A 69 -0.79 11.19 -1.73
N LYS A 70 -2.04 10.76 -1.82
CA LYS A 70 -3.16 11.53 -1.29
C LYS A 70 -3.46 11.13 0.15
N LEU A 71 -2.54 10.41 0.76
CA LEU A 71 -2.71 9.97 2.14
C LEU A 71 -1.92 10.85 3.11
N GLN A 72 -1.98 10.51 4.39
CA GLN A 72 -1.27 11.29 5.40
C GLN A 72 0.07 10.63 5.75
N VAL A 73 0.76 11.18 6.74
CA VAL A 73 2.05 10.64 7.16
C VAL A 73 1.88 9.46 8.10
N GLY A 74 1.81 8.26 7.52
CA GLY A 74 1.65 7.06 8.33
C GLY A 74 0.21 6.57 8.34
N GLU A 75 -0.54 6.92 7.31
CA GLU A 75 -1.94 6.50 7.21
C GLU A 75 -2.12 5.46 6.12
N VAL A 76 -3.21 4.70 6.22
CA VAL A 76 -3.50 3.66 5.23
C VAL A 76 -4.60 4.10 4.27
N SER A 77 -4.37 3.91 2.98
CA SER A 77 -5.34 4.29 1.96
C SER A 77 -6.53 3.36 1.97
N GLU A 78 -7.34 3.43 0.91
CA GLU A 78 -8.52 2.58 0.80
C GLU A 78 -8.29 1.44 -0.18
N PRO A 79 -9.12 0.39 -0.09
CA PRO A 79 -9.02 -0.78 -0.96
C PRO A 79 -9.44 -0.46 -2.40
N ILE A 80 -8.48 0.04 -3.19
CA ILE A 80 -8.75 0.38 -4.58
C ILE A 80 -8.80 -0.88 -5.45
N LYS A 81 -10.00 -1.21 -5.92
CA LYS A 81 -10.19 -2.37 -6.77
C LYS A 81 -9.64 -2.12 -8.18
N SER A 82 -8.64 -2.88 -8.57
CA SER A 82 -8.03 -2.74 -9.89
C SER A 82 -7.81 -4.11 -10.53
N GLU A 83 -7.09 -4.11 -11.65
CA GLU A 83 -6.81 -5.35 -12.37
C GLU A 83 -6.05 -6.33 -11.49
N PHE A 84 -5.33 -5.80 -10.50
CA PHE A 84 -4.56 -6.63 -9.58
C PHE A 84 -5.34 -6.90 -8.30
N GLY A 85 -6.34 -6.06 -8.02
CA GLY A 85 -7.15 -6.23 -6.83
C GLY A 85 -7.17 -4.99 -5.96
N TYR A 86 -7.40 -5.18 -4.67
CA TYR A 86 -7.46 -4.08 -3.73
C TYR A 86 -6.05 -3.60 -3.37
N HIS A 87 -5.78 -2.32 -3.63
CA HIS A 87 -4.47 -1.74 -3.34
C HIS A 87 -4.51 -0.96 -2.02
N ILE A 88 -3.65 -1.35 -1.09
CA ILE A 88 -3.59 -0.69 0.22
C ILE A 88 -2.28 0.08 0.37
N ILE A 89 -2.27 1.32 -0.11
CA ILE A 89 -1.08 2.17 -0.01
C ILE A 89 -0.99 2.83 1.35
N LYS A 90 0.18 2.70 1.98
CA LYS A 90 0.40 3.30 3.30
C LYS A 90 1.69 4.10 3.32
N ARG A 91 1.59 5.38 3.63
CA ARG A 91 2.75 6.26 3.69
C ARG A 91 3.64 5.90 4.87
N PHE A 92 4.95 6.06 4.70
CA PHE A 92 5.91 5.76 5.75
C PHE A 92 6.74 6.99 6.11
N GLY A 93 6.96 7.85 5.11
CA GLY A 93 7.74 9.06 5.34
C GLY A 93 7.22 9.87 6.51
N GLY A 1 12.87 22.61 1.20
CA GLY A 1 13.04 22.43 -0.23
C GLY A 1 11.89 21.69 -0.87
N PRO A 2 11.88 21.64 -2.21
CA PRO A 2 10.83 20.96 -2.98
C PRO A 2 10.89 19.44 -2.82
N SER A 3 9.85 18.77 -3.29
CA SER A 3 9.79 17.31 -3.21
C SER A 3 9.37 16.70 -4.55
N ASN A 4 9.64 15.42 -4.71
CA ASN A 4 9.29 14.72 -5.94
C ASN A 4 8.81 13.29 -5.65
N LYS A 5 9.50 12.63 -4.73
CA LYS A 5 9.16 11.26 -4.35
C LYS A 5 8.80 11.18 -2.88
N ILE A 6 8.05 10.15 -2.50
CA ILE A 6 7.65 9.95 -1.12
C ILE A 6 7.58 8.47 -0.76
N LYS A 7 7.81 8.15 0.51
CA LYS A 7 7.77 6.78 0.97
C LYS A 7 6.33 6.26 1.05
N CYS A 8 6.15 4.98 0.78
CA CYS A 8 4.82 4.37 0.82
C CYS A 8 4.89 2.89 0.49
N SER A 9 3.88 2.14 0.95
CA SER A 9 3.83 0.71 0.72
C SER A 9 2.63 0.33 -0.15
N HIS A 10 2.34 -0.96 -0.23
CA HIS A 10 1.21 -1.45 -1.02
C HIS A 10 0.95 -2.92 -0.74
N ILE A 11 -0.31 -3.32 -0.81
CA ILE A 11 -0.70 -4.70 -0.56
C ILE A 11 -1.90 -5.09 -1.41
N LEU A 12 -1.74 -6.16 -2.20
CA LEU A 12 -2.81 -6.64 -3.06
C LEU A 12 -3.49 -7.87 -2.45
N VAL A 13 -4.81 -7.92 -2.58
CA VAL A 13 -5.57 -9.04 -2.04
C VAL A 13 -6.72 -9.42 -2.98
N SER A 14 -7.47 -10.46 -2.60
CA SER A 14 -8.59 -10.93 -3.41
C SER A 14 -9.90 -10.79 -2.65
N LYS A 15 -9.86 -10.09 -1.52
CA LYS A 15 -11.04 -9.88 -0.70
C LYS A 15 -11.05 -8.49 -0.09
N GLN A 16 -12.24 -7.96 0.18
CA GLN A 16 -12.38 -6.64 0.77
C GLN A 16 -11.91 -6.64 2.22
N SER A 17 -12.30 -7.66 2.96
CA SER A 17 -11.92 -7.77 4.37
C SER A 17 -10.43 -8.07 4.51
N GLU A 18 -9.82 -8.55 3.43
CA GLU A 18 -8.40 -8.86 3.43
C GLU A 18 -7.56 -7.60 3.29
N ALA A 19 -8.04 -6.67 2.47
CA ALA A 19 -7.33 -5.41 2.25
C ALA A 19 -7.68 -4.39 3.32
N LEU A 20 -8.92 -4.42 3.78
CA LEU A 20 -9.39 -3.49 4.80
C LEU A 20 -8.96 -3.96 6.19
N ALA A 21 -8.31 -5.11 6.25
CA ALA A 21 -7.84 -5.66 7.51
C ALA A 21 -6.50 -5.06 7.91
N ILE A 22 -5.79 -4.49 6.93
CA ILE A 22 -4.50 -3.88 7.19
C ILE A 22 -4.65 -2.52 7.87
N MET A 23 -5.84 -1.93 7.74
CA MET A 23 -6.12 -0.64 8.34
C MET A 23 -6.81 -0.81 9.70
N GLU A 24 -7.20 -2.04 10.01
CA GLU A 24 -7.87 -2.33 11.27
C GLU A 24 -6.96 -3.15 12.19
N LYS A 25 -6.10 -3.96 11.59
CA LYS A 25 -5.18 -4.80 12.35
C LYS A 25 -4.06 -3.97 12.96
N LEU A 26 -3.38 -3.20 12.11
CA LEU A 26 -2.29 -2.35 12.57
C LEU A 26 -2.76 -1.39 13.65
N LYS A 27 -4.05 -1.10 13.66
CA LYS A 27 -4.63 -0.19 14.65
C LYS A 27 -4.32 -0.67 16.07
N SER A 28 -4.10 -1.98 16.21
CA SER A 28 -3.79 -2.56 17.52
C SER A 28 -2.32 -2.37 17.86
N GLY A 29 -1.48 -2.26 16.83
CA GLY A 29 -0.06 -2.09 17.04
C GLY A 29 0.77 -3.15 16.34
N GLU A 30 0.36 -3.52 15.13
CA GLU A 30 1.07 -4.52 14.36
C GLU A 30 2.02 -3.87 13.35
N LYS A 31 2.53 -4.67 12.43
CA LYS A 31 3.46 -4.17 11.42
C LYS A 31 2.88 -4.35 10.02
N PHE A 32 2.92 -3.28 9.23
CA PHE A 32 2.39 -3.32 7.87
C PHE A 32 3.01 -4.47 7.07
N GLY A 33 4.34 -4.56 7.12
CA GLY A 33 5.03 -5.62 6.40
C GLY A 33 4.56 -7.00 6.80
N LYS A 34 4.19 -7.16 8.08
CA LYS A 34 3.72 -8.43 8.58
C LYS A 34 2.52 -8.92 7.79
N LEU A 35 1.80 -7.99 7.17
CA LEU A 35 0.62 -8.32 6.37
C LEU A 35 0.93 -8.21 4.88
N ALA A 36 1.95 -7.43 4.56
CA ALA A 36 2.35 -7.24 3.16
C ALA A 36 3.12 -8.45 2.63
N LYS A 37 3.61 -9.27 3.56
CA LYS A 37 4.37 -10.45 3.18
C LYS A 37 3.46 -11.68 3.12
N GLU A 38 2.18 -11.47 3.35
CA GLU A 38 1.20 -12.55 3.32
C GLU A 38 0.00 -12.18 2.46
N LEU A 39 -0.62 -11.06 2.77
CA LEU A 39 -1.79 -10.60 2.03
C LEU A 39 -1.41 -10.24 0.59
N SER A 40 -0.37 -9.42 0.44
CA SER A 40 0.09 -9.01 -0.87
C SER A 40 0.30 -10.22 -1.78
N ILE A 41 -0.63 -10.42 -2.71
CA ILE A 41 -0.56 -11.53 -3.64
C ILE A 41 0.50 -11.29 -4.71
N ASP A 42 0.82 -10.01 -4.93
CA ASP A 42 1.81 -9.63 -5.92
C ASP A 42 3.16 -10.25 -5.60
N SER A 43 3.58 -11.21 -6.42
CA SER A 43 4.86 -11.89 -6.22
C SER A 43 5.99 -10.87 -6.06
N GLY A 44 5.88 -9.76 -6.77
CA GLY A 44 6.90 -8.73 -6.70
C GLY A 44 6.60 -7.69 -5.65
N SER A 45 6.25 -8.14 -4.45
CA SER A 45 5.93 -7.23 -3.35
C SER A 45 5.98 -7.97 -2.01
N ALA A 46 5.41 -9.16 -1.98
CA ALA A 46 5.38 -9.96 -0.77
C ALA A 46 6.80 -10.27 -0.28
N LYS A 47 7.77 -10.12 -1.18
CA LYS A 47 9.16 -10.38 -0.84
C LYS A 47 9.81 -9.15 -0.21
N LYS A 48 9.22 -7.98 -0.45
CA LYS A 48 9.73 -6.74 0.10
C LYS A 48 8.71 -6.09 1.04
N ASN A 49 7.88 -6.93 1.66
CA ASN A 49 6.86 -6.44 2.58
C ASN A 49 6.05 -5.32 1.95
N GLY A 50 5.87 -5.39 0.64
CA GLY A 50 5.11 -4.38 -0.08
C GLY A 50 5.64 -2.98 0.17
N ASN A 51 6.91 -2.89 0.54
CA ASN A 51 7.54 -1.60 0.80
C ASN A 51 8.32 -1.12 -0.43
N LEU A 52 7.60 -0.56 -1.38
CA LEU A 52 8.22 -0.05 -2.61
C LEU A 52 9.15 1.11 -2.30
N GLY A 53 9.02 1.67 -1.11
CA GLY A 53 9.87 2.79 -0.71
C GLY A 53 9.43 4.09 -1.34
N TYR A 54 10.38 4.80 -1.96
CA TYR A 54 10.08 6.07 -2.60
C TYR A 54 9.65 5.86 -4.05
N PHE A 55 8.59 6.56 -4.45
CA PHE A 55 8.07 6.45 -5.80
C PHE A 55 7.71 7.82 -6.36
N THR A 56 7.19 7.84 -7.58
CA THR A 56 6.81 9.09 -8.23
C THR A 56 5.59 8.90 -9.13
N LYS A 57 5.16 9.97 -9.78
CA LYS A 57 4.01 9.92 -10.67
C LYS A 57 4.43 9.45 -12.06
N GLY A 58 3.94 8.28 -12.46
CA GLY A 58 4.28 7.75 -13.77
C GLY A 58 4.97 6.40 -13.69
N MET A 59 4.96 5.81 -12.50
CA MET A 59 5.59 4.50 -12.29
C MET A 59 4.58 3.49 -11.77
N MET A 60 3.33 3.92 -11.62
CA MET A 60 2.26 3.05 -11.13
C MET A 60 1.02 3.17 -12.01
N VAL A 61 -0.08 2.57 -11.55
CA VAL A 61 -1.33 2.61 -12.30
C VAL A 61 -2.25 3.70 -11.77
N LYS A 62 -3.30 4.00 -12.53
CA LYS A 62 -4.26 5.02 -12.13
C LYS A 62 -4.86 4.72 -10.76
N PRO A 63 -5.50 3.55 -10.64
CA PRO A 63 -6.11 3.10 -9.39
C PRO A 63 -5.08 2.78 -8.32
N PHE A 64 -4.10 3.66 -8.15
CA PHE A 64 -3.04 3.46 -7.16
C PHE A 64 -2.24 4.73 -6.95
N GLU A 65 -1.64 5.24 -8.03
CA GLU A 65 -0.84 6.45 -7.97
C GLU A 65 -1.62 7.59 -7.31
N ASP A 66 -2.87 7.76 -7.73
CA ASP A 66 -3.72 8.80 -7.18
C ASP A 66 -3.79 8.70 -5.66
N ALA A 67 -4.08 7.51 -5.16
CA ALA A 67 -4.16 7.28 -3.73
C ALA A 67 -2.85 6.75 -3.16
N ALA A 68 -1.74 7.20 -3.75
CA ALA A 68 -0.42 6.77 -3.31
C ALA A 68 0.33 7.91 -2.64
N PHE A 69 -0.11 9.14 -2.90
CA PHE A 69 0.53 10.32 -2.33
C PHE A 69 -0.51 11.29 -1.78
N LYS A 70 -1.76 10.85 -1.77
CA LYS A 70 -2.86 11.67 -1.27
C LYS A 70 -3.19 11.32 0.19
N LEU A 71 -2.48 10.34 0.72
CA LEU A 71 -2.69 9.91 2.10
C LEU A 71 -1.89 10.78 3.07
N GLN A 72 -2.07 10.52 4.36
CA GLN A 72 -1.36 11.27 5.39
C GLN A 72 -0.09 10.55 5.82
N VAL A 73 0.76 11.26 6.56
CA VAL A 73 2.02 10.68 7.02
C VAL A 73 1.77 9.52 7.97
N GLY A 74 1.73 8.31 7.43
CA GLY A 74 1.50 7.13 8.24
C GLY A 74 0.05 6.67 8.20
N GLU A 75 -0.65 7.03 7.15
CA GLU A 75 -2.06 6.66 7.00
C GLU A 75 -2.22 5.59 5.93
N VAL A 76 -3.28 4.79 6.06
CA VAL A 76 -3.56 3.72 5.11
C VAL A 76 -4.65 4.11 4.14
N SER A 77 -4.47 3.77 2.87
CA SER A 77 -5.44 4.09 1.83
C SER A 77 -6.53 3.03 1.75
N GLU A 78 -7.68 3.41 1.21
CA GLU A 78 -8.80 2.50 1.07
C GLU A 78 -8.50 1.41 0.05
N PRO A 79 -9.27 0.31 0.10
CA PRO A 79 -9.11 -0.82 -0.82
C PRO A 79 -9.54 -0.47 -2.24
N ILE A 80 -8.58 0.00 -3.04
CA ILE A 80 -8.86 0.37 -4.43
C ILE A 80 -8.89 -0.86 -5.32
N LYS A 81 -10.09 -1.21 -5.79
CA LYS A 81 -10.26 -2.37 -6.67
C LYS A 81 -9.69 -2.09 -8.05
N SER A 82 -8.71 -2.88 -8.46
CA SER A 82 -8.08 -2.72 -9.77
C SER A 82 -7.86 -4.08 -10.44
N GLU A 83 -7.16 -4.05 -11.57
CA GLU A 83 -6.88 -5.28 -12.30
C GLU A 83 -6.09 -6.28 -11.44
N PHE A 84 -5.30 -5.74 -10.52
CA PHE A 84 -4.51 -6.57 -9.63
C PHE A 84 -5.26 -6.89 -8.34
N GLY A 85 -6.27 -6.07 -8.04
CA GLY A 85 -7.06 -6.27 -6.85
C GLY A 85 -7.12 -5.03 -5.97
N TYR A 86 -7.35 -5.23 -4.68
CA TYR A 86 -7.43 -4.12 -3.74
C TYR A 86 -6.04 -3.63 -3.34
N HIS A 87 -5.76 -2.37 -3.65
CA HIS A 87 -4.46 -1.78 -3.33
C HIS A 87 -4.52 -1.01 -2.01
N ILE A 88 -3.64 -1.36 -1.09
CA ILE A 88 -3.60 -0.70 0.21
C ILE A 88 -2.30 0.07 0.40
N ILE A 89 -2.25 1.28 -0.14
CA ILE A 89 -1.06 2.12 -0.02
C ILE A 89 -0.98 2.78 1.34
N LYS A 90 0.19 2.72 1.96
CA LYS A 90 0.40 3.32 3.27
C LYS A 90 1.69 4.15 3.30
N ARG A 91 1.55 5.44 3.56
CA ARG A 91 2.70 6.33 3.61
C ARG A 91 3.58 6.02 4.83
N PHE A 92 4.89 6.17 4.66
CA PHE A 92 5.84 5.90 5.74
C PHE A 92 6.64 7.14 6.07
N GLY A 93 6.91 7.97 5.06
CA GLY A 93 7.66 9.18 5.26
C GLY A 93 7.10 10.04 6.37
N GLY A 1 14.29 19.58 0.10
CA GLY A 1 13.98 19.58 -1.32
C GLY A 1 12.49 19.63 -1.59
N PRO A 2 12.13 19.83 -2.87
CA PRO A 2 10.73 19.90 -3.29
C PRO A 2 10.01 18.56 -3.18
N SER A 3 8.74 18.54 -3.54
CA SER A 3 7.94 17.32 -3.48
C SER A 3 8.01 16.56 -4.80
N ASN A 4 8.93 15.59 -4.88
CA ASN A 4 9.10 14.80 -6.08
C ASN A 4 8.78 13.33 -5.82
N LYS A 5 9.26 12.82 -4.70
CA LYS A 5 9.02 11.43 -4.32
C LYS A 5 8.70 11.31 -2.83
N ILE A 6 8.05 10.21 -2.46
CA ILE A 6 7.68 9.99 -1.07
C ILE A 6 7.63 8.50 -0.76
N LYS A 7 7.84 8.14 0.51
CA LYS A 7 7.81 6.76 0.95
C LYS A 7 6.38 6.25 1.05
N CYS A 8 6.17 4.98 0.73
CA CYS A 8 4.85 4.37 0.79
C CYS A 8 4.92 2.88 0.46
N SER A 9 3.88 2.15 0.86
CA SER A 9 3.82 0.71 0.62
C SER A 9 2.59 0.35 -0.21
N HIS A 10 2.30 -0.94 -0.30
CA HIS A 10 1.15 -1.42 -1.05
C HIS A 10 0.91 -2.91 -0.79
N ILE A 11 -0.36 -3.29 -0.74
CA ILE A 11 -0.73 -4.68 -0.50
C ILE A 11 -1.90 -5.10 -1.36
N LEU A 12 -1.72 -6.15 -2.15
CA LEU A 12 -2.76 -6.65 -3.04
C LEU A 12 -3.43 -7.89 -2.44
N VAL A 13 -4.76 -7.88 -2.39
CA VAL A 13 -5.52 -8.99 -1.85
C VAL A 13 -6.61 -9.44 -2.81
N SER A 14 -7.43 -10.39 -2.38
CA SER A 14 -8.51 -10.91 -3.21
C SER A 14 -9.87 -10.51 -2.63
N LYS A 15 -9.90 -10.23 -1.33
CA LYS A 15 -11.13 -9.83 -0.65
C LYS A 15 -10.90 -8.61 0.22
N GLN A 16 -11.96 -7.84 0.45
CA GLN A 16 -11.87 -6.65 1.29
C GLN A 16 -11.56 -7.02 2.72
N SER A 17 -11.92 -8.23 3.12
CA SER A 17 -11.68 -8.69 4.48
C SER A 17 -10.19 -8.69 4.80
N GLU A 18 -9.37 -8.75 3.76
CA GLU A 18 -7.92 -8.77 3.92
C GLU A 18 -7.34 -7.37 3.77
N ALA A 19 -7.73 -6.69 2.68
CA ALA A 19 -7.25 -5.34 2.42
C ALA A 19 -7.70 -4.38 3.50
N LEU A 20 -9.01 -4.35 3.77
CA LEU A 20 -9.56 -3.47 4.79
C LEU A 20 -8.99 -3.80 6.17
N ALA A 21 -8.52 -5.04 6.32
CA ALA A 21 -7.95 -5.47 7.59
C ALA A 21 -6.57 -4.86 7.82
N ILE A 22 -6.04 -4.20 6.79
CA ILE A 22 -4.74 -3.57 6.88
C ILE A 22 -4.81 -2.26 7.66
N MET A 23 -6.00 -1.70 7.76
CA MET A 23 -6.20 -0.45 8.49
C MET A 23 -6.78 -0.72 9.88
N GLU A 24 -6.98 -2.01 10.19
CA GLU A 24 -7.53 -2.39 11.49
C GLU A 24 -6.53 -3.25 12.26
N LYS A 25 -5.73 -4.02 11.52
CA LYS A 25 -4.74 -4.89 12.13
C LYS A 25 -3.66 -4.07 12.85
N LEU A 26 -2.98 -3.22 12.10
CA LEU A 26 -1.93 -2.38 12.66
C LEU A 26 -2.47 -1.52 13.80
N LYS A 27 -3.78 -1.29 13.79
CA LYS A 27 -4.42 -0.48 14.83
C LYS A 27 -4.11 -1.05 16.22
N SER A 28 -3.87 -2.35 16.27
CA SER A 28 -3.56 -3.02 17.54
C SER A 28 -2.10 -2.83 17.92
N GLY A 29 -1.26 -2.61 16.91
CA GLY A 29 0.16 -2.42 17.16
C GLY A 29 1.02 -3.39 16.38
N GLU A 30 0.53 -3.82 15.22
CA GLU A 30 1.27 -4.75 14.38
C GLU A 30 2.14 -4.02 13.37
N LYS A 31 2.66 -4.75 12.40
CA LYS A 31 3.51 -4.17 11.36
C LYS A 31 2.89 -4.33 9.99
N PHE A 32 2.87 -3.24 9.23
CA PHE A 32 2.30 -3.26 7.89
C PHE A 32 2.89 -4.39 7.05
N GLY A 33 4.22 -4.50 7.07
CA GLY A 33 4.89 -5.53 6.31
C GLY A 33 4.46 -6.93 6.75
N LYS A 34 4.17 -7.08 8.03
CA LYS A 34 3.76 -8.37 8.58
C LYS A 34 2.60 -8.95 7.78
N LEU A 35 1.79 -8.08 7.19
CA LEU A 35 0.64 -8.50 6.40
C LEU A 35 0.93 -8.34 4.91
N ALA A 36 1.90 -7.49 4.58
CA ALA A 36 2.28 -7.25 3.19
C ALA A 36 3.10 -8.42 2.64
N LYS A 37 3.58 -9.27 3.54
CA LYS A 37 4.38 -10.43 3.15
C LYS A 37 3.53 -11.69 3.07
N GLU A 38 2.23 -11.53 3.29
CA GLU A 38 1.31 -12.66 3.25
C GLU A 38 0.08 -12.34 2.40
N LEU A 39 -0.57 -11.22 2.71
CA LEU A 39 -1.75 -10.79 1.98
C LEU A 39 -1.40 -10.38 0.56
N SER A 40 -0.31 -9.63 0.42
CA SER A 40 0.14 -9.17 -0.90
C SER A 40 0.28 -10.35 -1.86
N ILE A 41 -0.70 -10.49 -2.75
CA ILE A 41 -0.69 -11.57 -3.73
C ILE A 41 0.35 -11.32 -4.81
N ASP A 42 0.73 -10.06 -4.99
CA ASP A 42 1.72 -9.69 -5.99
C ASP A 42 3.07 -10.33 -5.68
N SER A 43 3.51 -11.22 -6.56
CA SER A 43 4.79 -11.91 -6.37
C SER A 43 5.91 -10.91 -6.13
N GLY A 44 5.85 -9.76 -6.81
CA GLY A 44 6.86 -8.75 -6.65
C GLY A 44 6.50 -7.73 -5.58
N SER A 45 6.07 -8.22 -4.42
CA SER A 45 5.67 -7.35 -3.32
C SER A 45 5.70 -8.11 -1.99
N ALA A 46 5.23 -9.34 -2.02
CA ALA A 46 5.20 -10.17 -0.82
C ALA A 46 6.61 -10.47 -0.33
N LYS A 47 7.60 -10.21 -1.18
CA LYS A 47 9.00 -10.46 -0.83
C LYS A 47 9.65 -9.20 -0.27
N LYS A 48 9.01 -8.05 -0.51
CA LYS A 48 9.53 -6.78 -0.03
C LYS A 48 8.54 -6.12 0.93
N ASN A 49 7.69 -6.92 1.55
CA ASN A 49 6.69 -6.43 2.49
C ASN A 49 5.89 -5.29 1.86
N GLY A 50 5.71 -5.35 0.54
CA GLY A 50 4.95 -4.33 -0.16
C GLY A 50 5.53 -2.94 0.05
N ASN A 51 6.80 -2.88 0.44
CA ASN A 51 7.47 -1.61 0.68
C ASN A 51 8.24 -1.16 -0.56
N LEU A 52 7.54 -0.54 -1.50
CA LEU A 52 8.14 -0.06 -2.74
C LEU A 52 9.12 1.08 -2.45
N GLY A 53 9.04 1.63 -1.24
CA GLY A 53 9.93 2.73 -0.87
C GLY A 53 9.48 4.05 -1.45
N TYR A 54 10.40 4.75 -2.10
CA TYR A 54 10.09 6.04 -2.70
C TYR A 54 9.61 5.88 -4.13
N PHE A 55 8.58 6.64 -4.49
CA PHE A 55 8.01 6.58 -5.84
C PHE A 55 7.60 7.97 -6.32
N THR A 56 7.11 8.04 -7.55
CA THR A 56 6.68 9.30 -8.12
C THR A 56 5.50 9.11 -9.07
N LYS A 57 5.08 10.18 -9.72
CA LYS A 57 3.96 10.13 -10.67
C LYS A 57 4.41 9.55 -12.00
N GLY A 58 3.95 8.34 -12.30
CA GLY A 58 4.30 7.69 -13.55
C GLY A 58 5.04 6.37 -13.34
N MET A 59 5.04 5.89 -12.10
CA MET A 59 5.71 4.64 -11.77
C MET A 59 4.70 3.59 -11.30
N MET A 60 3.42 3.95 -11.31
CA MET A 60 2.36 3.04 -10.89
C MET A 60 1.16 3.14 -11.83
N VAL A 61 0.05 2.52 -11.43
CA VAL A 61 -1.15 2.53 -12.24
C VAL A 61 -2.12 3.62 -11.78
N LYS A 62 -3.08 3.94 -12.63
CA LYS A 62 -4.06 4.98 -12.31
C LYS A 62 -4.74 4.69 -10.97
N PRO A 63 -5.38 3.52 -10.87
CA PRO A 63 -6.07 3.10 -9.65
C PRO A 63 -5.11 2.77 -8.51
N PHE A 64 -4.13 3.65 -8.30
CA PHE A 64 -3.14 3.46 -7.26
C PHE A 64 -2.35 4.74 -7.01
N GLU A 65 -1.65 5.20 -8.04
CA GLU A 65 -0.84 6.41 -7.94
C GLU A 65 -1.67 7.56 -7.38
N ASP A 66 -2.91 7.68 -7.86
CA ASP A 66 -3.80 8.74 -7.41
C ASP A 66 -3.90 8.76 -5.89
N ALA A 67 -4.25 7.62 -5.31
CA ALA A 67 -4.38 7.51 -3.87
C ALA A 67 -3.10 6.97 -3.24
N ALA A 68 -1.97 7.27 -3.86
CA ALA A 68 -0.67 6.81 -3.37
C ALA A 68 0.05 7.93 -2.63
N PHE A 69 -0.23 9.17 -3.02
CA PHE A 69 0.40 10.33 -2.38
C PHE A 69 -0.64 11.21 -1.69
N LYS A 70 -1.91 10.83 -1.84
CA LYS A 70 -3.01 11.58 -1.23
C LYS A 70 -3.06 11.33 0.27
N LEU A 71 -2.31 10.34 0.74
CA LEU A 71 -2.28 10.00 2.16
C LEU A 71 -1.26 10.86 2.89
N GLN A 72 -1.06 10.57 4.18
CA GLN A 72 -0.12 11.32 5.00
C GLN A 72 0.80 10.37 5.76
N VAL A 73 1.92 10.91 6.24
CA VAL A 73 2.89 10.12 6.99
C VAL A 73 2.21 9.33 8.11
N GLY A 74 2.03 8.04 7.89
CA GLY A 74 1.40 7.20 8.89
C GLY A 74 -0.11 7.08 8.68
N GLU A 75 -0.51 6.96 7.42
CA GLU A 75 -1.92 6.84 7.08
C GLU A 75 -2.14 5.75 6.02
N VAL A 76 -3.18 4.95 6.21
CA VAL A 76 -3.49 3.88 5.28
C VAL A 76 -4.57 4.31 4.28
N SER A 77 -4.41 3.91 3.03
CA SER A 77 -5.37 4.25 1.99
C SER A 77 -6.56 3.30 2.01
N GLU A 78 -7.36 3.35 0.95
CA GLU A 78 -8.54 2.48 0.85
C GLU A 78 -8.30 1.36 -0.15
N PRO A 79 -9.13 0.30 -0.07
CA PRO A 79 -9.03 -0.86 -0.95
C PRO A 79 -9.44 -0.53 -2.39
N ILE A 80 -8.49 -0.01 -3.17
CA ILE A 80 -8.76 0.34 -4.55
C ILE A 80 -8.79 -0.90 -5.44
N LYS A 81 -9.98 -1.23 -5.94
CA LYS A 81 -10.16 -2.40 -6.80
C LYS A 81 -9.60 -2.12 -8.19
N SER A 82 -8.61 -2.92 -8.59
CA SER A 82 -7.98 -2.77 -9.90
C SER A 82 -7.73 -4.13 -10.54
N GLU A 83 -7.02 -4.12 -11.67
CA GLU A 83 -6.71 -5.36 -12.38
C GLU A 83 -5.96 -6.33 -11.48
N PHE A 84 -5.28 -5.79 -10.47
CA PHE A 84 -4.51 -6.61 -9.55
C PHE A 84 -5.31 -6.89 -8.28
N GLY A 85 -6.32 -6.07 -8.03
CA GLY A 85 -7.15 -6.23 -6.85
C GLY A 85 -7.17 -5.00 -5.97
N TYR A 86 -7.43 -5.21 -4.68
CA TYR A 86 -7.48 -4.11 -3.73
C TYR A 86 -6.07 -3.62 -3.38
N HIS A 87 -5.82 -2.34 -3.61
CA HIS A 87 -4.51 -1.75 -3.32
C HIS A 87 -4.55 -0.99 -2.01
N ILE A 88 -3.67 -1.37 -1.08
CA ILE A 88 -3.61 -0.71 0.23
C ILE A 88 -2.29 0.05 0.39
N ILE A 89 -2.30 1.31 -0.05
CA ILE A 89 -1.12 2.15 0.05
C ILE A 89 -1.00 2.79 1.43
N LYS A 90 0.20 2.76 1.99
CA LYS A 90 0.45 3.33 3.32
C LYS A 90 1.74 4.13 3.33
N ARG A 91 1.65 5.40 3.68
CA ARG A 91 2.82 6.28 3.73
C ARG A 91 3.73 5.89 4.90
N PHE A 92 5.03 6.01 4.67
CA PHE A 92 6.01 5.67 5.69
C PHE A 92 6.88 6.88 6.05
N GLY A 93 7.10 7.75 5.06
CA GLY A 93 7.91 8.93 5.29
C GLY A 93 7.41 9.75 6.46
N GLY A 1 18.79 15.51 -10.63
CA GLY A 1 19.01 15.59 -9.19
C GLY A 1 17.71 15.75 -8.41
N PRO A 2 17.14 16.95 -8.47
CA PRO A 2 15.89 17.26 -7.76
C PRO A 2 14.68 16.56 -8.39
N SER A 3 13.92 15.86 -7.56
CA SER A 3 12.74 15.13 -8.03
C SER A 3 11.70 15.01 -6.92
N ASN A 4 10.47 14.70 -7.32
CA ASN A 4 9.38 14.56 -6.35
C ASN A 4 9.10 13.08 -6.06
N LYS A 5 9.26 12.69 -4.80
CA LYS A 5 9.02 11.31 -4.40
C LYS A 5 8.68 11.24 -2.90
N ILE A 6 8.04 10.15 -2.50
CA ILE A 6 7.66 9.96 -1.11
C ILE A 6 7.60 8.48 -0.76
N LYS A 7 7.82 8.16 0.52
CA LYS A 7 7.78 6.79 0.98
C LYS A 7 6.35 6.28 1.08
N CYS A 8 6.15 5.00 0.78
CA CYS A 8 4.83 4.39 0.83
C CYS A 8 4.89 2.90 0.52
N SER A 9 3.87 2.17 0.94
CA SER A 9 3.81 0.74 0.71
C SER A 9 2.61 0.37 -0.16
N HIS A 10 2.31 -0.93 -0.22
CA HIS A 10 1.18 -1.41 -1.02
C HIS A 10 0.94 -2.90 -0.76
N ILE A 11 -0.32 -3.30 -0.81
CA ILE A 11 -0.69 -4.69 -0.59
C ILE A 11 -1.88 -5.09 -1.46
N LEU A 12 -1.72 -6.17 -2.21
CA LEU A 12 -2.78 -6.66 -3.09
C LEU A 12 -3.44 -7.90 -2.49
N VAL A 13 -4.77 -7.93 -2.53
CA VAL A 13 -5.52 -9.07 -2.01
C VAL A 13 -6.61 -9.50 -2.98
N SER A 14 -7.43 -10.45 -2.55
CA SER A 14 -8.52 -10.96 -3.38
C SER A 14 -9.86 -10.79 -2.69
N LYS A 15 -9.84 -10.12 -1.53
CA LYS A 15 -11.06 -9.88 -0.77
C LYS A 15 -10.94 -8.61 0.07
N GLN A 16 -12.05 -7.89 0.22
CA GLN A 16 -12.06 -6.67 0.99
C GLN A 16 -11.73 -6.94 2.46
N SER A 17 -12.09 -8.13 2.93
CA SER A 17 -11.83 -8.51 4.31
C SER A 17 -10.33 -8.46 4.62
N GLU A 18 -9.52 -8.54 3.57
CA GLU A 18 -8.08 -8.50 3.73
C GLU A 18 -7.54 -7.08 3.56
N ALA A 19 -7.91 -6.44 2.45
CA ALA A 19 -7.48 -5.08 2.16
C ALA A 19 -7.92 -4.12 3.26
N LEU A 20 -9.16 -4.29 3.72
CA LEU A 20 -9.70 -3.44 4.77
C LEU A 20 -9.24 -3.91 6.15
N ALA A 21 -8.50 -5.02 6.17
CA ALA A 21 -7.99 -5.57 7.42
C ALA A 21 -6.66 -4.93 7.82
N ILE A 22 -5.92 -4.46 6.82
CA ILE A 22 -4.63 -3.83 7.07
C ILE A 22 -4.80 -2.50 7.81
N MET A 23 -5.99 -1.91 7.68
CA MET A 23 -6.29 -0.64 8.35
C MET A 23 -6.77 -0.89 9.77
N GLU A 24 -6.99 -2.15 10.11
CA GLU A 24 -7.46 -2.51 11.45
C GLU A 24 -6.34 -3.15 12.26
N LYS A 25 -5.70 -4.16 11.69
CA LYS A 25 -4.61 -4.85 12.36
C LYS A 25 -3.52 -3.88 12.78
N LEU A 26 -3.30 -2.86 11.97
CA LEU A 26 -2.29 -1.85 12.27
C LEU A 26 -2.91 -0.63 12.96
N LYS A 27 -4.07 -0.85 13.57
CA LYS A 27 -4.77 0.23 14.27
C LYS A 27 -3.84 0.92 15.26
N SER A 28 -2.92 0.16 15.83
CA SER A 28 -1.97 0.70 16.81
C SER A 28 -0.58 0.82 16.19
N GLY A 29 -0.31 0.01 15.17
CA GLY A 29 0.98 0.05 14.52
C GLY A 29 1.75 -1.25 14.68
N GLU A 30 1.07 -2.37 14.46
CA GLU A 30 1.69 -3.68 14.59
C GLU A 30 2.89 -3.81 13.65
N LYS A 31 2.61 -4.00 12.37
CA LYS A 31 3.65 -4.13 11.36
C LYS A 31 3.06 -4.32 9.97
N PHE A 32 3.04 -3.25 9.20
CA PHE A 32 2.49 -3.30 7.84
C PHE A 32 3.10 -4.44 7.05
N GLY A 33 4.42 -4.60 7.17
CA GLY A 33 5.11 -5.66 6.46
C GLY A 33 4.60 -7.04 6.83
N LYS A 34 4.15 -7.18 8.07
CA LYS A 34 3.62 -8.46 8.55
C LYS A 34 2.37 -8.87 7.76
N LEU A 35 1.73 -7.89 7.14
CA LEU A 35 0.53 -8.14 6.36
C LEU A 35 0.84 -8.15 4.86
N ALA A 36 1.88 -7.40 4.48
CA ALA A 36 2.28 -7.33 3.08
C ALA A 36 3.08 -8.57 2.67
N LYS A 37 3.63 -9.27 3.66
CA LYS A 37 4.42 -10.47 3.41
C LYS A 37 3.51 -11.69 3.28
N GLU A 38 2.21 -11.47 3.35
CA GLU A 38 1.24 -12.55 3.24
C GLU A 38 0.06 -12.13 2.37
N LEU A 39 -0.65 -11.08 2.79
CA LEU A 39 -1.80 -10.59 2.06
C LEU A 39 -1.43 -10.24 0.62
N SER A 40 -0.35 -9.47 0.46
CA SER A 40 0.12 -9.08 -0.86
C SER A 40 0.27 -10.28 -1.77
N ILE A 41 -0.67 -10.44 -2.70
CA ILE A 41 -0.65 -11.56 -3.63
C ILE A 41 0.39 -11.33 -4.73
N ASP A 42 0.73 -10.06 -4.96
CA ASP A 42 1.71 -9.70 -5.98
C ASP A 42 3.06 -10.32 -5.67
N SER A 43 3.49 -11.26 -6.51
CA SER A 43 4.78 -11.93 -6.34
C SER A 43 5.90 -10.91 -6.15
N GLY A 44 5.83 -9.82 -6.90
CA GLY A 44 6.84 -8.78 -6.81
C GLY A 44 6.50 -7.73 -5.78
N SER A 45 6.07 -8.16 -4.61
CA SER A 45 5.70 -7.24 -3.53
C SER A 45 5.74 -7.94 -2.18
N ALA A 46 5.24 -9.17 -2.13
CA ALA A 46 5.22 -9.96 -0.91
C ALA A 46 6.64 -10.28 -0.45
N LYS A 47 7.61 -10.08 -1.33
CA LYS A 47 9.00 -10.36 -1.01
C LYS A 47 9.67 -9.14 -0.37
N LYS A 48 9.08 -7.96 -0.59
CA LYS A 48 9.61 -6.72 -0.04
C LYS A 48 8.62 -6.11 0.94
N ASN A 49 7.81 -6.95 1.57
CA ASN A 49 6.81 -6.48 2.53
C ASN A 49 5.96 -5.36 1.95
N GLY A 50 5.77 -5.41 0.62
CA GLY A 50 4.97 -4.39 -0.04
C GLY A 50 5.53 -2.99 0.18
N ASN A 51 6.79 -2.92 0.56
CA ASN A 51 7.45 -1.62 0.79
C ASN A 51 8.23 -1.18 -0.44
N LEU A 52 7.52 -0.57 -1.38
CA LEU A 52 8.15 -0.08 -2.61
C LEU A 52 9.10 1.07 -2.31
N GLY A 53 9.00 1.63 -1.12
CA GLY A 53 9.87 2.73 -0.73
C GLY A 53 9.44 4.04 -1.34
N TYR A 54 10.37 4.73 -1.99
CA TYR A 54 10.09 6.01 -2.63
C TYR A 54 9.61 5.81 -4.07
N PHE A 55 8.55 6.51 -4.44
CA PHE A 55 8.01 6.42 -5.78
C PHE A 55 7.63 7.80 -6.33
N THR A 56 7.20 7.84 -7.57
CA THR A 56 6.81 9.09 -8.21
C THR A 56 5.55 8.93 -9.06
N LYS A 57 5.14 10.01 -9.71
CA LYS A 57 3.95 9.97 -10.56
C LYS A 57 4.29 9.47 -11.95
N GLY A 58 3.89 8.24 -12.26
CA GLY A 58 4.16 7.67 -13.57
C GLY A 58 4.83 6.32 -13.48
N MET A 59 5.01 5.82 -12.26
CA MET A 59 5.64 4.52 -12.04
C MET A 59 4.63 3.49 -11.56
N MET A 60 3.37 3.91 -11.46
CA MET A 60 2.30 3.02 -11.02
C MET A 60 1.08 3.13 -11.94
N VAL A 61 -0.03 2.55 -11.51
CA VAL A 61 -1.26 2.57 -12.29
C VAL A 61 -2.19 3.69 -11.81
N LYS A 62 -3.25 3.94 -12.57
CA LYS A 62 -4.21 4.97 -12.22
C LYS A 62 -4.83 4.69 -10.85
N PRO A 63 -5.48 3.53 -10.71
CA PRO A 63 -6.13 3.12 -9.46
C PRO A 63 -5.11 2.78 -8.37
N PHE A 64 -4.13 3.66 -8.19
CA PHE A 64 -3.10 3.46 -7.18
C PHE A 64 -2.29 4.74 -6.97
N GLU A 65 -1.63 5.20 -8.03
CA GLU A 65 -0.82 6.41 -7.95
C GLU A 65 -1.63 7.57 -7.37
N ASP A 66 -2.82 7.78 -7.91
CA ASP A 66 -3.69 8.85 -7.44
C ASP A 66 -3.95 8.73 -5.95
N ALA A 67 -4.04 7.50 -5.47
CA ALA A 67 -4.29 7.23 -4.05
C ALA A 67 -3.05 6.68 -3.36
N ALA A 68 -1.88 7.17 -3.79
CA ALA A 68 -0.61 6.72 -3.22
C ALA A 68 0.11 7.88 -2.53
N PHE A 69 -0.26 9.10 -2.90
CA PHE A 69 0.35 10.29 -2.32
C PHE A 69 -0.69 11.21 -1.69
N LYS A 70 -1.95 10.78 -1.77
CA LYS A 70 -3.05 11.57 -1.22
C LYS A 70 -3.35 11.13 0.21
N LEU A 71 -2.43 10.39 0.82
CA LEU A 71 -2.60 9.91 2.18
C LEU A 71 -1.79 10.77 3.16
N GLN A 72 -1.97 10.50 4.45
CA GLN A 72 -1.26 11.25 5.49
C GLN A 72 0.00 10.52 5.92
N VAL A 73 0.83 11.21 6.69
CA VAL A 73 2.08 10.62 7.18
C VAL A 73 1.81 9.43 8.09
N GLY A 74 1.80 8.24 7.50
CA GLY A 74 1.54 7.03 8.28
C GLY A 74 0.08 6.62 8.25
N GLU A 75 -0.63 7.02 7.21
CA GLU A 75 -2.04 6.70 7.07
C GLU A 75 -2.26 5.68 5.95
N VAL A 76 -3.16 4.72 6.21
CA VAL A 76 -3.46 3.69 5.23
C VAL A 76 -4.57 4.13 4.29
N SER A 77 -4.40 3.85 3.00
CA SER A 77 -5.39 4.23 1.99
C SER A 77 -6.57 3.24 2.00
N GLU A 78 -7.45 3.40 1.02
CA GLU A 78 -8.63 2.53 0.91
C GLU A 78 -8.37 1.41 -0.08
N PRO A 79 -9.18 0.34 -0.01
CA PRO A 79 -9.07 -0.82 -0.89
C PRO A 79 -9.48 -0.49 -2.32
N ILE A 80 -8.53 0.03 -3.10
CA ILE A 80 -8.80 0.38 -4.50
C ILE A 80 -8.83 -0.86 -5.38
N LYS A 81 -10.03 -1.21 -5.85
CA LYS A 81 -10.20 -2.38 -6.72
C LYS A 81 -9.66 -2.10 -8.11
N SER A 82 -8.65 -2.86 -8.51
CA SER A 82 -8.04 -2.71 -9.83
C SER A 82 -7.80 -4.06 -10.48
N GLU A 83 -7.09 -4.04 -11.61
CA GLU A 83 -6.80 -5.27 -12.34
C GLU A 83 -6.04 -6.26 -11.46
N PHE A 84 -5.26 -5.72 -10.52
CA PHE A 84 -4.48 -6.56 -9.60
C PHE A 84 -5.27 -6.86 -8.34
N GLY A 85 -6.27 -6.03 -8.05
CA GLY A 85 -7.09 -6.23 -6.87
C GLY A 85 -7.12 -5.00 -5.98
N TYR A 86 -7.40 -5.21 -4.70
CA TYR A 86 -7.46 -4.11 -3.74
C TYR A 86 -6.05 -3.64 -3.36
N HIS A 87 -5.78 -2.36 -3.61
CA HIS A 87 -4.47 -1.79 -3.29
C HIS A 87 -4.52 -1.01 -1.98
N ILE A 88 -3.62 -1.35 -1.07
CA ILE A 88 -3.57 -0.69 0.23
C ILE A 88 -2.27 0.09 0.39
N ILE A 89 -2.25 1.33 -0.10
CA ILE A 89 -1.07 2.17 -0.01
C ILE A 89 -0.97 2.84 1.36
N LYS A 90 0.19 2.75 1.97
CA LYS A 90 0.42 3.34 3.29
C LYS A 90 1.71 4.15 3.31
N ARG A 91 1.59 5.44 3.59
CA ARG A 91 2.76 6.32 3.65
C ARG A 91 3.64 5.98 4.85
N PHE A 92 4.95 6.12 4.66
CA PHE A 92 5.91 5.84 5.72
C PHE A 92 6.74 7.07 6.06
N GLY A 93 6.99 7.89 5.05
CA GLY A 93 7.78 9.10 5.26
C GLY A 93 7.24 9.95 6.39
N GLY A 1 13.53 20.44 -0.54
CA GLY A 1 12.50 21.40 -0.88
C GLY A 1 11.39 20.79 -1.73
N PRO A 2 11.70 20.56 -3.02
CA PRO A 2 10.74 19.99 -3.96
C PRO A 2 10.45 18.52 -3.67
N SER A 3 9.17 18.19 -3.51
CA SER A 3 8.76 16.81 -3.22
C SER A 3 8.57 16.03 -4.51
N ASN A 4 9.62 15.39 -4.98
CA ASN A 4 9.57 14.60 -6.21
C ASN A 4 9.11 13.18 -5.90
N LYS A 5 9.57 12.63 -4.79
CA LYS A 5 9.20 11.27 -4.39
C LYS A 5 8.86 11.21 -2.91
N ILE A 6 8.18 10.15 -2.51
CA ILE A 6 7.79 9.97 -1.12
C ILE A 6 7.68 8.50 -0.75
N LYS A 7 7.94 8.18 0.51
CA LYS A 7 7.87 6.80 0.99
C LYS A 7 6.42 6.31 1.01
N CYS A 8 6.24 5.03 0.70
CA CYS A 8 4.91 4.43 0.68
C CYS A 8 4.98 2.93 0.44
N SER A 9 3.86 2.24 0.65
CA SER A 9 3.81 0.80 0.45
C SER A 9 2.57 0.40 -0.34
N HIS A 10 2.29 -0.90 -0.39
CA HIS A 10 1.13 -1.41 -1.11
C HIS A 10 0.90 -2.89 -0.79
N ILE A 11 -0.37 -3.29 -0.83
CA ILE A 11 -0.72 -4.68 -0.55
C ILE A 11 -1.92 -5.12 -1.38
N LEU A 12 -1.71 -6.15 -2.20
CA LEU A 12 -2.78 -6.66 -3.06
C LEU A 12 -3.42 -7.90 -2.43
N VAL A 13 -4.75 -7.97 -2.49
CA VAL A 13 -5.48 -9.09 -1.93
C VAL A 13 -6.58 -9.56 -2.88
N SER A 14 -7.38 -10.51 -2.43
CA SER A 14 -8.47 -11.05 -3.24
C SER A 14 -9.83 -10.71 -2.63
N LYS A 15 -9.82 -10.40 -1.34
CA LYS A 15 -11.04 -10.06 -0.63
C LYS A 15 -10.85 -8.79 0.20
N GLN A 16 -11.93 -8.04 0.38
CA GLN A 16 -11.88 -6.81 1.16
C GLN A 16 -11.52 -7.10 2.61
N SER A 17 -11.86 -8.30 3.07
CA SER A 17 -11.58 -8.70 4.44
C SER A 17 -10.07 -8.74 4.70
N GLU A 18 -9.29 -8.78 3.62
CA GLU A 18 -7.84 -8.82 3.73
C GLU A 18 -7.24 -7.42 3.53
N ALA A 19 -7.72 -6.73 2.52
CA ALA A 19 -7.24 -5.38 2.21
C ALA A 19 -7.66 -4.40 3.30
N LEU A 20 -8.95 -4.40 3.63
CA LEU A 20 -9.48 -3.51 4.65
C LEU A 20 -8.99 -3.91 6.04
N ALA A 21 -8.38 -5.08 6.13
CA ALA A 21 -7.86 -5.58 7.39
C ALA A 21 -6.51 -4.95 7.71
N ILE A 22 -5.99 -4.18 6.77
CA ILE A 22 -4.70 -3.52 6.96
C ILE A 22 -4.83 -2.29 7.86
N MET A 23 -6.05 -1.78 7.97
CA MET A 23 -6.32 -0.61 8.81
C MET A 23 -6.80 -1.03 10.20
N GLU A 24 -7.32 -2.26 10.29
CA GLU A 24 -7.83 -2.78 11.55
C GLU A 24 -6.72 -3.52 12.31
N LYS A 25 -5.82 -4.14 11.57
CA LYS A 25 -4.71 -4.88 12.17
C LYS A 25 -3.65 -3.93 12.70
N LEU A 26 -3.40 -2.85 11.97
CA LEU A 26 -2.40 -1.86 12.39
C LEU A 26 -3.06 -0.70 13.13
N LYS A 27 -4.20 -0.97 13.75
CA LYS A 27 -4.93 0.04 14.49
C LYS A 27 -4.02 0.72 15.52
N SER A 28 -3.01 -0.02 15.99
CA SER A 28 -2.08 0.51 16.98
C SER A 28 -0.69 0.66 16.38
N GLY A 29 -0.41 -0.13 15.34
CA GLY A 29 0.88 -0.08 14.70
C GLY A 29 1.67 -1.37 14.82
N GLU A 30 1.01 -2.48 14.50
CA GLU A 30 1.63 -3.80 14.58
C GLU A 30 2.83 -3.88 13.63
N LYS A 31 2.54 -4.04 12.35
CA LYS A 31 3.59 -4.13 11.34
C LYS A 31 2.99 -4.29 9.94
N PHE A 32 2.99 -3.21 9.17
CA PHE A 32 2.44 -3.23 7.82
C PHE A 32 3.03 -4.38 7.01
N GLY A 33 4.33 -4.61 7.18
CA GLY A 33 5.00 -5.68 6.46
C GLY A 33 4.48 -7.05 6.85
N LYS A 34 4.12 -7.21 8.12
CA LYS A 34 3.60 -8.48 8.62
C LYS A 34 2.38 -8.92 7.82
N LEU A 35 1.69 -7.96 7.21
CA LEU A 35 0.51 -8.25 6.41
C LEU A 35 0.84 -8.23 4.92
N ALA A 36 1.84 -7.42 4.56
CA ALA A 36 2.25 -7.32 3.17
C ALA A 36 3.08 -8.52 2.74
N LYS A 37 3.62 -9.24 3.73
CA LYS A 37 4.43 -10.42 3.45
C LYS A 37 3.56 -11.67 3.31
N GLU A 38 2.25 -11.46 3.35
CA GLU A 38 1.30 -12.57 3.23
C GLU A 38 0.11 -12.18 2.35
N LEU A 39 -0.62 -11.17 2.78
CA LEU A 39 -1.79 -10.69 2.04
C LEU A 39 -1.41 -10.34 0.61
N SER A 40 -0.33 -9.58 0.45
CA SER A 40 0.15 -9.16 -0.86
C SER A 40 0.25 -10.36 -1.80
N ILE A 41 -0.72 -10.48 -2.71
CA ILE A 41 -0.74 -11.57 -3.67
C ILE A 41 0.30 -11.36 -4.77
N ASP A 42 0.68 -10.11 -4.98
CA ASP A 42 1.67 -9.76 -6.00
C ASP A 42 3.03 -10.39 -5.67
N SER A 43 3.44 -11.34 -6.49
CA SER A 43 4.72 -12.02 -6.29
C SER A 43 5.85 -11.01 -6.12
N GLY A 44 5.71 -9.87 -6.79
CA GLY A 44 6.73 -8.84 -6.70
C GLY A 44 6.44 -7.82 -5.60
N SER A 45 6.03 -8.32 -4.44
CA SER A 45 5.71 -7.44 -3.32
C SER A 45 5.79 -8.20 -1.99
N ALA A 46 5.22 -9.39 -1.97
CA ALA A 46 5.23 -10.23 -0.78
C ALA A 46 6.65 -10.51 -0.31
N LYS A 47 7.61 -10.35 -1.22
CA LYS A 47 9.01 -10.58 -0.91
C LYS A 47 9.65 -9.32 -0.33
N LYS A 48 9.03 -8.18 -0.57
CA LYS A 48 9.54 -6.91 -0.06
C LYS A 48 8.52 -6.24 0.88
N ASN A 49 7.67 -7.07 1.49
CA ASN A 49 6.66 -6.56 2.41
C ASN A 49 5.86 -5.43 1.77
N GLY A 50 5.67 -5.52 0.46
CA GLY A 50 4.92 -4.49 -0.25
C GLY A 50 5.46 -3.10 0.02
N ASN A 51 6.74 -3.01 0.36
CA ASN A 51 7.37 -1.73 0.65
C ASN A 51 8.16 -1.23 -0.56
N LEU A 52 7.48 -0.59 -1.49
CA LEU A 52 8.13 -0.07 -2.69
C LEU A 52 9.07 1.09 -2.35
N GLY A 53 8.96 1.58 -1.12
CA GLY A 53 9.80 2.68 -0.68
C GLY A 53 9.39 4.01 -1.29
N TYR A 54 10.32 4.67 -1.96
CA TYR A 54 10.05 5.96 -2.59
C TYR A 54 9.57 5.78 -4.03
N PHE A 55 8.54 6.53 -4.40
CA PHE A 55 7.99 6.45 -5.75
C PHE A 55 7.62 7.84 -6.26
N THR A 56 7.15 7.90 -7.51
CA THR A 56 6.78 9.16 -8.12
C THR A 56 5.57 8.99 -9.05
N LYS A 57 5.10 10.09 -9.62
CA LYS A 57 3.96 10.05 -10.52
C LYS A 57 4.37 9.52 -11.89
N GLY A 58 3.95 8.29 -12.20
CA GLY A 58 4.28 7.69 -13.47
C GLY A 58 4.98 6.36 -13.32
N MET A 59 5.04 5.86 -12.09
CA MET A 59 5.68 4.58 -11.81
C MET A 59 4.66 3.55 -11.34
N MET A 60 3.39 3.94 -11.32
CA MET A 60 2.32 3.05 -10.90
C MET A 60 1.13 3.15 -11.84
N VAL A 61 0.01 2.55 -11.44
CA VAL A 61 -1.21 2.58 -12.25
C VAL A 61 -2.15 3.68 -11.79
N LYS A 62 -3.15 3.97 -12.62
CA LYS A 62 -4.13 5.01 -12.28
C LYS A 62 -4.79 4.74 -10.94
N PRO A 63 -5.44 3.57 -10.83
CA PRO A 63 -6.12 3.16 -9.59
C PRO A 63 -5.14 2.83 -8.47
N PHE A 64 -4.17 3.70 -8.26
CA PHE A 64 -3.17 3.51 -7.23
C PHE A 64 -2.36 4.78 -6.99
N GLU A 65 -1.67 5.24 -8.03
CA GLU A 65 -0.86 6.45 -7.94
C GLU A 65 -1.67 7.60 -7.38
N ASP A 66 -2.87 7.81 -7.92
CA ASP A 66 -3.74 8.88 -7.47
C ASP A 66 -3.94 8.83 -5.96
N ALA A 67 -4.12 7.62 -5.43
CA ALA A 67 -4.31 7.42 -4.00
C ALA A 67 -3.07 6.84 -3.35
N ALA A 68 -1.91 7.29 -3.80
CA ALA A 68 -0.64 6.81 -3.27
C ALA A 68 0.12 7.94 -2.58
N PHE A 69 -0.15 9.17 -2.99
CA PHE A 69 0.52 10.33 -2.41
C PHE A 69 -0.50 11.26 -1.74
N LYS A 70 -1.78 10.91 -1.87
CA LYS A 70 -2.85 11.71 -1.27
C LYS A 70 -3.16 11.25 0.15
N LEU A 71 -2.29 10.40 0.69
CA LEU A 71 -2.46 9.88 2.04
C LEU A 71 -1.71 10.74 3.06
N GLN A 72 -1.96 10.49 4.34
CA GLN A 72 -1.30 11.23 5.40
C GLN A 72 -0.07 10.50 5.92
N VAL A 73 0.75 11.18 6.69
CA VAL A 73 1.96 10.59 7.26
C VAL A 73 1.62 9.40 8.15
N GLY A 74 1.74 8.20 7.60
CA GLY A 74 1.45 7.00 8.37
C GLY A 74 -0.03 6.62 8.31
N GLU A 75 -0.70 7.03 7.25
CA GLU A 75 -2.12 6.74 7.08
C GLU A 75 -2.34 5.72 5.96
N VAL A 76 -3.22 4.76 6.21
CA VAL A 76 -3.53 3.73 5.22
C VAL A 76 -4.65 4.18 4.29
N SER A 77 -4.47 3.92 3.00
CA SER A 77 -5.45 4.30 1.99
C SER A 77 -6.64 3.33 2.00
N GLU A 78 -7.46 3.40 0.96
CA GLU A 78 -8.63 2.54 0.86
C GLU A 78 -8.37 1.39 -0.13
N PRO A 79 -9.18 0.34 -0.03
CA PRO A 79 -9.06 -0.83 -0.92
C PRO A 79 -9.48 -0.52 -2.34
N ILE A 80 -8.55 0.01 -3.13
CA ILE A 80 -8.82 0.35 -4.52
C ILE A 80 -8.87 -0.90 -5.39
N LYS A 81 -10.06 -1.23 -5.87
CA LYS A 81 -10.24 -2.40 -6.72
C LYS A 81 -9.70 -2.15 -8.12
N SER A 82 -8.64 -2.87 -8.49
CA SER A 82 -8.02 -2.71 -9.80
C SER A 82 -7.80 -4.07 -10.46
N GLU A 83 -7.10 -4.08 -11.59
CA GLU A 83 -6.82 -5.30 -12.32
C GLU A 83 -6.02 -6.27 -11.45
N PHE A 84 -5.28 -5.73 -10.48
CA PHE A 84 -4.46 -6.55 -9.59
C PHE A 84 -5.22 -6.86 -8.30
N GLY A 85 -6.26 -6.08 -8.02
CA GLY A 85 -7.05 -6.28 -6.83
C GLY A 85 -7.10 -5.05 -5.95
N TYR A 86 -7.36 -5.25 -4.66
CA TYR A 86 -7.44 -4.15 -3.71
C TYR A 86 -6.04 -3.65 -3.33
N HIS A 87 -5.77 -2.39 -3.63
CA HIS A 87 -4.47 -1.79 -3.32
C HIS A 87 -4.52 -1.03 -2.00
N ILE A 88 -3.64 -1.38 -1.08
CA ILE A 88 -3.58 -0.73 0.21
C ILE A 88 -2.29 0.06 0.38
N ILE A 89 -2.30 1.31 -0.09
CA ILE A 89 -1.14 2.18 0.01
C ILE A 89 -1.03 2.80 1.39
N LYS A 90 0.19 2.81 1.94
CA LYS A 90 0.43 3.38 3.25
C LYS A 90 1.70 4.21 3.26
N ARG A 91 1.59 5.47 3.69
CA ARG A 91 2.75 6.36 3.75
C ARG A 91 3.62 6.04 4.95
N PHE A 92 4.93 6.18 4.78
CA PHE A 92 5.88 5.91 5.85
C PHE A 92 6.75 7.13 6.13
N GLY A 93 7.04 7.91 5.09
CA GLY A 93 7.85 9.09 5.25
C GLY A 93 7.34 10.01 6.34
N GLY A 1 11.96 21.03 1.55
CA GLY A 1 11.31 21.72 0.46
C GLY A 1 10.32 20.84 -0.28
N PRO A 2 9.86 21.31 -1.45
CA PRO A 2 8.90 20.57 -2.28
C PRO A 2 9.51 19.33 -2.90
N SER A 3 9.39 18.20 -2.21
CA SER A 3 9.93 16.94 -2.69
C SER A 3 9.14 16.43 -3.89
N ASN A 4 9.70 15.47 -4.60
CA ASN A 4 9.05 14.89 -5.77
C ASN A 4 8.61 13.46 -5.50
N LYS A 5 9.32 12.79 -4.60
CA LYS A 5 9.00 11.41 -4.25
C LYS A 5 8.71 11.29 -2.76
N ILE A 6 8.05 10.19 -2.38
CA ILE A 6 7.71 9.96 -0.98
C ILE A 6 7.65 8.46 -0.67
N LYS A 7 7.90 8.11 0.58
CA LYS A 7 7.87 6.72 1.00
C LYS A 7 6.44 6.21 1.11
N CYS A 8 6.24 4.95 0.77
CA CYS A 8 4.91 4.33 0.83
C CYS A 8 4.98 2.85 0.50
N SER A 9 3.93 2.12 0.90
CA SER A 9 3.88 0.68 0.65
C SER A 9 2.65 0.32 -0.19
N HIS A 10 2.36 -0.96 -0.27
CA HIS A 10 1.21 -1.45 -1.03
C HIS A 10 0.97 -2.93 -0.78
N ILE A 11 -0.31 -3.32 -0.77
CA ILE A 11 -0.68 -4.71 -0.54
C ILE A 11 -1.87 -5.11 -1.40
N LEU A 12 -1.70 -6.17 -2.18
CA LEU A 12 -2.76 -6.66 -3.05
C LEU A 12 -3.43 -7.89 -2.45
N VAL A 13 -4.76 -7.92 -2.52
CA VAL A 13 -5.53 -9.05 -1.98
C VAL A 13 -6.69 -9.39 -2.89
N SER A 14 -7.42 -10.46 -2.53
CA SER A 14 -8.56 -10.90 -3.32
C SER A 14 -9.85 -10.76 -2.53
N LYS A 15 -9.80 -9.98 -1.46
CA LYS A 15 -10.96 -9.76 -0.61
C LYS A 15 -10.93 -8.36 0.01
N GLN A 16 -12.09 -7.74 0.12
CA GLN A 16 -12.19 -6.40 0.69
C GLN A 16 -11.89 -6.44 2.19
N SER A 17 -12.18 -7.56 2.83
CA SER A 17 -11.94 -7.71 4.25
C SER A 17 -10.46 -7.92 4.54
N GLU A 18 -9.73 -8.41 3.55
CA GLU A 18 -8.30 -8.66 3.69
C GLU A 18 -7.51 -7.38 3.47
N ALA A 19 -7.99 -6.53 2.57
CA ALA A 19 -7.32 -5.27 2.26
C ALA A 19 -7.69 -4.20 3.28
N LEU A 20 -8.91 -4.26 3.81
CA LEU A 20 -9.37 -3.30 4.79
C LEU A 20 -8.98 -3.72 6.20
N ALA A 21 -8.31 -4.87 6.30
CA ALA A 21 -7.87 -5.39 7.59
C ALA A 21 -6.52 -4.80 7.98
N ILE A 22 -5.81 -4.24 7.01
CA ILE A 22 -4.51 -3.63 7.24
C ILE A 22 -4.66 -2.28 7.93
N MET A 23 -5.83 -1.68 7.82
CA MET A 23 -6.10 -0.39 8.43
C MET A 23 -6.79 -0.56 9.79
N GLU A 24 -7.12 -1.80 10.12
CA GLU A 24 -7.79 -2.10 11.39
C GLU A 24 -6.89 -2.95 12.29
N LYS A 25 -6.04 -3.76 11.67
CA LYS A 25 -5.13 -4.62 12.42
C LYS A 25 -4.00 -3.82 13.05
N LEU A 26 -3.32 -3.02 12.24
CA LEU A 26 -2.23 -2.19 12.72
C LEU A 26 -2.69 -1.28 13.84
N LYS A 27 -3.98 -0.98 13.86
CA LYS A 27 -4.56 -0.12 14.89
C LYS A 27 -4.23 -0.64 16.28
N SER A 28 -4.03 -1.95 16.38
CA SER A 28 -3.71 -2.57 17.66
C SER A 28 -2.23 -2.42 17.99
N GLY A 29 -1.41 -2.30 16.94
CA GLY A 29 0.03 -2.16 17.15
C GLY A 29 0.82 -3.21 16.40
N GLU A 30 0.43 -3.47 15.16
CA GLU A 30 1.11 -4.47 14.34
C GLU A 30 2.05 -3.80 13.34
N LYS A 31 2.54 -4.56 12.38
CA LYS A 31 3.44 -4.04 11.36
C LYS A 31 2.86 -4.24 9.96
N PHE A 32 2.86 -3.17 9.17
CA PHE A 32 2.34 -3.22 7.82
C PHE A 32 2.96 -4.39 7.04
N GLY A 33 4.29 -4.43 7.01
CA GLY A 33 4.97 -5.49 6.30
C GLY A 33 4.51 -6.87 6.73
N LYS A 34 4.22 -7.04 8.01
CA LYS A 34 3.76 -8.31 8.54
C LYS A 34 2.55 -8.82 7.76
N LEU A 35 1.79 -7.88 7.20
CA LEU A 35 0.59 -8.22 6.44
C LEU A 35 0.89 -8.21 4.94
N ALA A 36 1.93 -7.49 4.56
CA ALA A 36 2.32 -7.40 3.15
C ALA A 36 3.09 -8.63 2.71
N LYS A 37 3.65 -9.36 3.68
CA LYS A 37 4.41 -10.56 3.39
C LYS A 37 3.49 -11.77 3.25
N GLU A 38 2.19 -11.53 3.38
CA GLU A 38 1.20 -12.59 3.26
C GLU A 38 0.02 -12.16 2.40
N LEU A 39 -0.66 -11.10 2.83
CA LEU A 39 -1.80 -10.57 2.09
C LEU A 39 -1.43 -10.24 0.65
N SER A 40 -0.35 -9.47 0.50
CA SER A 40 0.12 -9.07 -0.83
C SER A 40 0.26 -10.28 -1.74
N ILE A 41 -0.70 -10.44 -2.65
CA ILE A 41 -0.68 -11.56 -3.59
C ILE A 41 0.34 -11.33 -4.70
N ASP A 42 0.69 -10.07 -4.93
CA ASP A 42 1.65 -9.71 -5.95
C ASP A 42 3.01 -10.34 -5.67
N SER A 43 3.43 -11.27 -6.51
CA SER A 43 4.70 -11.96 -6.34
C SER A 43 5.84 -10.95 -6.17
N GLY A 44 5.75 -9.84 -6.90
CA GLY A 44 6.77 -8.81 -6.81
C GLY A 44 6.44 -7.74 -5.77
N SER A 45 6.00 -8.19 -4.61
CA SER A 45 5.63 -7.27 -3.52
C SER A 45 5.69 -7.96 -2.17
N ALA A 46 5.20 -9.20 -2.13
CA ALA A 46 5.19 -9.98 -0.90
C ALA A 46 6.62 -10.30 -0.45
N LYS A 47 7.57 -10.11 -1.34
CA LYS A 47 8.97 -10.37 -1.04
C LYS A 47 9.64 -9.15 -0.42
N LYS A 48 9.04 -7.99 -0.63
CA LYS A 48 9.58 -6.75 -0.09
C LYS A 48 8.59 -6.11 0.89
N ASN A 49 7.74 -6.93 1.48
CA ASN A 49 6.75 -6.47 2.44
C ASN A 49 5.93 -5.31 1.86
N GLY A 50 5.75 -5.33 0.54
CA GLY A 50 4.99 -4.29 -0.12
C GLY A 50 5.60 -2.92 0.08
N ASN A 51 6.86 -2.88 0.49
CA ASN A 51 7.55 -1.62 0.72
C ASN A 51 8.32 -1.18 -0.53
N LEU A 52 7.60 -0.58 -1.47
CA LEU A 52 8.20 -0.10 -2.71
C LEU A 52 9.17 1.05 -2.44
N GLY A 53 9.09 1.62 -1.25
CA GLY A 53 9.97 2.72 -0.89
C GLY A 53 9.49 4.04 -1.44
N TYR A 54 10.39 4.76 -2.10
CA TYR A 54 10.06 6.06 -2.68
C TYR A 54 9.54 5.91 -4.10
N PHE A 55 8.51 6.67 -4.44
CA PHE A 55 7.92 6.62 -5.77
C PHE A 55 7.49 8.01 -6.24
N THR A 56 6.98 8.09 -7.46
CA THR A 56 6.53 9.36 -8.01
C THR A 56 5.34 9.17 -8.94
N LYS A 57 4.70 10.27 -9.32
CA LYS A 57 3.54 10.23 -10.20
C LYS A 57 3.94 9.75 -11.60
N GLY A 58 3.63 8.49 -11.90
CA GLY A 58 3.95 7.94 -13.20
C GLY A 58 4.71 6.63 -13.09
N MET A 59 4.89 6.14 -11.87
CA MET A 59 5.62 4.90 -11.63
C MET A 59 4.65 3.78 -11.24
N MET A 60 3.36 4.11 -11.22
CA MET A 60 2.34 3.12 -10.86
C MET A 60 1.14 3.23 -11.79
N VAL A 61 0.06 2.55 -11.44
CA VAL A 61 -1.17 2.57 -12.25
C VAL A 61 -2.13 3.66 -11.76
N LYS A 62 -3.12 3.97 -12.59
CA LYS A 62 -4.11 4.98 -12.25
C LYS A 62 -4.76 4.69 -10.91
N PRO A 63 -5.39 3.51 -10.81
CA PRO A 63 -6.06 3.08 -9.58
C PRO A 63 -5.08 2.75 -8.47
N PHE A 64 -4.10 3.63 -8.27
CA PHE A 64 -3.10 3.42 -7.23
C PHE A 64 -2.29 4.71 -7.00
N GLU A 65 -1.64 5.18 -8.05
CA GLU A 65 -0.83 6.39 -7.96
C GLU A 65 -1.64 7.53 -7.35
N ASP A 66 -2.86 7.71 -7.84
CA ASP A 66 -3.73 8.78 -7.35
C ASP A 66 -3.85 8.71 -5.83
N ALA A 67 -4.09 7.52 -5.31
CA ALA A 67 -4.23 7.32 -3.86
C ALA A 67 -2.97 6.69 -3.28
N ALA A 68 -1.81 7.13 -3.75
CA ALA A 68 -0.54 6.60 -3.27
C ALA A 68 0.26 7.67 -2.55
N PHE A 69 0.03 8.93 -2.93
CA PHE A 69 0.74 10.05 -2.32
C PHE A 69 -0.24 11.07 -1.77
N LYS A 70 -1.53 10.82 -1.96
CA LYS A 70 -2.57 11.72 -1.48
C LYS A 70 -2.84 11.49 0.00
N LEU A 71 -2.26 10.42 0.53
CA LEU A 71 -2.44 10.09 1.95
C LEU A 71 -1.56 10.97 2.83
N GLN A 72 -1.68 10.81 4.14
CA GLN A 72 -0.89 11.58 5.08
C GLN A 72 0.30 10.76 5.59
N VAL A 73 1.12 11.39 6.44
CA VAL A 73 2.30 10.73 6.99
C VAL A 73 1.90 9.55 7.88
N GLY A 74 1.82 8.36 7.27
CA GLY A 74 1.44 7.17 8.03
C GLY A 74 -0.03 6.88 7.95
N GLU A 75 -0.69 7.36 6.90
CA GLU A 75 -2.12 7.15 6.71
C GLU A 75 -2.38 6.06 5.67
N VAL A 76 -3.12 5.03 6.08
CA VAL A 76 -3.45 3.93 5.18
C VAL A 76 -4.55 4.32 4.21
N SER A 77 -4.39 3.96 2.94
CA SER A 77 -5.38 4.27 1.92
C SER A 77 -6.54 3.29 1.97
N GLU A 78 -7.37 3.30 0.94
CA GLU A 78 -8.52 2.41 0.87
C GLU A 78 -8.29 1.29 -0.14
N PRO A 79 -9.09 0.22 -0.04
CA PRO A 79 -8.99 -0.93 -0.94
C PRO A 79 -9.44 -0.61 -2.36
N ILE A 80 -8.53 -0.05 -3.15
CA ILE A 80 -8.83 0.31 -4.53
C ILE A 80 -8.88 -0.93 -5.42
N LYS A 81 -10.07 -1.25 -5.92
CA LYS A 81 -10.25 -2.41 -6.79
C LYS A 81 -9.68 -2.15 -8.17
N SER A 82 -8.65 -2.89 -8.54
CA SER A 82 -8.01 -2.74 -9.84
C SER A 82 -7.80 -4.09 -10.50
N GLU A 83 -7.09 -4.08 -11.63
CA GLU A 83 -6.82 -5.31 -12.37
C GLU A 83 -6.05 -6.30 -11.51
N PHE A 84 -5.34 -5.79 -10.51
CA PHE A 84 -4.56 -6.62 -9.60
C PHE A 84 -5.35 -6.93 -8.34
N GLY A 85 -6.34 -6.10 -8.05
CA GLY A 85 -7.16 -6.30 -6.87
C GLY A 85 -7.21 -5.07 -5.99
N TYR A 86 -7.40 -5.27 -4.68
CA TYR A 86 -7.47 -4.16 -3.74
C TYR A 86 -6.07 -3.67 -3.38
N HIS A 87 -5.82 -2.40 -3.65
CA HIS A 87 -4.52 -1.79 -3.36
C HIS A 87 -4.58 -1.00 -2.05
N ILE A 88 -3.66 -1.31 -1.14
CA ILE A 88 -3.60 -0.64 0.15
C ILE A 88 -2.29 0.11 0.32
N ILE A 89 -2.26 1.36 -0.12
CA ILE A 89 -1.06 2.18 -0.02
C ILE A 89 -0.96 2.83 1.37
N LYS A 90 0.24 2.81 1.93
CA LYS A 90 0.47 3.39 3.24
C LYS A 90 1.79 4.17 3.28
N ARG A 91 1.72 5.45 3.54
CA ARG A 91 2.90 6.30 3.60
C ARG A 91 3.76 5.95 4.82
N PHE A 92 5.07 6.08 4.67
CA PHE A 92 6.00 5.78 5.74
C PHE A 92 6.84 7.00 6.10
N GLY A 93 7.13 7.82 5.10
CA GLY A 93 7.93 9.01 5.31
C GLY A 93 7.40 9.87 6.44
N GLY A 1 12.04 21.75 2.01
CA GLY A 1 12.32 21.83 0.58
C GLY A 1 11.31 21.07 -0.26
N PRO A 2 11.37 21.28 -1.58
CA PRO A 2 10.46 20.61 -2.52
C PRO A 2 10.74 19.12 -2.64
N SER A 3 9.68 18.31 -2.52
CA SER A 3 9.82 16.87 -2.61
C SER A 3 9.08 16.33 -3.83
N ASN A 4 9.74 15.46 -4.58
CA ASN A 4 9.15 14.87 -5.77
C ASN A 4 8.71 13.43 -5.52
N LYS A 5 9.37 12.78 -4.56
CA LYS A 5 9.05 11.40 -4.20
C LYS A 5 8.72 11.28 -2.73
N ILE A 6 8.03 10.21 -2.36
CA ILE A 6 7.65 9.97 -0.98
C ILE A 6 7.58 8.47 -0.67
N LYS A 7 7.88 8.11 0.57
CA LYS A 7 7.84 6.72 0.99
C LYS A 7 6.40 6.21 1.08
N CYS A 8 6.20 4.94 0.77
CA CYS A 8 4.87 4.34 0.82
C CYS A 8 4.94 2.85 0.48
N SER A 9 3.93 2.10 0.93
CA SER A 9 3.87 0.67 0.67
C SER A 9 2.65 0.31 -0.15
N HIS A 10 2.37 -0.99 -0.27
CA HIS A 10 1.22 -1.46 -1.03
C HIS A 10 0.97 -2.94 -0.77
N ILE A 11 -0.30 -3.34 -0.79
CA ILE A 11 -0.66 -4.73 -0.56
C ILE A 11 -1.87 -5.13 -1.40
N LEU A 12 -1.71 -6.17 -2.20
CA LEU A 12 -2.78 -6.66 -3.06
C LEU A 12 -3.45 -7.89 -2.45
N VAL A 13 -4.78 -7.90 -2.46
CA VAL A 13 -5.54 -9.03 -1.92
C VAL A 13 -6.66 -9.45 -2.86
N SER A 14 -7.46 -10.40 -2.42
CA SER A 14 -8.57 -10.90 -3.24
C SER A 14 -9.91 -10.48 -2.64
N LYS A 15 -9.91 -10.16 -1.36
CA LYS A 15 -11.12 -9.74 -0.66
C LYS A 15 -10.90 -8.44 0.10
N GLN A 16 -11.92 -7.60 0.15
CA GLN A 16 -11.85 -6.33 0.84
C GLN A 16 -11.58 -6.53 2.32
N SER A 17 -12.13 -7.62 2.87
CA SER A 17 -11.96 -7.94 4.28
C SER A 17 -10.49 -8.06 4.64
N GLU A 18 -9.67 -8.39 3.65
CA GLU A 18 -8.23 -8.54 3.87
C GLU A 18 -7.50 -7.21 3.64
N ALA A 19 -7.84 -6.55 2.54
CA ALA A 19 -7.21 -5.26 2.21
C ALA A 19 -7.52 -4.22 3.27
N LEU A 20 -8.80 -4.12 3.65
CA LEU A 20 -9.22 -3.14 4.66
C LEU A 20 -8.72 -3.55 6.04
N ALA A 21 -8.32 -4.81 6.18
CA ALA A 21 -7.83 -5.32 7.44
C ALA A 21 -6.45 -4.73 7.77
N ILE A 22 -5.86 -4.07 6.80
CA ILE A 22 -4.55 -3.45 6.99
C ILE A 22 -4.64 -2.22 7.89
N MET A 23 -5.81 -1.60 7.91
CA MET A 23 -6.02 -0.41 8.73
C MET A 23 -6.64 -0.79 10.07
N GLU A 24 -7.17 -2.01 10.16
CA GLU A 24 -7.78 -2.49 11.39
C GLU A 24 -6.78 -3.30 12.21
N LYS A 25 -6.08 -4.20 11.55
CA LYS A 25 -5.08 -5.04 12.22
C LYS A 25 -3.99 -4.19 12.87
N LEU A 26 -3.34 -3.36 12.06
CA LEU A 26 -2.28 -2.49 12.56
C LEU A 26 -2.81 -1.55 13.63
N LYS A 27 -4.12 -1.30 13.61
CA LYS A 27 -4.75 -0.42 14.58
C LYS A 27 -4.47 -0.89 16.01
N SER A 28 -4.21 -2.19 16.16
CA SER A 28 -3.93 -2.77 17.47
C SER A 28 -2.47 -2.55 17.85
N GLY A 29 -1.62 -2.40 16.84
CA GLY A 29 -0.20 -2.19 17.09
C GLY A 29 0.67 -3.23 16.42
N GLU A 30 0.44 -3.45 15.13
CA GLU A 30 1.21 -4.43 14.37
C GLU A 30 2.09 -3.75 13.33
N LYS A 31 2.64 -4.53 12.42
CA LYS A 31 3.50 -4.01 11.36
C LYS A 31 2.86 -4.20 10.00
N PHE A 32 2.98 -3.19 9.13
CA PHE A 32 2.41 -3.26 7.80
C PHE A 32 3.04 -4.40 7.00
N GLY A 33 4.36 -4.52 7.10
CA GLY A 33 5.05 -5.57 6.38
C GLY A 33 4.59 -6.96 6.78
N LYS A 34 4.24 -7.12 8.05
CA LYS A 34 3.78 -8.41 8.55
C LYS A 34 2.56 -8.90 7.77
N LEU A 35 1.85 -7.97 7.16
CA LEU A 35 0.66 -8.30 6.38
C LEU A 35 0.97 -8.26 4.89
N ALA A 36 1.98 -7.49 4.52
CA ALA A 36 2.38 -7.38 3.12
C ALA A 36 3.14 -8.61 2.66
N LYS A 37 3.70 -9.35 3.61
CA LYS A 37 4.44 -10.57 3.31
C LYS A 37 3.52 -11.78 3.22
N GLU A 38 2.21 -11.52 3.30
CA GLU A 38 1.22 -12.59 3.23
C GLU A 38 0.04 -12.17 2.36
N LEU A 39 -0.67 -11.13 2.78
CA LEU A 39 -1.83 -10.64 2.04
C LEU A 39 -1.44 -10.28 0.62
N SER A 40 -0.37 -9.51 0.47
CA SER A 40 0.10 -9.10 -0.85
C SER A 40 0.25 -10.30 -1.78
N ILE A 41 -0.70 -10.44 -2.71
CA ILE A 41 -0.68 -11.56 -3.65
C ILE A 41 0.36 -11.33 -4.74
N ASP A 42 0.73 -10.07 -4.95
CA ASP A 42 1.72 -9.71 -5.96
C ASP A 42 3.07 -10.35 -5.64
N SER A 43 3.47 -11.32 -6.46
CA SER A 43 4.74 -12.00 -6.26
C SER A 43 5.88 -11.01 -6.11
N GLY A 44 5.80 -9.90 -6.84
CA GLY A 44 6.84 -8.89 -6.78
C GLY A 44 6.53 -7.82 -5.75
N SER A 45 6.13 -8.24 -4.56
CA SER A 45 5.81 -7.31 -3.48
C SER A 45 5.88 -7.99 -2.12
N ALA A 46 5.36 -9.21 -2.06
CA ALA A 46 5.37 -9.98 -0.82
C ALA A 46 6.80 -10.27 -0.36
N LYS A 47 7.75 -10.10 -1.27
CA LYS A 47 9.15 -10.35 -0.96
C LYS A 47 9.79 -9.11 -0.33
N LYS A 48 9.18 -7.96 -0.56
CA LYS A 48 9.69 -6.70 -0.02
C LYS A 48 8.67 -6.06 0.93
N ASN A 49 7.81 -6.89 1.50
CA ASN A 49 6.79 -6.42 2.43
C ASN A 49 6.00 -5.27 1.81
N GLY A 50 5.84 -5.32 0.49
CA GLY A 50 5.09 -4.28 -0.20
C GLY A 50 5.65 -2.89 0.05
N ASN A 51 6.92 -2.84 0.46
CA ASN A 51 7.57 -1.57 0.73
C ASN A 51 8.36 -1.08 -0.49
N LEU A 52 7.66 -0.50 -1.45
CA LEU A 52 8.29 0.00 -2.66
C LEU A 52 9.20 1.18 -2.34
N GLY A 53 9.06 1.73 -1.14
CA GLY A 53 9.89 2.85 -0.73
C GLY A 53 9.43 4.16 -1.36
N TYR A 54 10.38 4.91 -1.90
CA TYR A 54 10.06 6.19 -2.53
C TYR A 54 9.60 6.00 -3.98
N PHE A 55 8.53 6.69 -4.35
CA PHE A 55 7.99 6.60 -5.70
C PHE A 55 7.62 7.97 -6.23
N THR A 56 7.10 8.00 -7.46
CA THR A 56 6.70 9.26 -8.09
C THR A 56 5.48 9.05 -8.99
N LYS A 57 5.10 10.12 -9.70
CA LYS A 57 3.95 10.05 -10.60
C LYS A 57 4.36 9.54 -11.97
N GLY A 58 3.92 8.33 -12.31
CA GLY A 58 4.25 7.76 -13.60
C GLY A 58 4.98 6.44 -13.47
N MET A 59 5.00 5.89 -12.25
CA MET A 59 5.67 4.62 -12.00
C MET A 59 4.67 3.56 -11.52
N MET A 60 3.40 3.94 -11.46
CA MET A 60 2.36 3.03 -11.02
C MET A 60 1.14 3.12 -11.93
N VAL A 61 0.05 2.49 -11.51
CA VAL A 61 -1.19 2.50 -12.28
C VAL A 61 -2.13 3.60 -11.79
N LYS A 62 -3.12 3.93 -12.62
CA LYS A 62 -4.09 4.97 -12.27
C LYS A 62 -4.72 4.69 -10.92
N PRO A 63 -5.37 3.52 -10.80
CA PRO A 63 -6.04 3.10 -9.55
C PRO A 63 -5.05 2.78 -8.45
N PHE A 64 -4.06 3.65 -8.27
CA PHE A 64 -3.04 3.46 -7.24
C PHE A 64 -2.24 4.74 -7.03
N GLU A 65 -1.59 5.21 -8.09
CA GLU A 65 -0.79 6.42 -8.01
C GLU A 65 -1.60 7.59 -7.44
N ASP A 66 -2.81 7.75 -7.95
CA ASP A 66 -3.69 8.82 -7.49
C ASP A 66 -3.91 8.73 -5.98
N ALA A 67 -4.06 7.51 -5.48
CA ALA A 67 -4.27 7.29 -4.06
C ALA A 67 -3.02 6.72 -3.39
N ALA A 68 -1.86 7.19 -3.82
CA ALA A 68 -0.59 6.72 -3.27
C ALA A 68 0.16 7.85 -2.59
N PHE A 69 -0.16 9.08 -2.96
CA PHE A 69 0.48 10.26 -2.38
C PHE A 69 -0.55 11.18 -1.74
N LYS A 70 -1.82 10.81 -1.85
CA LYS A 70 -2.90 11.61 -1.28
C LYS A 70 -3.19 11.19 0.15
N LEU A 71 -2.32 10.35 0.71
CA LEU A 71 -2.48 9.87 2.07
C LEU A 71 -1.67 10.73 3.05
N GLN A 72 -1.92 10.53 4.35
CA GLN A 72 -1.21 11.27 5.38
C GLN A 72 0.05 10.54 5.82
N VAL A 73 0.89 11.22 6.60
CA VAL A 73 2.13 10.62 7.10
C VAL A 73 1.84 9.42 7.99
N GLY A 74 1.96 8.23 7.44
CA GLY A 74 1.71 7.02 8.21
C GLY A 74 0.24 6.63 8.20
N GLU A 75 -0.47 7.03 7.16
CA GLU A 75 -1.89 6.71 7.04
C GLU A 75 -2.13 5.67 5.96
N VAL A 76 -3.14 4.82 6.17
CA VAL A 76 -3.47 3.78 5.21
C VAL A 76 -4.57 4.23 4.26
N SER A 77 -4.40 3.91 2.98
CA SER A 77 -5.37 4.30 1.97
C SER A 77 -6.58 3.35 1.99
N GLU A 78 -7.40 3.42 0.94
CA GLU A 78 -8.58 2.58 0.83
C GLU A 78 -8.35 1.44 -0.15
N PRO A 79 -9.18 0.40 -0.04
CA PRO A 79 -9.10 -0.78 -0.91
C PRO A 79 -9.51 -0.47 -2.35
N ILE A 80 -8.56 0.03 -3.14
CA ILE A 80 -8.83 0.38 -4.53
C ILE A 80 -8.88 -0.88 -5.39
N LYS A 81 -10.07 -1.20 -5.88
CA LYS A 81 -10.26 -2.38 -6.72
C LYS A 81 -9.72 -2.13 -8.12
N SER A 82 -8.66 -2.85 -8.48
CA SER A 82 -8.04 -2.71 -9.80
C SER A 82 -7.84 -4.07 -10.45
N GLU A 83 -7.13 -4.07 -11.58
CA GLU A 83 -6.87 -5.31 -12.30
C GLU A 83 -6.10 -6.30 -11.42
N PHE A 84 -5.36 -5.78 -10.46
CA PHE A 84 -4.58 -6.61 -9.56
C PHE A 84 -5.36 -6.89 -8.27
N GLY A 85 -6.41 -6.10 -8.02
CA GLY A 85 -7.21 -6.28 -6.84
C GLY A 85 -7.25 -5.04 -5.96
N TYR A 86 -7.45 -5.24 -4.67
CA TYR A 86 -7.50 -4.13 -3.73
C TYR A 86 -6.10 -3.65 -3.37
N HIS A 87 -5.83 -2.37 -3.62
CA HIS A 87 -4.53 -1.79 -3.32
C HIS A 87 -4.57 -1.02 -2.00
N ILE A 88 -3.68 -1.40 -1.09
CA ILE A 88 -3.61 -0.75 0.21
C ILE A 88 -2.30 0.02 0.38
N ILE A 89 -2.29 1.26 -0.10
CA ILE A 89 -1.11 2.10 -0.01
C ILE A 89 -1.00 2.76 1.36
N LYS A 90 0.21 2.75 1.92
CA LYS A 90 0.44 3.33 3.24
C LYS A 90 1.74 4.14 3.24
N ARG A 91 1.61 5.44 3.53
CA ARG A 91 2.77 6.32 3.57
C ARG A 91 3.70 5.97 4.72
N PHE A 92 5.00 6.10 4.50
CA PHE A 92 5.99 5.79 5.52
C PHE A 92 6.89 6.99 5.80
N GLY A 93 7.17 7.77 4.75
CA GLY A 93 8.01 8.94 4.90
C GLY A 93 9.32 8.62 5.60
N GLY A 1 10.15 19.48 3.45
CA GLY A 1 9.82 20.43 2.39
C GLY A 1 9.20 19.75 1.18
N PRO A 2 9.09 20.50 0.08
CA PRO A 2 8.52 19.98 -1.17
C PRO A 2 9.41 18.96 -1.84
N SER A 3 8.93 17.73 -1.94
CA SER A 3 9.69 16.65 -2.56
C SER A 3 8.94 16.07 -3.77
N ASN A 4 9.69 15.44 -4.67
CA ASN A 4 9.09 14.86 -5.87
C ASN A 4 8.64 13.43 -5.60
N LYS A 5 9.29 12.78 -4.63
CA LYS A 5 8.95 11.40 -4.28
C LYS A 5 8.65 11.28 -2.79
N ILE A 6 7.97 10.20 -2.41
CA ILE A 6 7.62 9.96 -1.02
C ILE A 6 7.54 8.47 -0.71
N LYS A 7 7.84 8.12 0.53
CA LYS A 7 7.80 6.72 0.96
C LYS A 7 6.36 6.21 1.03
N CYS A 8 6.17 4.94 0.76
CA CYS A 8 4.85 4.33 0.80
C CYS A 8 4.92 2.84 0.46
N SER A 9 3.92 2.09 0.91
CA SER A 9 3.88 0.65 0.66
C SER A 9 2.66 0.28 -0.19
N HIS A 10 2.38 -1.01 -0.28
CA HIS A 10 1.23 -1.48 -1.06
C HIS A 10 0.97 -2.96 -0.78
N ILE A 11 -0.30 -3.35 -0.82
CA ILE A 11 -0.69 -4.73 -0.57
C ILE A 11 -1.88 -5.12 -1.42
N LEU A 12 -1.74 -6.21 -2.18
CA LEU A 12 -2.81 -6.70 -3.04
C LEU A 12 -3.48 -7.92 -2.42
N VAL A 13 -4.81 -7.93 -2.45
CA VAL A 13 -5.57 -9.05 -1.91
C VAL A 13 -6.67 -9.50 -2.87
N SER A 14 -7.49 -10.44 -2.43
CA SER A 14 -8.57 -10.96 -3.26
C SER A 14 -9.93 -10.54 -2.69
N LYS A 15 -9.95 -10.20 -1.41
CA LYS A 15 -11.18 -9.78 -0.75
C LYS A 15 -10.96 -8.51 0.06
N GLN A 16 -11.98 -7.66 0.10
CA GLN A 16 -11.88 -6.40 0.85
C GLN A 16 -11.65 -6.66 2.33
N SER A 17 -12.11 -7.81 2.80
CA SER A 17 -11.95 -8.18 4.21
C SER A 17 -10.46 -8.30 4.56
N GLU A 18 -9.64 -8.54 3.56
CA GLU A 18 -8.20 -8.66 3.77
C GLU A 18 -7.49 -7.33 3.60
N ALA A 19 -7.85 -6.62 2.53
CA ALA A 19 -7.25 -5.31 2.24
C ALA A 19 -7.62 -4.29 3.32
N LEU A 20 -8.92 -4.22 3.63
CA LEU A 20 -9.41 -3.29 4.64
C LEU A 20 -8.97 -3.72 6.03
N ALA A 21 -8.57 -4.98 6.16
CA ALA A 21 -8.13 -5.51 7.45
C ALA A 21 -6.83 -4.85 7.90
N ILE A 22 -6.08 -4.31 6.94
CA ILE A 22 -4.82 -3.65 7.24
C ILE A 22 -5.02 -2.53 8.26
N MET A 23 -6.16 -1.86 8.19
CA MET A 23 -6.48 -0.77 9.10
C MET A 23 -6.99 -1.32 10.43
N GLU A 24 -7.35 -2.59 10.45
CA GLU A 24 -7.84 -3.23 11.66
C GLU A 24 -6.71 -3.89 12.44
N LYS A 25 -6.02 -4.82 11.79
CA LYS A 25 -4.92 -5.53 12.41
C LYS A 25 -3.86 -4.55 12.92
N LEU A 26 -3.41 -3.66 12.04
CA LEU A 26 -2.41 -2.66 12.40
C LEU A 26 -2.92 -1.75 13.50
N LYS A 27 -4.23 -1.61 13.59
CA LYS A 27 -4.85 -0.77 14.61
C LYS A 27 -4.41 -1.19 16.00
N SER A 28 -4.01 -2.46 16.14
CA SER A 28 -3.58 -2.99 17.43
C SER A 28 -2.12 -2.61 17.71
N GLY A 29 -1.38 -2.31 16.64
CA GLY A 29 0.01 -1.93 16.79
C GLY A 29 0.95 -2.91 16.12
N GLU A 30 0.48 -3.54 15.05
CA GLU A 30 1.29 -4.51 14.32
C GLU A 30 2.17 -3.81 13.29
N LYS A 31 2.76 -4.60 12.40
CA LYS A 31 3.63 -4.06 11.36
C LYS A 31 3.02 -4.25 9.98
N PHE A 32 2.99 -3.18 9.18
CA PHE A 32 2.43 -3.23 7.84
C PHE A 32 3.05 -4.37 7.04
N GLY A 33 4.37 -4.51 7.14
CA GLY A 33 5.06 -5.56 6.41
C GLY A 33 4.53 -6.95 6.76
N LYS A 34 4.26 -7.17 8.04
CA LYS A 34 3.76 -8.46 8.50
C LYS A 34 2.53 -8.87 7.71
N LEU A 35 1.79 -7.89 7.20
CA LEU A 35 0.59 -8.16 6.41
C LEU A 35 0.91 -8.16 4.93
N ALA A 36 1.92 -7.41 4.53
CA ALA A 36 2.33 -7.33 3.13
C ALA A 36 3.09 -8.58 2.72
N LYS A 37 3.63 -9.30 3.70
CA LYS A 37 4.39 -10.51 3.43
C LYS A 37 3.46 -11.73 3.36
N GLU A 38 2.16 -11.47 3.40
CA GLU A 38 1.16 -12.54 3.34
C GLU A 38 -0.01 -12.14 2.46
N LEU A 39 -0.72 -11.10 2.88
CA LEU A 39 -1.87 -10.61 2.14
C LEU A 39 -1.50 -10.28 0.69
N SER A 40 -0.41 -9.52 0.54
CA SER A 40 0.06 -9.13 -0.79
C SER A 40 0.19 -10.35 -1.70
N ILE A 41 -0.73 -10.47 -2.64
CA ILE A 41 -0.71 -11.60 -3.58
C ILE A 41 0.33 -11.38 -4.67
N ASP A 42 0.69 -10.12 -4.91
CA ASP A 42 1.67 -9.77 -5.93
C ASP A 42 3.01 -10.43 -5.62
N SER A 43 3.40 -11.38 -6.47
CA SER A 43 4.66 -12.10 -6.29
C SER A 43 5.82 -11.11 -6.11
N GLY A 44 5.76 -10.01 -6.85
CA GLY A 44 6.80 -9.01 -6.77
C GLY A 44 6.51 -7.94 -5.73
N SER A 45 6.01 -8.37 -4.57
CA SER A 45 5.67 -7.44 -3.50
C SER A 45 5.74 -8.14 -2.14
N ALA A 46 5.19 -9.36 -2.08
CA ALA A 46 5.20 -10.13 -0.84
C ALA A 46 6.62 -10.44 -0.40
N LYS A 47 7.57 -10.30 -1.32
CA LYS A 47 8.98 -10.56 -1.02
C LYS A 47 9.64 -9.33 -0.40
N LYS A 48 9.05 -8.17 -0.63
CA LYS A 48 9.59 -6.93 -0.11
C LYS A 48 8.59 -6.25 0.82
N ASN A 49 7.70 -7.05 1.42
CA ASN A 49 6.70 -6.54 2.34
C ASN A 49 5.94 -5.36 1.71
N GLY A 50 5.78 -5.40 0.39
CA GLY A 50 5.09 -4.35 -0.31
C GLY A 50 5.66 -2.98 -0.02
N ASN A 51 6.94 -2.94 0.34
CA ASN A 51 7.61 -1.68 0.65
C ASN A 51 8.37 -1.15 -0.56
N LEU A 52 7.65 -0.57 -1.50
CA LEU A 52 8.26 -0.02 -2.70
C LEU A 52 9.17 1.15 -2.37
N GLY A 53 9.01 1.71 -1.17
CA GLY A 53 9.82 2.83 -0.75
C GLY A 53 9.38 4.14 -1.37
N TYR A 54 10.33 4.87 -1.94
CA TYR A 54 10.02 6.15 -2.57
C TYR A 54 9.57 5.96 -4.02
N PHE A 55 8.53 6.69 -4.41
CA PHE A 55 8.01 6.60 -5.77
C PHE A 55 7.65 7.97 -6.31
N THR A 56 7.14 8.01 -7.53
CA THR A 56 6.75 9.26 -8.17
C THR A 56 5.57 9.06 -9.10
N LYS A 57 5.04 10.17 -9.63
CA LYS A 57 3.90 10.11 -10.54
C LYS A 57 4.33 9.65 -11.93
N GLY A 58 3.90 8.45 -12.31
CA GLY A 58 4.25 7.92 -13.61
C GLY A 58 4.98 6.59 -13.51
N MET A 59 4.95 5.98 -12.33
CA MET A 59 5.61 4.70 -12.12
C MET A 59 4.61 3.65 -11.62
N MET A 60 3.35 4.05 -11.52
CA MET A 60 2.31 3.15 -11.06
C MET A 60 1.08 3.23 -11.96
N VAL A 61 -0.01 2.62 -11.53
CA VAL A 61 -1.25 2.62 -12.30
C VAL A 61 -2.21 3.69 -11.78
N LYS A 62 -3.27 3.95 -12.55
CA LYS A 62 -4.27 4.95 -12.16
C LYS A 62 -4.87 4.62 -10.80
N PRO A 63 -5.48 3.43 -10.69
CA PRO A 63 -6.10 2.97 -9.45
C PRO A 63 -5.07 2.66 -8.37
N PHE A 64 -4.12 3.56 -8.17
CA PHE A 64 -3.08 3.38 -7.17
C PHE A 64 -2.30 4.67 -6.96
N GLU A 65 -1.69 5.18 -8.03
CA GLU A 65 -0.91 6.42 -7.95
C GLU A 65 -1.72 7.53 -7.28
N ASP A 66 -2.97 7.68 -7.71
CA ASP A 66 -3.84 8.71 -7.16
C ASP A 66 -3.88 8.63 -5.64
N ALA A 67 -4.16 7.44 -5.11
CA ALA A 67 -4.22 7.24 -3.67
C ALA A 67 -2.89 6.73 -3.13
N ALA A 68 -1.79 7.18 -3.75
CA ALA A 68 -0.46 6.77 -3.33
C ALA A 68 0.27 7.92 -2.66
N PHE A 69 -0.18 9.14 -2.92
CA PHE A 69 0.44 10.33 -2.35
C PHE A 69 -0.60 11.28 -1.78
N LYS A 70 -1.86 10.83 -1.78
CA LYS A 70 -2.96 11.63 -1.26
C LYS A 70 -3.12 11.44 0.23
N LEU A 71 -2.44 10.43 0.77
CA LEU A 71 -2.52 10.14 2.20
C LEU A 71 -1.54 11.01 2.99
N GLN A 72 -1.40 10.74 4.28
CA GLN A 72 -0.50 11.50 5.13
C GLN A 72 0.48 10.58 5.84
N VAL A 73 1.45 11.17 6.54
CA VAL A 73 2.46 10.41 7.26
C VAL A 73 1.80 9.38 8.18
N GLY A 74 2.06 8.11 7.91
CA GLY A 74 1.49 7.04 8.73
C GLY A 74 -0.01 6.91 8.54
N GLU A 75 -0.44 6.92 7.28
CA GLU A 75 -1.87 6.80 6.98
C GLU A 75 -2.10 5.71 5.93
N VAL A 76 -3.14 4.92 6.15
CA VAL A 76 -3.48 3.84 5.22
C VAL A 76 -4.56 4.26 4.24
N SER A 77 -4.36 3.94 2.96
CA SER A 77 -5.32 4.30 1.93
C SER A 77 -6.53 3.37 1.95
N GLU A 78 -7.34 3.43 0.90
CA GLU A 78 -8.52 2.59 0.80
C GLU A 78 -8.29 1.44 -0.18
N PRO A 79 -9.14 0.40 -0.09
CA PRO A 79 -9.06 -0.77 -0.96
C PRO A 79 -9.46 -0.47 -2.39
N ILE A 80 -8.50 0.05 -3.17
CA ILE A 80 -8.76 0.40 -4.56
C ILE A 80 -8.82 -0.86 -5.43
N LYS A 81 -10.00 -1.19 -5.91
CA LYS A 81 -10.19 -2.36 -6.75
C LYS A 81 -9.65 -2.11 -8.15
N SER A 82 -8.62 -2.87 -8.52
CA SER A 82 -7.99 -2.72 -9.84
C SER A 82 -7.77 -4.09 -10.48
N GLU A 83 -7.08 -4.10 -11.62
CA GLU A 83 -6.80 -5.33 -12.34
C GLU A 83 -6.02 -6.30 -11.46
N PHE A 84 -5.29 -5.76 -10.49
CA PHE A 84 -4.50 -6.58 -9.58
C PHE A 84 -5.26 -6.86 -8.29
N GLY A 85 -6.29 -6.07 -8.03
CA GLY A 85 -7.09 -6.25 -6.84
C GLY A 85 -7.09 -5.01 -5.95
N TYR A 86 -7.44 -5.20 -4.68
CA TYR A 86 -7.47 -4.09 -3.74
C TYR A 86 -6.07 -3.63 -3.37
N HIS A 87 -5.78 -2.36 -3.63
CA HIS A 87 -4.47 -1.80 -3.31
C HIS A 87 -4.51 -1.03 -2.00
N ILE A 88 -3.61 -1.38 -1.09
CA ILE A 88 -3.54 -0.73 0.21
C ILE A 88 -2.23 0.04 0.37
N ILE A 89 -2.23 1.29 -0.09
CA ILE A 89 -1.05 2.14 -0.01
C ILE A 89 -0.96 2.82 1.36
N LYS A 90 0.21 2.75 1.97
CA LYS A 90 0.42 3.36 3.28
C LYS A 90 1.71 4.19 3.29
N ARG A 91 1.57 5.47 3.63
CA ARG A 91 2.72 6.37 3.68
C ARG A 91 3.68 5.97 4.79
N PHE A 92 4.98 6.15 4.54
CA PHE A 92 6.00 5.80 5.52
C PHE A 92 6.92 6.99 5.80
N GLY A 93 7.18 7.78 4.76
CA GLY A 93 8.04 8.93 4.89
C GLY A 93 9.35 8.60 5.56
N GLY A 1 4.19 17.29 -2.35
CA GLY A 1 4.13 18.65 -2.84
C GLY A 1 5.51 19.26 -3.03
N PRO A 2 6.19 19.55 -1.91
CA PRO A 2 7.53 20.14 -1.94
C PRO A 2 8.59 19.16 -2.44
N SER A 3 8.25 17.88 -2.42
CA SER A 3 9.17 16.85 -2.87
C SER A 3 8.65 16.17 -4.14
N ASN A 4 9.53 15.45 -4.82
CA ASN A 4 9.16 14.76 -6.06
C ASN A 4 8.72 13.33 -5.76
N LYS A 5 9.36 12.71 -4.78
CA LYS A 5 9.03 11.35 -4.39
C LYS A 5 8.71 11.26 -2.90
N ILE A 6 8.07 10.17 -2.50
CA ILE A 6 7.70 9.97 -1.10
C ILE A 6 7.63 8.49 -0.77
N LYS A 7 7.85 8.17 0.51
CA LYS A 7 7.81 6.78 0.97
C LYS A 7 6.37 6.28 1.07
N CYS A 8 6.17 5.01 0.75
CA CYS A 8 4.84 4.41 0.81
C CYS A 8 4.90 2.92 0.50
N SER A 9 3.87 2.19 0.92
CA SER A 9 3.81 0.75 0.68
C SER A 9 2.60 0.39 -0.18
N HIS A 10 2.30 -0.90 -0.25
CA HIS A 10 1.17 -1.38 -1.03
C HIS A 10 0.93 -2.87 -0.79
N ILE A 11 -0.34 -3.27 -0.84
CA ILE A 11 -0.71 -4.67 -0.62
C ILE A 11 -1.90 -5.06 -1.48
N LEU A 12 -1.77 -6.18 -2.19
CA LEU A 12 -2.83 -6.68 -3.05
C LEU A 12 -3.50 -7.91 -2.45
N VAL A 13 -4.83 -7.91 -2.44
CA VAL A 13 -5.59 -9.03 -1.89
C VAL A 13 -6.68 -9.47 -2.86
N SER A 14 -7.48 -10.44 -2.42
CA SER A 14 -8.57 -10.96 -3.24
C SER A 14 -9.93 -10.54 -2.68
N LYS A 15 -9.96 -10.26 -1.39
CA LYS A 15 -11.19 -9.84 -0.72
C LYS A 15 -10.96 -8.61 0.14
N GLN A 16 -12.02 -7.83 0.33
CA GLN A 16 -11.93 -6.61 1.14
C GLN A 16 -11.60 -6.94 2.59
N SER A 17 -12.04 -8.12 3.03
CA SER A 17 -11.81 -8.55 4.40
C SER A 17 -10.31 -8.63 4.70
N GLU A 18 -9.51 -8.73 3.65
CA GLU A 18 -8.06 -8.80 3.80
C GLU A 18 -7.43 -7.42 3.62
N ALA A 19 -7.84 -6.72 2.58
CA ALA A 19 -7.32 -5.38 2.29
C ALA A 19 -7.67 -4.41 3.41
N LEU A 20 -8.95 -4.34 3.75
CA LEU A 20 -9.43 -3.46 4.80
C LEU A 20 -8.94 -3.91 6.17
N ALA A 21 -8.47 -5.16 6.24
CA ALA A 21 -7.97 -5.72 7.48
C ALA A 21 -6.66 -5.07 7.89
N ILE A 22 -6.00 -4.43 6.93
CA ILE A 22 -4.73 -3.77 7.18
C ILE A 22 -4.91 -2.59 8.15
N MET A 23 -6.13 -2.11 8.26
CA MET A 23 -6.44 -0.99 9.15
C MET A 23 -7.05 -1.48 10.45
N GLU A 24 -7.63 -2.67 10.42
CA GLU A 24 -8.26 -3.25 11.60
C GLU A 24 -7.25 -4.09 12.39
N LYS A 25 -6.19 -4.52 11.72
CA LYS A 25 -5.15 -5.31 12.36
C LYS A 25 -4.05 -4.43 12.92
N LEU A 26 -3.52 -3.55 12.09
CA LEU A 26 -2.45 -2.64 12.50
C LEU A 26 -2.93 -1.72 13.61
N LYS A 27 -4.26 -1.60 13.76
CA LYS A 27 -4.84 -0.76 14.79
C LYS A 27 -4.30 -1.13 16.17
N SER A 28 -3.98 -2.41 16.35
CA SER A 28 -3.47 -2.90 17.62
C SER A 28 -1.99 -2.52 17.79
N GLY A 29 -1.31 -2.30 16.67
CA GLY A 29 0.09 -1.93 16.72
C GLY A 29 0.98 -2.94 16.01
N GLU A 30 0.41 -3.64 15.04
CA GLU A 30 1.17 -4.64 14.28
C GLU A 30 2.10 -3.97 13.28
N LYS A 31 2.63 -4.77 12.36
CA LYS A 31 3.54 -4.26 11.33
C LYS A 31 2.95 -4.42 9.94
N PHE A 32 2.95 -3.34 9.18
CA PHE A 32 2.42 -3.35 7.82
C PHE A 32 3.06 -4.46 6.99
N GLY A 33 4.37 -4.62 7.14
CA GLY A 33 5.08 -5.64 6.40
C GLY A 33 4.58 -7.04 6.71
N LYS A 34 4.32 -7.30 7.98
CA LYS A 34 3.81 -8.61 8.39
C LYS A 34 2.60 -9.02 7.59
N LEU A 35 1.84 -8.03 7.11
CA LEU A 35 0.65 -8.29 6.31
C LEU A 35 0.97 -8.25 4.83
N ALA A 36 1.94 -7.41 4.46
CA ALA A 36 2.33 -7.28 3.07
C ALA A 36 3.14 -8.50 2.61
N LYS A 37 3.62 -9.27 3.57
CA LYS A 37 4.41 -10.46 3.27
C LYS A 37 3.53 -11.70 3.27
N GLU A 38 2.21 -11.49 3.29
CA GLU A 38 1.26 -12.59 3.29
C GLU A 38 0.04 -12.28 2.44
N LEU A 39 -0.65 -11.19 2.79
CA LEU A 39 -1.83 -10.77 2.04
C LEU A 39 -1.47 -10.35 0.62
N SER A 40 -0.42 -9.55 0.50
CA SER A 40 0.04 -9.08 -0.80
C SER A 40 0.25 -10.25 -1.76
N ILE A 41 -0.70 -10.45 -2.66
CA ILE A 41 -0.62 -11.53 -3.64
C ILE A 41 0.49 -11.27 -4.65
N ASP A 42 0.84 -9.99 -4.82
CA ASP A 42 1.89 -9.61 -5.76
C ASP A 42 3.23 -10.21 -5.35
N SER A 43 3.78 -11.04 -6.24
CA SER A 43 5.06 -11.69 -5.97
C SER A 43 6.16 -10.66 -5.71
N GLY A 44 5.94 -9.44 -6.21
CA GLY A 44 6.91 -8.38 -6.01
C GLY A 44 6.58 -7.50 -4.83
N SER A 45 5.58 -7.91 -4.05
CA SER A 45 5.15 -7.14 -2.88
C SER A 45 5.11 -8.01 -1.64
N ALA A 46 5.42 -9.29 -1.81
CA ALA A 46 5.41 -10.24 -0.71
C ALA A 46 6.83 -10.58 -0.26
N LYS A 47 7.81 -10.15 -1.06
CA LYS A 47 9.21 -10.40 -0.74
C LYS A 47 9.88 -9.15 -0.20
N LYS A 48 9.17 -8.03 -0.25
CA LYS A 48 9.70 -6.76 0.23
C LYS A 48 8.70 -6.08 1.17
N ASN A 49 7.89 -6.89 1.85
CA ASN A 49 6.89 -6.36 2.77
C ASN A 49 6.04 -5.28 2.10
N GLY A 50 5.86 -5.41 0.79
CA GLY A 50 5.07 -4.45 0.04
C GLY A 50 5.58 -3.03 0.22
N ASN A 51 6.85 -2.90 0.59
CA ASN A 51 7.46 -1.58 0.78
C ASN A 51 8.23 -1.14 -0.46
N LEU A 52 7.51 -0.54 -1.41
CA LEU A 52 8.14 -0.07 -2.64
C LEU A 52 9.11 1.07 -2.36
N GLY A 53 9.04 1.62 -1.16
CA GLY A 53 9.90 2.72 -0.79
C GLY A 53 9.47 4.05 -1.39
N TYR A 54 10.39 4.73 -2.05
CA TYR A 54 10.09 6.02 -2.66
C TYR A 54 9.63 5.84 -4.10
N PHE A 55 8.57 6.56 -4.47
CA PHE A 55 8.03 6.49 -5.82
C PHE A 55 7.65 7.87 -6.34
N THR A 56 7.10 7.92 -7.55
CA THR A 56 6.70 9.18 -8.16
C THR A 56 5.49 9.00 -9.07
N LYS A 57 5.05 10.08 -9.70
CA LYS A 57 3.90 10.04 -10.59
C LYS A 57 4.31 9.53 -11.97
N GLY A 58 3.89 8.32 -12.30
CA GLY A 58 4.23 7.74 -13.59
C GLY A 58 4.91 6.39 -13.47
N MET A 59 5.02 5.89 -12.23
CA MET A 59 5.67 4.61 -11.98
C MET A 59 4.65 3.58 -11.51
N MET A 60 3.38 3.98 -11.45
CA MET A 60 2.31 3.09 -11.02
C MET A 60 1.11 3.20 -11.94
N VAL A 61 0.00 2.60 -11.54
CA VAL A 61 -1.22 2.63 -12.32
C VAL A 61 -2.17 3.71 -11.83
N LYS A 62 -3.20 4.00 -12.61
CA LYS A 62 -4.18 5.02 -12.26
C LYS A 62 -4.82 4.71 -10.91
N PRO A 63 -5.44 3.52 -10.80
CA PRO A 63 -6.10 3.09 -9.57
C PRO A 63 -5.10 2.76 -8.46
N PHE A 64 -4.14 3.65 -8.27
CA PHE A 64 -3.11 3.46 -7.24
C PHE A 64 -2.31 4.74 -7.03
N GLU A 65 -1.69 5.24 -8.09
CA GLU A 65 -0.90 6.46 -8.01
C GLU A 65 -1.70 7.58 -7.36
N ASP A 66 -2.93 7.76 -7.81
CA ASP A 66 -3.80 8.80 -7.26
C ASP A 66 -3.88 8.70 -5.74
N ALA A 67 -4.12 7.50 -5.24
CA ALA A 67 -4.21 7.27 -3.80
C ALA A 67 -2.90 6.71 -3.25
N ALA A 68 -1.79 7.17 -3.79
CA ALA A 68 -0.47 6.71 -3.35
C ALA A 68 0.29 7.83 -2.66
N PHE A 69 -0.08 9.07 -2.94
CA PHE A 69 0.58 10.24 -2.36
C PHE A 69 -0.45 11.20 -1.78
N LYS A 70 -1.72 10.82 -1.81
CA LYS A 70 -2.80 11.64 -1.30
C LYS A 70 -3.12 11.29 0.15
N LEU A 71 -2.37 10.34 0.71
CA LEU A 71 -2.57 9.91 2.08
C LEU A 71 -1.79 10.80 3.04
N GLN A 72 -1.83 10.45 4.32
CA GLN A 72 -1.14 11.22 5.35
C GLN A 72 0.08 10.45 5.87
N VAL A 73 0.94 11.14 6.61
CA VAL A 73 2.14 10.52 7.16
C VAL A 73 1.78 9.34 8.06
N GLY A 74 1.86 8.13 7.50
CA GLY A 74 1.55 6.94 8.25
C GLY A 74 0.07 6.60 8.21
N GLU A 75 -0.61 7.05 7.16
CA GLU A 75 -2.03 6.78 6.99
C GLU A 75 -2.27 5.74 5.90
N VAL A 76 -3.15 4.78 6.19
CA VAL A 76 -3.47 3.73 5.23
C VAL A 76 -4.57 4.18 4.27
N SER A 77 -4.38 3.87 2.99
CA SER A 77 -5.35 4.25 1.97
C SER A 77 -6.56 3.30 1.98
N GLU A 78 -7.39 3.39 0.96
CA GLU A 78 -8.56 2.54 0.84
C GLU A 78 -8.33 1.41 -0.15
N PRO A 79 -9.15 0.36 -0.05
CA PRO A 79 -9.04 -0.82 -0.93
C PRO A 79 -9.47 -0.49 -2.36
N ILE A 80 -8.53 -0.01 -3.16
CA ILE A 80 -8.81 0.34 -4.54
C ILE A 80 -8.84 -0.91 -5.42
N LYS A 81 -10.03 -1.27 -5.88
CA LYS A 81 -10.20 -2.44 -6.74
C LYS A 81 -9.67 -2.17 -8.14
N SER A 82 -8.60 -2.86 -8.51
CA SER A 82 -8.00 -2.70 -9.83
C SER A 82 -7.76 -4.06 -10.49
N GLU A 83 -7.07 -4.05 -11.63
CA GLU A 83 -6.78 -5.27 -12.36
C GLU A 83 -6.00 -6.25 -11.49
N PHE A 84 -5.31 -5.72 -10.48
CA PHE A 84 -4.53 -6.54 -9.57
C PHE A 84 -5.30 -6.84 -8.29
N GLY A 85 -6.32 -6.02 -8.03
CA GLY A 85 -7.12 -6.21 -6.83
C GLY A 85 -7.14 -4.99 -5.95
N TYR A 86 -7.43 -5.19 -4.67
CA TYR A 86 -7.48 -4.08 -3.71
C TYR A 86 -6.08 -3.62 -3.33
N HIS A 87 -5.79 -2.36 -3.61
CA HIS A 87 -4.49 -1.79 -3.30
C HIS A 87 -4.53 -1.01 -1.99
N ILE A 88 -3.65 -1.38 -1.06
CA ILE A 88 -3.58 -0.71 0.24
C ILE A 88 -2.28 0.06 0.40
N ILE A 89 -2.27 1.29 -0.09
CA ILE A 89 -1.09 2.15 0.00
C ILE A 89 -0.98 2.79 1.37
N LYS A 90 0.22 2.72 1.97
CA LYS A 90 0.45 3.30 3.28
C LYS A 90 1.74 4.11 3.28
N ARG A 91 1.62 5.41 3.58
CA ARG A 91 2.77 6.29 3.62
C ARG A 91 3.66 5.97 4.81
N PHE A 92 4.98 6.10 4.62
CA PHE A 92 5.94 5.82 5.68
C PHE A 92 6.76 7.06 6.01
N GLY A 93 7.00 7.88 5.00
CA GLY A 93 7.78 9.10 5.21
C GLY A 93 7.23 9.95 6.34
N GLY A 1 12.87 20.92 1.09
CA GLY A 1 13.51 20.14 0.06
C GLY A 1 12.59 19.80 -1.09
N PRO A 2 13.13 19.15 -2.12
CA PRO A 2 12.36 18.76 -3.31
C PRO A 2 11.36 17.65 -3.02
N SER A 3 10.07 17.98 -3.08
CA SER A 3 9.02 17.01 -2.81
C SER A 3 8.56 16.33 -4.11
N ASN A 4 9.42 15.51 -4.67
CA ASN A 4 9.11 14.80 -5.91
C ASN A 4 8.65 13.37 -5.62
N LYS A 5 9.33 12.72 -4.69
CA LYS A 5 9.00 11.35 -4.32
C LYS A 5 8.70 11.25 -2.83
N ILE A 6 8.04 10.17 -2.43
CA ILE A 6 7.68 9.95 -1.03
C ILE A 6 7.61 8.47 -0.71
N LYS A 7 7.84 8.12 0.55
CA LYS A 7 7.79 6.74 1.00
C LYS A 7 6.36 6.23 1.07
N CYS A 8 6.17 4.95 0.76
CA CYS A 8 4.85 4.35 0.80
C CYS A 8 4.92 2.86 0.48
N SER A 9 3.90 2.12 0.89
CA SER A 9 3.85 0.68 0.65
C SER A 9 2.64 0.31 -0.20
N HIS A 10 2.35 -0.98 -0.28
CA HIS A 10 1.22 -1.47 -1.06
C HIS A 10 0.96 -2.95 -0.78
N ILE A 11 -0.32 -3.34 -0.82
CA ILE A 11 -0.69 -4.72 -0.57
C ILE A 11 -1.89 -5.13 -1.43
N LEU A 12 -1.72 -6.17 -2.22
CA LEU A 12 -2.78 -6.65 -3.09
C LEU A 12 -3.45 -7.88 -2.49
N VAL A 13 -4.77 -7.99 -2.67
CA VAL A 13 -5.54 -9.11 -2.15
C VAL A 13 -6.71 -9.44 -3.05
N SER A 14 -7.47 -10.47 -2.67
CA SER A 14 -8.63 -10.89 -3.45
C SER A 14 -9.91 -10.80 -2.63
N LYS A 15 -9.81 -10.16 -1.46
CA LYS A 15 -10.95 -9.99 -0.57
C LYS A 15 -10.94 -8.61 0.07
N GLN A 16 -12.12 -8.05 0.28
CA GLN A 16 -12.25 -6.73 0.90
C GLN A 16 -11.81 -6.78 2.36
N SER A 17 -12.16 -7.86 3.05
CA SER A 17 -11.80 -8.02 4.45
C SER A 17 -10.30 -8.25 4.61
N GLU A 18 -9.64 -8.55 3.49
CA GLU A 18 -8.20 -8.80 3.51
C GLU A 18 -7.42 -7.51 3.30
N ALA A 19 -7.95 -6.63 2.44
CA ALA A 19 -7.30 -5.36 2.16
C ALA A 19 -7.69 -4.31 3.19
N LEU A 20 -8.96 -4.29 3.56
CA LEU A 20 -9.45 -3.33 4.55
C LEU A 20 -8.95 -3.67 5.94
N ALA A 21 -8.48 -4.90 6.11
CA ALA A 21 -7.96 -5.36 7.39
C ALA A 21 -6.65 -4.67 7.73
N ILE A 22 -6.05 -4.02 6.74
CA ILE A 22 -4.79 -3.31 6.93
C ILE A 22 -4.97 -2.09 7.83
N MET A 23 -6.16 -1.49 7.77
CA MET A 23 -6.47 -0.32 8.59
C MET A 23 -7.15 -0.72 9.88
N GLU A 24 -7.12 -2.02 10.18
CA GLU A 24 -7.76 -2.53 11.39
C GLU A 24 -6.76 -3.32 12.23
N LYS A 25 -6.07 -4.26 11.60
CA LYS A 25 -5.08 -5.08 12.28
C LYS A 25 -3.99 -4.22 12.89
N LEU A 26 -3.37 -3.39 12.07
CA LEU A 26 -2.29 -2.51 12.53
C LEU A 26 -2.79 -1.59 13.64
N LYS A 27 -4.10 -1.34 13.66
CA LYS A 27 -4.69 -0.48 14.68
C LYS A 27 -4.38 -0.99 16.08
N SER A 28 -4.11 -2.29 16.18
CA SER A 28 -3.79 -2.91 17.47
C SER A 28 -2.33 -2.69 17.83
N GLY A 29 -1.50 -2.47 16.80
CA GLY A 29 -0.08 -2.26 17.03
C GLY A 29 0.78 -3.25 16.26
N GLU A 30 0.28 -3.71 15.12
CA GLU A 30 1.01 -4.67 14.30
C GLU A 30 1.94 -3.95 13.32
N LYS A 31 2.47 -4.70 12.35
CA LYS A 31 3.37 -4.13 11.36
C LYS A 31 2.81 -4.32 9.96
N PHE A 32 2.87 -3.25 9.15
CA PHE A 32 2.37 -3.30 7.78
C PHE A 32 3.02 -4.44 7.01
N GLY A 33 4.34 -4.56 7.14
CA GLY A 33 5.06 -5.61 6.44
C GLY A 33 4.56 -6.99 6.81
N LYS A 34 4.25 -7.19 8.07
CA LYS A 34 3.75 -8.49 8.55
C LYS A 34 2.51 -8.91 7.76
N LEU A 35 1.80 -7.93 7.21
CA LEU A 35 0.60 -8.21 6.43
C LEU A 35 0.90 -8.21 4.94
N ALA A 36 1.93 -7.46 4.55
CA ALA A 36 2.32 -7.36 3.15
C ALA A 36 3.09 -8.61 2.71
N LYS A 37 3.64 -9.33 3.68
CA LYS A 37 4.39 -10.54 3.40
C LYS A 37 3.46 -11.75 3.29
N GLU A 38 2.17 -11.50 3.36
CA GLU A 38 1.17 -12.57 3.28
C GLU A 38 0.00 -12.15 2.41
N LEU A 39 -0.69 -11.09 2.83
CA LEU A 39 -1.84 -10.58 2.09
C LEU A 39 -1.46 -10.23 0.65
N SER A 40 -0.39 -9.45 0.51
CA SER A 40 0.08 -9.04 -0.81
C SER A 40 0.22 -10.24 -1.73
N ILE A 41 -0.72 -10.40 -2.65
CA ILE A 41 -0.70 -11.50 -3.60
C ILE A 41 0.36 -11.28 -4.68
N ASP A 42 0.72 -10.02 -4.88
CA ASP A 42 1.73 -9.67 -5.88
C ASP A 42 3.07 -10.33 -5.57
N SER A 43 3.44 -11.31 -6.38
CA SER A 43 4.70 -12.03 -6.19
C SER A 43 5.86 -11.05 -6.05
N GLY A 44 5.80 -9.96 -6.80
CA GLY A 44 6.87 -8.96 -6.74
C GLY A 44 6.58 -7.87 -5.73
N SER A 45 6.15 -8.27 -4.54
CA SER A 45 5.84 -7.32 -3.48
C SER A 45 5.87 -7.99 -2.12
N ALA A 46 5.33 -9.20 -2.04
CA ALA A 46 5.29 -9.95 -0.80
C ALA A 46 6.71 -10.27 -0.31
N LYS A 47 7.68 -10.12 -1.20
CA LYS A 47 9.08 -10.40 -0.86
C LYS A 47 9.72 -9.18 -0.21
N LYS A 48 9.15 -8.00 -0.48
CA LYS A 48 9.68 -6.76 0.08
C LYS A 48 8.66 -6.13 1.02
N ASN A 49 7.83 -6.95 1.64
CA ASN A 49 6.81 -6.46 2.57
C ASN A 49 5.99 -5.34 1.93
N GLY A 50 5.82 -5.42 0.61
CA GLY A 50 5.05 -4.41 -0.09
C GLY A 50 5.60 -3.02 0.11
N ASN A 51 6.87 -2.93 0.50
CA ASN A 51 7.52 -1.65 0.74
C ASN A 51 8.29 -1.19 -0.49
N LEU A 52 7.57 -0.57 -1.44
CA LEU A 52 8.19 -0.08 -2.66
C LEU A 52 9.15 1.06 -2.38
N GLY A 53 9.07 1.61 -1.17
CA GLY A 53 9.93 2.71 -0.78
C GLY A 53 9.48 4.03 -1.36
N TYR A 54 10.40 4.74 -2.01
CA TYR A 54 10.08 6.03 -2.62
C TYR A 54 9.63 5.86 -4.06
N PHE A 55 8.58 6.58 -4.44
CA PHE A 55 8.04 6.51 -5.79
C PHE A 55 7.69 7.90 -6.30
N THR A 56 7.23 7.96 -7.55
CA THR A 56 6.85 9.23 -8.17
C THR A 56 5.65 9.07 -9.08
N LYS A 57 5.28 10.14 -9.77
CA LYS A 57 4.14 10.12 -10.68
C LYS A 57 4.54 9.57 -12.04
N GLY A 58 4.03 8.40 -12.38
CA GLY A 58 4.35 7.80 -13.66
C GLY A 58 5.06 6.47 -13.51
N MET A 59 4.99 5.88 -12.32
CA MET A 59 5.63 4.60 -12.05
C MET A 59 4.62 3.58 -11.56
N MET A 60 3.36 3.98 -11.49
CA MET A 60 2.29 3.10 -11.03
C MET A 60 1.07 3.20 -11.95
N VAL A 61 -0.03 2.60 -11.52
CA VAL A 61 -1.27 2.63 -12.30
C VAL A 61 -2.21 3.72 -11.80
N LYS A 62 -3.28 3.96 -12.55
CA LYS A 62 -4.26 4.97 -12.19
C LYS A 62 -4.86 4.66 -10.81
N PRO A 63 -5.49 3.49 -10.68
CA PRO A 63 -6.11 3.06 -9.42
C PRO A 63 -5.09 2.74 -8.35
N PHE A 64 -4.12 3.65 -8.17
CA PHE A 64 -3.08 3.46 -7.17
C PHE A 64 -2.30 4.76 -6.96
N GLU A 65 -1.68 5.25 -8.03
CA GLU A 65 -0.89 6.48 -7.96
C GLU A 65 -1.70 7.60 -7.34
N ASP A 66 -2.93 7.78 -7.80
CA ASP A 66 -3.81 8.82 -7.29
C ASP A 66 -3.89 8.75 -5.76
N ALA A 67 -4.14 7.56 -5.24
CA ALA A 67 -4.25 7.36 -3.80
C ALA A 67 -2.93 6.84 -3.22
N ALA A 68 -1.82 7.30 -3.79
CA ALA A 68 -0.51 6.89 -3.32
C ALA A 68 0.23 8.03 -2.64
N PHE A 69 -0.18 9.26 -2.95
CA PHE A 69 0.43 10.45 -2.37
C PHE A 69 -0.63 11.38 -1.79
N LYS A 70 -1.88 10.95 -1.84
CA LYS A 70 -2.99 11.74 -1.32
C LYS A 70 -3.30 11.36 0.13
N LEU A 71 -2.51 10.44 0.67
CA LEU A 71 -2.71 9.99 2.04
C LEU A 71 -1.96 10.88 3.02
N GLN A 72 -1.94 10.48 4.29
CA GLN A 72 -1.26 11.25 5.33
C GLN A 72 0.06 10.58 5.72
N VAL A 73 0.76 11.19 6.67
CA VAL A 73 2.04 10.65 7.13
C VAL A 73 1.83 9.44 8.03
N GLY A 74 1.78 8.26 7.42
CA GLY A 74 1.59 7.04 8.19
C GLY A 74 0.14 6.56 8.17
N GLU A 75 -0.61 7.02 7.17
CA GLU A 75 -2.01 6.64 7.04
C GLU A 75 -2.18 5.59 5.95
N VAL A 76 -3.26 4.81 6.05
CA VAL A 76 -3.54 3.76 5.08
C VAL A 76 -4.64 4.20 4.11
N SER A 77 -4.44 3.90 2.83
CA SER A 77 -5.42 4.26 1.80
C SER A 77 -6.54 3.24 1.74
N GLU A 78 -7.61 3.58 1.02
CA GLU A 78 -8.76 2.70 0.88
C GLU A 78 -8.45 1.56 -0.10
N PRO A 79 -9.22 0.47 0.02
CA PRO A 79 -9.05 -0.71 -0.85
C PRO A 79 -9.48 -0.44 -2.29
N ILE A 80 -8.56 0.11 -3.08
CA ILE A 80 -8.85 0.40 -4.48
C ILE A 80 -8.90 -0.87 -5.32
N LYS A 81 -10.08 -1.17 -5.84
CA LYS A 81 -10.26 -2.36 -6.67
C LYS A 81 -9.73 -2.14 -8.08
N SER A 82 -8.67 -2.87 -8.43
CA SER A 82 -8.05 -2.74 -9.74
C SER A 82 -7.90 -4.11 -10.40
N GLU A 83 -7.17 -4.14 -11.50
CA GLU A 83 -6.94 -5.39 -12.24
C GLU A 83 -6.11 -6.36 -11.40
N PHE A 84 -5.32 -5.82 -10.47
CA PHE A 84 -4.49 -6.64 -9.61
C PHE A 84 -5.20 -6.96 -8.30
N GLY A 85 -6.23 -6.18 -7.99
CA GLY A 85 -6.98 -6.40 -6.77
C GLY A 85 -7.06 -5.16 -5.91
N TYR A 86 -7.30 -5.34 -4.62
CA TYR A 86 -7.41 -4.22 -3.69
C TYR A 86 -6.03 -3.70 -3.30
N HIS A 87 -5.76 -2.44 -3.63
CA HIS A 87 -4.48 -1.83 -3.32
C HIS A 87 -4.55 -1.07 -1.99
N ILE A 88 -3.60 -1.34 -1.10
CA ILE A 88 -3.56 -0.69 0.20
C ILE A 88 -2.27 0.09 0.37
N ILE A 89 -2.24 1.31 -0.15
CA ILE A 89 -1.07 2.17 -0.06
C ILE A 89 -0.98 2.83 1.32
N LYS A 90 0.20 2.76 1.92
CA LYS A 90 0.42 3.35 3.25
C LYS A 90 1.73 4.12 3.28
N ARG A 91 1.64 5.42 3.57
CA ARG A 91 2.81 6.27 3.65
C ARG A 91 3.68 5.90 4.84
N PHE A 92 4.99 6.09 4.69
CA PHE A 92 5.93 5.77 5.76
C PHE A 92 6.78 6.98 6.12
N GLY A 93 7.02 7.84 5.12
CA GLY A 93 7.82 9.03 5.35
C GLY A 93 7.33 9.84 6.54
N GLY A 1 8.68 20.80 0.46
CA GLY A 1 9.75 20.19 -0.30
C GLY A 1 9.49 20.24 -1.80
N PRO A 2 10.35 19.54 -2.57
CA PRO A 2 10.23 19.50 -4.03
C PRO A 2 9.02 18.68 -4.49
N SER A 3 8.51 17.85 -3.60
CA SER A 3 7.35 17.01 -3.91
C SER A 3 7.63 16.12 -5.11
N ASN A 4 8.84 15.57 -5.16
CA ASN A 4 9.24 14.70 -6.26
C ASN A 4 8.84 13.25 -5.98
N LYS A 5 9.24 12.74 -4.82
CA LYS A 5 8.93 11.38 -4.43
C LYS A 5 8.63 11.29 -2.94
N ILE A 6 7.97 10.21 -2.54
CA ILE A 6 7.62 10.02 -1.13
C ILE A 6 7.56 8.53 -0.78
N LYS A 7 7.84 8.20 0.47
CA LYS A 7 7.80 6.83 0.93
C LYS A 7 6.37 6.31 1.04
N CYS A 8 6.18 5.03 0.75
CA CYS A 8 4.86 4.41 0.82
C CYS A 8 4.94 2.93 0.48
N SER A 9 3.93 2.18 0.94
CA SER A 9 3.88 0.74 0.69
C SER A 9 2.67 0.38 -0.16
N HIS A 10 2.37 -0.92 -0.23
CA HIS A 10 1.23 -1.40 -1.00
C HIS A 10 0.99 -2.88 -0.74
N ILE A 11 -0.28 -3.28 -0.76
CA ILE A 11 -0.64 -4.67 -0.53
C ILE A 11 -1.86 -5.07 -1.38
N LEU A 12 -1.70 -6.15 -2.14
CA LEU A 12 -2.77 -6.64 -3.00
C LEU A 12 -3.47 -7.84 -2.36
N VAL A 13 -4.76 -7.99 -2.65
CA VAL A 13 -5.53 -9.11 -2.11
C VAL A 13 -6.66 -9.49 -3.06
N SER A 14 -7.49 -10.44 -2.63
CA SER A 14 -8.61 -10.91 -3.43
C SER A 14 -9.93 -10.68 -2.72
N LYS A 15 -9.86 -10.28 -1.46
CA LYS A 15 -11.04 -10.01 -0.66
C LYS A 15 -11.02 -8.60 -0.09
N GLN A 16 -12.17 -7.94 -0.11
CA GLN A 16 -12.28 -6.57 0.41
C GLN A 16 -11.94 -6.53 1.89
N SER A 17 -12.26 -7.61 2.61
CA SER A 17 -11.99 -7.69 4.03
C SER A 17 -10.50 -7.89 4.31
N GLU A 18 -9.80 -8.44 3.31
CA GLU A 18 -8.37 -8.68 3.44
C GLU A 18 -7.58 -7.38 3.31
N ALA A 19 -7.96 -6.57 2.32
CA ALA A 19 -7.29 -5.30 2.08
C ALA A 19 -7.63 -4.29 3.18
N LEU A 20 -8.90 -4.24 3.55
CA LEU A 20 -9.36 -3.32 4.58
C LEU A 20 -8.88 -3.77 5.96
N ALA A 21 -8.42 -5.01 6.05
CA ALA A 21 -7.93 -5.55 7.31
C ALA A 21 -6.60 -4.92 7.69
N ILE A 22 -5.98 -4.22 6.74
CA ILE A 22 -4.70 -3.57 6.99
C ILE A 22 -4.86 -2.37 7.92
N MET A 23 -6.08 -1.86 8.02
CA MET A 23 -6.37 -0.72 8.88
C MET A 23 -6.91 -1.18 10.23
N GLU A 24 -7.49 -2.37 10.25
CA GLU A 24 -8.05 -2.92 11.48
C GLU A 24 -7.00 -3.75 12.23
N LYS A 25 -6.09 -4.36 11.49
CA LYS A 25 -5.04 -5.18 12.08
C LYS A 25 -4.01 -4.31 12.78
N LEU A 26 -3.38 -3.40 12.02
CA LEU A 26 -2.37 -2.51 12.57
C LEU A 26 -2.94 -1.69 13.73
N LYS A 27 -4.26 -1.52 13.73
CA LYS A 27 -4.94 -0.77 14.78
C LYS A 27 -4.59 -1.32 16.17
N SER A 28 -4.29 -2.61 16.22
CA SER A 28 -3.94 -3.26 17.47
C SER A 28 -2.48 -3.00 17.84
N GLY A 29 -1.66 -2.75 16.83
CA GLY A 29 -0.25 -2.48 17.06
C GLY A 29 0.65 -3.43 16.30
N GLU A 30 0.17 -3.92 15.18
CA GLU A 30 0.95 -4.86 14.35
C GLU A 30 1.85 -4.11 13.39
N LYS A 31 2.42 -4.83 12.43
CA LYS A 31 3.30 -4.24 11.43
C LYS A 31 2.72 -4.38 10.03
N PHE A 32 2.76 -3.30 9.27
CA PHE A 32 2.24 -3.30 7.91
C PHE A 32 2.84 -4.44 7.10
N GLY A 33 4.15 -4.65 7.25
CA GLY A 33 4.83 -5.71 6.53
C GLY A 33 4.35 -7.09 6.95
N LYS A 34 3.89 -7.20 8.19
CA LYS A 34 3.41 -8.48 8.71
C LYS A 34 2.28 -9.02 7.85
N LEU A 35 1.60 -8.13 7.14
CA LEU A 35 0.50 -8.51 6.27
C LEU A 35 0.89 -8.40 4.80
N ALA A 36 1.88 -7.57 4.53
CA ALA A 36 2.35 -7.37 3.16
C ALA A 36 3.14 -8.59 2.67
N LYS A 37 3.66 -9.37 3.61
CA LYS A 37 4.44 -10.56 3.28
C LYS A 37 3.55 -11.80 3.26
N GLU A 38 2.24 -11.58 3.18
CA GLU A 38 1.28 -12.68 3.16
C GLU A 38 0.08 -12.33 2.30
N LEU A 39 -0.66 -11.29 2.70
CA LEU A 39 -1.83 -10.86 1.95
C LEU A 39 -1.46 -10.48 0.52
N SER A 40 -0.35 -9.78 0.38
CA SER A 40 0.11 -9.34 -0.94
C SER A 40 0.18 -10.51 -1.90
N ILE A 41 -0.82 -10.60 -2.78
CA ILE A 41 -0.87 -11.68 -3.76
C ILE A 41 0.15 -11.45 -4.89
N ASP A 42 0.54 -10.20 -5.07
CA ASP A 42 1.51 -9.85 -6.11
C ASP A 42 2.84 -10.55 -5.86
N SER A 43 3.33 -11.25 -6.87
CA SER A 43 4.59 -11.98 -6.76
C SER A 43 5.76 -11.10 -7.18
N GLY A 44 6.12 -10.15 -6.31
CA GLY A 44 7.22 -9.25 -6.60
C GLY A 44 7.50 -8.29 -5.46
N SER A 45 6.47 -7.98 -4.69
CA SER A 45 6.61 -7.06 -3.56
C SER A 45 6.29 -7.76 -2.25
N ALA A 46 5.71 -8.96 -2.34
CA ALA A 46 5.35 -9.73 -1.16
C ALA A 46 6.60 -10.21 -0.41
N LYS A 47 7.76 -10.05 -1.04
CA LYS A 47 9.02 -10.46 -0.45
C LYS A 47 9.70 -9.28 0.25
N LYS A 48 9.23 -8.07 -0.04
CA LYS A 48 9.78 -6.86 0.56
C LYS A 48 8.74 -6.15 1.41
N ASN A 49 7.74 -6.90 1.88
CA ASN A 49 6.69 -6.33 2.70
C ASN A 49 5.96 -5.23 1.96
N GLY A 50 5.84 -5.37 0.65
CA GLY A 50 5.16 -4.38 -0.16
C GLY A 50 5.68 -2.98 0.09
N ASN A 51 6.94 -2.88 0.48
CA ASN A 51 7.56 -1.59 0.75
C ASN A 51 8.33 -1.09 -0.46
N LEU A 52 7.61 -0.53 -1.42
CA LEU A 52 8.23 -0.01 -2.64
C LEU A 52 9.15 1.17 -2.33
N GLY A 53 9.01 1.71 -1.13
CA GLY A 53 9.83 2.84 -0.72
C GLY A 53 9.39 4.14 -1.36
N TYR A 54 10.32 4.85 -1.97
CA TYR A 54 10.02 6.12 -2.63
C TYR A 54 9.57 5.91 -4.06
N PHE A 55 8.53 6.62 -4.47
CA PHE A 55 8.00 6.51 -5.82
C PHE A 55 7.65 7.89 -6.38
N THR A 56 7.14 7.90 -7.61
CA THR A 56 6.76 9.15 -8.26
C THR A 56 5.56 8.95 -9.18
N LYS A 57 5.06 10.04 -9.73
CA LYS A 57 3.90 9.99 -10.63
C LYS A 57 4.31 9.49 -12.01
N GLY A 58 3.84 8.30 -12.37
CA GLY A 58 4.17 7.73 -13.66
C GLY A 58 4.85 6.38 -13.55
N MET A 59 5.00 5.90 -12.32
CA MET A 59 5.64 4.61 -12.08
C MET A 59 4.62 3.57 -11.59
N MET A 60 3.35 4.00 -11.51
CA MET A 60 2.29 3.11 -11.06
C MET A 60 1.07 3.21 -11.97
N VAL A 61 -0.03 2.62 -11.54
CA VAL A 61 -1.27 2.64 -12.32
C VAL A 61 -2.21 3.73 -11.80
N LYS A 62 -3.27 3.99 -12.56
CA LYS A 62 -4.25 5.00 -12.20
C LYS A 62 -4.86 4.69 -10.83
N PRO A 63 -5.49 3.51 -10.70
CA PRO A 63 -6.12 3.07 -9.45
C PRO A 63 -5.09 2.75 -8.37
N PHE A 64 -4.12 3.64 -8.19
CA PHE A 64 -3.08 3.45 -7.20
C PHE A 64 -2.27 4.73 -7.00
N GLU A 65 -1.68 5.22 -8.08
CA GLU A 65 -0.87 6.44 -8.03
C GLU A 65 -1.65 7.57 -7.36
N ASP A 66 -2.90 7.75 -7.78
CA ASP A 66 -3.74 8.81 -7.22
C ASP A 66 -3.80 8.71 -5.70
N ALA A 67 -4.09 7.51 -5.20
CA ALA A 67 -4.17 7.28 -3.76
C ALA A 67 -2.85 6.74 -3.21
N ALA A 68 -1.75 7.19 -3.80
CA ALA A 68 -0.43 6.75 -3.38
C ALA A 68 0.34 7.90 -2.72
N PHE A 69 -0.10 9.12 -2.97
CA PHE A 69 0.55 10.30 -2.40
C PHE A 69 -0.49 11.26 -1.82
N LYS A 70 -1.74 10.83 -1.80
CA LYS A 70 -2.83 11.64 -1.27
C LYS A 70 -3.12 11.28 0.19
N LEU A 71 -2.34 10.35 0.73
CA LEU A 71 -2.52 9.91 2.10
C LEU A 71 -1.70 10.78 3.06
N GLN A 72 -1.84 10.52 4.35
CA GLN A 72 -1.12 11.27 5.37
C GLN A 72 0.09 10.48 5.87
N VAL A 73 0.97 11.16 6.60
CA VAL A 73 2.16 10.52 7.14
C VAL A 73 1.80 9.34 8.04
N GLY A 74 1.87 8.14 7.48
CA GLY A 74 1.54 6.95 8.24
C GLY A 74 0.06 6.61 8.20
N GLU A 75 -0.61 7.08 7.15
CA GLU A 75 -2.05 6.83 6.98
C GLU A 75 -2.30 5.79 5.89
N VAL A 76 -3.13 4.81 6.20
CA VAL A 76 -3.45 3.76 5.25
C VAL A 76 -4.55 4.21 4.28
N SER A 77 -4.34 3.92 3.00
CA SER A 77 -5.31 4.30 1.97
C SER A 77 -6.52 3.37 1.99
N GLU A 78 -7.34 3.45 0.94
CA GLU A 78 -8.53 2.62 0.83
C GLU A 78 -8.30 1.47 -0.15
N PRO A 79 -9.14 0.43 -0.04
CA PRO A 79 -9.07 -0.75 -0.91
C PRO A 79 -9.47 -0.44 -2.34
N ILE A 80 -8.51 0.04 -3.13
CA ILE A 80 -8.77 0.37 -4.53
C ILE A 80 -8.82 -0.87 -5.39
N LYS A 81 -10.03 -1.21 -5.85
CA LYS A 81 -10.21 -2.39 -6.70
C LYS A 81 -9.67 -2.15 -8.10
N SER A 82 -8.62 -2.88 -8.46
CA SER A 82 -8.00 -2.75 -9.77
C SER A 82 -7.77 -4.11 -10.42
N GLU A 83 -7.09 -4.11 -11.56
CA GLU A 83 -6.81 -5.36 -12.27
C GLU A 83 -6.02 -6.32 -11.39
N PHE A 84 -5.28 -5.76 -10.44
CA PHE A 84 -4.46 -6.57 -9.54
C PHE A 84 -5.21 -6.85 -8.23
N GLY A 85 -6.26 -6.08 -7.99
CA GLY A 85 -7.05 -6.27 -6.78
C GLY A 85 -7.06 -5.03 -5.91
N TYR A 86 -7.41 -5.21 -4.63
CA TYR A 86 -7.47 -4.09 -3.70
C TYR A 86 -6.06 -3.61 -3.33
N HIS A 87 -5.78 -2.35 -3.62
CA HIS A 87 -4.48 -1.77 -3.32
C HIS A 87 -4.52 -0.99 -2.00
N ILE A 88 -3.64 -1.36 -1.07
CA ILE A 88 -3.58 -0.71 0.22
C ILE A 88 -2.26 0.06 0.40
N ILE A 89 -2.24 1.30 -0.07
CA ILE A 89 -1.05 2.12 0.02
C ILE A 89 -0.95 2.79 1.39
N LYS A 90 0.24 2.73 1.99
CA LYS A 90 0.47 3.32 3.30
C LYS A 90 1.76 4.14 3.31
N ARG A 91 1.63 5.42 3.60
CA ARG A 91 2.78 6.31 3.64
C ARG A 91 3.68 5.99 4.83
N PHE A 92 4.99 6.14 4.64
CA PHE A 92 5.95 5.85 5.70
C PHE A 92 6.76 7.10 6.05
N GLY A 93 6.98 7.95 5.05
CA GLY A 93 7.74 9.17 5.27
C GLY A 93 7.22 9.98 6.44
N GLY A 1 12.01 20.47 1.75
CA GLY A 1 12.62 20.18 0.47
C GLY A 1 11.60 19.93 -0.63
N PRO A 2 12.09 19.57 -1.83
CA PRO A 2 11.23 19.30 -2.98
C PRO A 2 10.42 18.01 -2.81
N SER A 3 9.13 18.09 -3.10
CA SER A 3 8.26 16.93 -2.99
C SER A 3 8.20 16.15 -4.29
N ASN A 4 9.34 15.55 -4.66
CA ASN A 4 9.42 14.78 -5.90
C ASN A 4 8.99 13.33 -5.66
N LYS A 5 9.45 12.75 -4.56
CA LYS A 5 9.11 11.38 -4.21
C LYS A 5 8.77 11.26 -2.72
N ILE A 6 8.09 10.18 -2.36
CA ILE A 6 7.71 9.94 -0.97
C ILE A 6 7.61 8.45 -0.66
N LYS A 7 7.92 8.08 0.57
CA LYS A 7 7.87 6.68 0.99
C LYS A 7 6.42 6.19 1.04
N CYS A 8 6.19 4.97 0.57
CA CYS A 8 4.86 4.39 0.57
C CYS A 8 4.94 2.88 0.37
N SER A 9 3.81 2.20 0.62
CA SER A 9 3.75 0.75 0.48
C SER A 9 2.54 0.34 -0.36
N HIS A 10 2.24 -0.96 -0.35
CA HIS A 10 1.12 -1.49 -1.11
C HIS A 10 0.86 -2.95 -0.77
N ILE A 11 -0.39 -3.36 -0.83
CA ILE A 11 -0.76 -4.74 -0.53
C ILE A 11 -1.96 -5.19 -1.36
N LEU A 12 -1.75 -6.19 -2.20
CA LEU A 12 -2.81 -6.71 -3.05
C LEU A 12 -3.46 -7.94 -2.43
N VAL A 13 -4.79 -7.95 -2.40
CA VAL A 13 -5.53 -9.07 -1.82
C VAL A 13 -6.65 -9.52 -2.76
N SER A 14 -7.47 -10.46 -2.29
CA SER A 14 -8.57 -10.98 -3.08
C SER A 14 -9.91 -10.60 -2.46
N LYS A 15 -9.88 -10.28 -1.17
CA LYS A 15 -11.09 -9.89 -0.45
C LYS A 15 -10.86 -8.62 0.37
N GLN A 16 -11.92 -7.84 0.55
CA GLN A 16 -11.84 -6.60 1.31
C GLN A 16 -11.49 -6.88 2.77
N SER A 17 -11.86 -8.06 3.24
CA SER A 17 -11.60 -8.45 4.63
C SER A 17 -10.10 -8.49 4.90
N GLU A 18 -9.31 -8.54 3.83
CA GLU A 18 -7.85 -8.57 3.96
C GLU A 18 -7.24 -7.20 3.70
N ALA A 19 -7.71 -6.55 2.63
CA ALA A 19 -7.22 -5.24 2.26
C ALA A 19 -7.62 -4.20 3.30
N LEU A 20 -8.90 -4.18 3.66
CA LEU A 20 -9.40 -3.24 4.65
C LEU A 20 -8.89 -3.58 6.05
N ALA A 21 -8.43 -4.80 6.22
CA ALA A 21 -7.91 -5.26 7.50
C ALA A 21 -6.53 -4.66 7.77
N ILE A 22 -5.97 -3.98 6.77
CA ILE A 22 -4.66 -3.36 6.90
C ILE A 22 -4.71 -2.14 7.81
N MET A 23 -5.88 -1.51 7.88
CA MET A 23 -6.07 -0.32 8.71
C MET A 23 -6.66 -0.70 10.07
N GLU A 24 -7.14 -1.94 10.18
CA GLU A 24 -7.73 -2.42 11.42
C GLU A 24 -6.72 -3.25 12.21
N LYS A 25 -6.03 -4.16 11.52
CA LYS A 25 -5.04 -5.02 12.15
C LYS A 25 -3.95 -4.18 12.84
N LEU A 26 -3.34 -3.28 12.08
CA LEU A 26 -2.29 -2.42 12.61
C LEU A 26 -2.80 -1.59 13.78
N LYS A 27 -4.11 -1.35 13.79
CA LYS A 27 -4.73 -0.56 14.86
C LYS A 27 -4.42 -1.17 16.22
N SER A 28 -4.15 -2.47 16.24
CA SER A 28 -3.84 -3.17 17.49
C SER A 28 -2.38 -3.00 17.86
N GLY A 29 -1.54 -2.73 16.86
CA GLY A 29 -0.12 -2.54 17.10
C GLY A 29 0.73 -3.50 16.30
N GLU A 30 0.23 -3.90 15.13
CA GLU A 30 0.96 -4.83 14.27
C GLU A 30 1.89 -4.07 13.32
N LYS A 31 2.40 -4.77 12.32
CA LYS A 31 3.30 -4.17 11.35
C LYS A 31 2.76 -4.35 9.93
N PHE A 32 2.87 -3.29 9.13
CA PHE A 32 2.38 -3.32 7.76
C PHE A 32 3.03 -4.45 6.98
N GLY A 33 4.36 -4.55 7.05
CA GLY A 33 5.08 -5.59 6.36
C GLY A 33 4.62 -6.98 6.75
N LYS A 34 4.30 -7.16 8.03
CA LYS A 34 3.84 -8.45 8.53
C LYS A 34 2.61 -8.91 7.77
N LEU A 35 1.87 -7.97 7.19
CA LEU A 35 0.67 -8.29 6.44
C LEU A 35 0.94 -8.26 4.93
N ALA A 36 1.93 -7.48 4.54
CA ALA A 36 2.31 -7.36 3.13
C ALA A 36 3.10 -8.58 2.67
N LYS A 37 3.67 -9.30 3.63
CA LYS A 37 4.46 -10.49 3.33
C LYS A 37 3.57 -11.72 3.21
N GLU A 38 2.25 -11.50 3.32
CA GLU A 38 1.29 -12.59 3.22
C GLU A 38 0.11 -12.18 2.35
N LEU A 39 -0.60 -11.14 2.78
CA LEU A 39 -1.76 -10.66 2.05
C LEU A 39 -1.40 -10.30 0.61
N SER A 40 -0.34 -9.52 0.45
CA SER A 40 0.12 -9.10 -0.87
C SER A 40 0.27 -10.31 -1.79
N ILE A 41 -0.68 -10.48 -2.70
CA ILE A 41 -0.66 -11.59 -3.64
C ILE A 41 0.37 -11.35 -4.75
N ASP A 42 0.72 -10.08 -4.96
CA ASP A 42 1.69 -9.72 -5.99
C ASP A 42 3.05 -10.34 -5.69
N SER A 43 3.47 -11.25 -6.56
CA SER A 43 4.75 -11.93 -6.40
C SER A 43 5.88 -10.92 -6.19
N GLY A 44 5.81 -9.81 -6.92
CA GLY A 44 6.82 -8.78 -6.80
C GLY A 44 6.48 -7.74 -5.77
N SER A 45 6.01 -8.19 -4.61
CA SER A 45 5.63 -7.28 -3.53
C SER A 45 5.70 -7.99 -2.18
N ALA A 46 5.23 -9.23 -2.14
CA ALA A 46 5.25 -10.01 -0.91
C ALA A 46 6.67 -10.32 -0.47
N LYS A 47 7.63 -10.09 -1.37
CA LYS A 47 9.04 -10.34 -1.07
C LYS A 47 9.69 -9.10 -0.46
N LYS A 48 9.06 -7.94 -0.65
CA LYS A 48 9.59 -6.69 -0.12
C LYS A 48 8.60 -6.08 0.87
N ASN A 49 7.79 -6.92 1.50
CA ASN A 49 6.81 -6.46 2.47
C ASN A 49 5.95 -5.35 1.89
N GLY A 50 5.73 -5.40 0.58
CA GLY A 50 4.93 -4.38 -0.08
C GLY A 50 5.47 -2.98 0.13
N ASN A 51 6.75 -2.89 0.50
CA ASN A 51 7.38 -1.60 0.74
C ASN A 51 8.16 -1.15 -0.50
N LEU A 52 7.47 -0.49 -1.43
CA LEU A 52 8.10 0.00 -2.64
C LEU A 52 9.04 1.15 -2.35
N GLY A 53 8.98 1.67 -1.13
CA GLY A 53 9.83 2.78 -0.73
C GLY A 53 9.39 4.09 -1.34
N TYR A 54 10.34 4.83 -1.89
CA TYR A 54 10.04 6.12 -2.51
C TYR A 54 9.58 5.95 -3.95
N PHE A 55 8.53 6.67 -4.32
CA PHE A 55 7.99 6.60 -5.67
C PHE A 55 7.59 7.98 -6.18
N THR A 56 7.12 8.04 -7.42
CA THR A 56 6.71 9.30 -8.03
C THR A 56 5.53 9.10 -8.97
N LYS A 57 5.08 10.19 -9.58
CA LYS A 57 3.95 10.13 -10.50
C LYS A 57 4.38 9.59 -11.86
N GLY A 58 3.92 8.39 -12.18
CA GLY A 58 4.27 7.78 -13.45
C GLY A 58 5.01 6.47 -13.28
N MET A 59 5.03 5.95 -12.05
CA MET A 59 5.71 4.69 -11.76
C MET A 59 4.71 3.63 -11.31
N MET A 60 3.43 3.99 -11.31
CA MET A 60 2.38 3.06 -10.91
C MET A 60 1.18 3.16 -11.84
N VAL A 61 0.08 2.52 -11.46
CA VAL A 61 -1.14 2.55 -12.27
C VAL A 61 -2.08 3.65 -11.81
N LYS A 62 -3.09 3.94 -12.62
CA LYS A 62 -4.06 4.98 -12.30
C LYS A 62 -4.71 4.70 -10.95
N PRO A 63 -5.37 3.54 -10.83
CA PRO A 63 -6.04 3.13 -9.60
C PRO A 63 -5.07 2.81 -8.48
N PHE A 64 -4.09 3.68 -8.29
CA PHE A 64 -3.08 3.48 -7.25
C PHE A 64 -2.28 4.76 -7.01
N GLU A 65 -1.59 5.22 -8.06
CA GLU A 65 -0.78 6.42 -7.96
C GLU A 65 -1.61 7.59 -7.41
N ASP A 66 -2.76 7.82 -8.03
CA ASP A 66 -3.64 8.91 -7.61
C ASP A 66 -3.95 8.81 -6.12
N ALA A 67 -4.11 7.59 -5.63
CA ALA A 67 -4.39 7.36 -4.22
C ALA A 67 -3.18 6.77 -3.50
N ALA A 68 -2.00 7.26 -3.84
CA ALA A 68 -0.77 6.78 -3.22
C ALA A 68 -0.05 7.90 -2.50
N PHE A 69 -0.15 9.12 -3.04
CA PHE A 69 0.50 10.28 -2.43
C PHE A 69 -0.53 11.21 -1.82
N LYS A 70 -1.80 10.84 -1.93
CA LYS A 70 -2.89 11.65 -1.37
C LYS A 70 -3.22 11.22 0.05
N LEU A 71 -2.33 10.42 0.64
CA LEU A 71 -2.53 9.94 2.01
C LEU A 71 -1.74 10.78 3.00
N GLN A 72 -1.73 10.36 4.26
CA GLN A 72 -1.01 11.08 5.30
C GLN A 72 0.19 10.27 5.79
N VAL A 73 1.12 10.96 6.44
CA VAL A 73 2.31 10.30 6.96
C VAL A 73 1.96 9.18 7.93
N GLY A 74 1.96 7.95 7.42
CA GLY A 74 1.63 6.80 8.24
C GLY A 74 0.16 6.44 8.18
N GLU A 75 -0.53 6.98 7.17
CA GLU A 75 -1.96 6.70 7.00
C GLU A 75 -2.19 5.69 5.90
N VAL A 76 -3.13 4.78 6.12
CA VAL A 76 -3.45 3.74 5.15
C VAL A 76 -4.57 4.19 4.21
N SER A 77 -4.40 3.93 2.93
CA SER A 77 -5.40 4.31 1.94
C SER A 77 -6.58 3.35 1.95
N GLU A 78 -7.42 3.43 0.93
CA GLU A 78 -8.59 2.55 0.83
C GLU A 78 -8.35 1.41 -0.16
N PRO A 79 -9.17 0.36 -0.05
CA PRO A 79 -9.06 -0.82 -0.92
C PRO A 79 -9.47 -0.52 -2.36
N ILE A 80 -8.53 0.03 -3.13
CA ILE A 80 -8.79 0.36 -4.52
C ILE A 80 -8.82 -0.89 -5.39
N LYS A 81 -10.00 -1.24 -5.89
CA LYS A 81 -10.17 -2.42 -6.73
C LYS A 81 -9.64 -2.14 -8.14
N SER A 82 -8.59 -2.86 -8.52
CA SER A 82 -7.98 -2.69 -9.84
C SER A 82 -7.76 -4.06 -10.51
N GLU A 83 -7.07 -4.05 -11.64
CA GLU A 83 -6.78 -5.27 -12.38
C GLU A 83 -6.03 -6.27 -11.49
N PHE A 84 -5.35 -5.76 -10.48
CA PHE A 84 -4.59 -6.61 -9.57
C PHE A 84 -5.39 -6.90 -8.31
N GLY A 85 -6.36 -6.03 -8.02
CA GLY A 85 -7.18 -6.22 -6.83
C GLY A 85 -7.19 -4.99 -5.94
N TYR A 86 -7.44 -5.20 -4.65
CA TYR A 86 -7.47 -4.09 -3.69
C TYR A 86 -6.06 -3.63 -3.34
N HIS A 87 -5.80 -2.35 -3.58
CA HIS A 87 -4.49 -1.78 -3.29
C HIS A 87 -4.51 -1.01 -1.98
N ILE A 88 -3.64 -1.40 -1.05
CA ILE A 88 -3.56 -0.75 0.24
C ILE A 88 -2.27 0.05 0.38
N ILE A 89 -2.29 1.27 -0.13
CA ILE A 89 -1.12 2.15 -0.06
C ILE A 89 -1.00 2.81 1.30
N LYS A 90 0.20 2.79 1.86
CA LYS A 90 0.46 3.39 3.16
C LYS A 90 1.75 4.19 3.16
N ARG A 91 1.65 5.46 3.53
CA ARG A 91 2.82 6.33 3.56
C ARG A 91 3.69 6.04 4.79
N PHE A 92 4.99 6.19 4.62
CA PHE A 92 5.93 5.94 5.72
C PHE A 92 6.87 7.12 5.92
N GLY A 93 7.20 7.79 4.81
CA GLY A 93 8.10 8.94 4.88
C GLY A 93 9.38 8.63 5.61
N GLY A 1 14.25 17.77 -14.40
CA GLY A 1 13.22 18.72 -13.97
C GLY A 1 12.83 18.54 -12.52
N PRO A 2 11.84 19.31 -12.07
CA PRO A 2 11.34 19.25 -10.68
C PRO A 2 10.59 17.95 -10.40
N SER A 3 11.30 16.96 -9.87
CA SER A 3 10.70 15.67 -9.55
C SER A 3 10.55 15.50 -8.05
N ASN A 4 9.45 14.90 -7.63
CA ASN A 4 9.17 14.67 -6.22
C ASN A 4 8.92 13.19 -5.94
N LYS A 5 9.15 12.78 -4.69
CA LYS A 5 8.94 11.40 -4.30
C LYS A 5 8.60 11.31 -2.81
N ILE A 6 7.98 10.20 -2.42
CA ILE A 6 7.60 9.98 -1.03
C ILE A 6 7.56 8.50 -0.69
N LYS A 7 7.78 8.17 0.57
CA LYS A 7 7.76 6.79 1.03
C LYS A 7 6.34 6.27 1.13
N CYS A 8 6.15 4.99 0.79
CA CYS A 8 4.84 4.37 0.85
C CYS A 8 4.91 2.89 0.52
N SER A 9 3.90 2.14 0.92
CA SER A 9 3.86 0.70 0.67
C SER A 9 2.64 0.33 -0.17
N HIS A 10 2.36 -0.96 -0.25
CA HIS A 10 1.23 -1.44 -1.03
C HIS A 10 0.98 -2.92 -0.77
N ILE A 11 -0.30 -3.32 -0.78
CA ILE A 11 -0.66 -4.72 -0.55
C ILE A 11 -1.87 -5.10 -1.38
N LEU A 12 -1.70 -6.15 -2.20
CA LEU A 12 -2.78 -6.62 -3.06
C LEU A 12 -3.44 -7.86 -2.46
N VAL A 13 -4.76 -7.92 -2.55
CA VAL A 13 -5.52 -9.05 -2.02
C VAL A 13 -6.63 -9.47 -2.97
N SER A 14 -7.46 -10.42 -2.54
CA SER A 14 -8.56 -10.91 -3.35
C SER A 14 -9.90 -10.59 -2.69
N LYS A 15 -9.85 -10.26 -1.40
CA LYS A 15 -11.06 -9.94 -0.65
C LYS A 15 -10.88 -8.64 0.13
N GLN A 16 -11.99 -7.93 0.35
CA GLN A 16 -11.95 -6.67 1.10
C GLN A 16 -11.55 -6.92 2.55
N SER A 17 -11.91 -8.09 3.07
CA SER A 17 -11.60 -8.44 4.45
C SER A 17 -10.09 -8.50 4.68
N GLU A 18 -9.34 -8.64 3.58
CA GLU A 18 -7.89 -8.71 3.65
C GLU A 18 -7.27 -7.33 3.44
N ALA A 19 -7.77 -6.61 2.44
CA ALA A 19 -7.27 -5.28 2.14
C ALA A 19 -7.62 -4.29 3.25
N LEU A 20 -8.86 -4.37 3.74
CA LEU A 20 -9.32 -3.49 4.80
C LEU A 20 -8.79 -3.93 6.15
N ALA A 21 -8.14 -5.09 6.17
CA ALA A 21 -7.58 -5.64 7.41
C ALA A 21 -6.25 -4.97 7.75
N ILE A 22 -5.60 -4.40 6.74
CA ILE A 22 -4.33 -3.74 6.94
C ILE A 22 -4.50 -2.38 7.61
N MET A 23 -5.71 -1.83 7.51
CA MET A 23 -6.02 -0.54 8.11
C MET A 23 -6.66 -0.72 9.49
N GLU A 24 -7.04 -1.95 9.80
CA GLU A 24 -7.67 -2.25 11.09
C GLU A 24 -6.72 -3.02 11.99
N LYS A 25 -5.84 -3.81 11.39
CA LYS A 25 -4.87 -4.60 12.13
C LYS A 25 -3.73 -3.71 12.65
N LEU A 26 -3.37 -2.70 11.86
CA LEU A 26 -2.31 -1.78 12.23
C LEU A 26 -2.87 -0.56 12.95
N LYS A 27 -4.06 -0.70 13.51
CA LYS A 27 -4.71 0.39 14.23
C LYS A 27 -3.77 0.98 15.27
N SER A 28 -2.88 0.16 15.80
CA SER A 28 -1.93 0.61 16.82
C SER A 28 -0.54 0.72 16.23
N GLY A 29 -0.30 0.01 15.13
CA GLY A 29 1.01 0.06 14.48
C GLY A 29 1.76 -1.25 14.61
N GLU A 30 1.05 -2.37 14.44
CA GLU A 30 1.67 -3.69 14.54
C GLU A 30 2.87 -3.81 13.60
N LYS A 31 2.59 -3.98 12.32
CA LYS A 31 3.63 -4.10 11.32
C LYS A 31 3.04 -4.30 9.93
N PHE A 32 2.99 -3.22 9.16
CA PHE A 32 2.45 -3.27 7.81
C PHE A 32 3.07 -4.41 7.01
N GLY A 33 4.39 -4.57 7.14
CA GLY A 33 5.09 -5.63 6.42
C GLY A 33 4.59 -7.01 6.82
N LYS A 34 4.22 -7.16 8.09
CA LYS A 34 3.73 -8.44 8.58
C LYS A 34 2.49 -8.89 7.82
N LEU A 35 1.81 -7.94 7.19
CA LEU A 35 0.60 -8.24 6.41
C LEU A 35 0.91 -8.22 4.92
N ALA A 36 1.96 -7.50 4.54
CA ALA A 36 2.36 -7.40 3.14
C ALA A 36 3.12 -8.65 2.69
N LYS A 37 3.67 -9.38 3.66
CA LYS A 37 4.41 -10.60 3.36
C LYS A 37 3.48 -11.80 3.23
N GLU A 38 2.18 -11.54 3.34
CA GLU A 38 1.19 -12.60 3.24
C GLU A 38 0.00 -12.14 2.38
N LEU A 39 -0.67 -11.10 2.83
CA LEU A 39 -1.82 -10.57 2.10
C LEU A 39 -1.45 -10.23 0.66
N SER A 40 -0.36 -9.50 0.49
CA SER A 40 0.11 -9.10 -0.84
C SER A 40 0.19 -10.31 -1.76
N ILE A 41 -0.72 -10.38 -2.73
CA ILE A 41 -0.74 -11.48 -3.68
C ILE A 41 0.29 -11.28 -4.78
N ASP A 42 0.69 -10.03 -4.98
CA ASP A 42 1.68 -9.71 -6.01
C ASP A 42 3.03 -10.34 -5.69
N SER A 43 3.42 -11.32 -6.48
CA SER A 43 4.69 -12.02 -6.27
C SER A 43 5.84 -11.01 -6.15
N GLY A 44 5.73 -9.90 -6.88
CA GLY A 44 6.76 -8.89 -6.85
C GLY A 44 6.49 -7.82 -5.80
N SER A 45 6.10 -8.25 -4.60
CA SER A 45 5.79 -7.32 -3.53
C SER A 45 5.86 -8.01 -2.18
N ALA A 46 5.28 -9.20 -2.10
CA ALA A 46 5.28 -9.98 -0.86
C ALA A 46 6.70 -10.29 -0.41
N LYS A 47 7.65 -10.18 -1.33
CA LYS A 47 9.05 -10.45 -1.02
C LYS A 47 9.70 -9.23 -0.37
N LYS A 48 9.13 -8.06 -0.60
CA LYS A 48 9.66 -6.82 -0.03
C LYS A 48 8.64 -6.18 0.90
N ASN A 49 7.80 -7.00 1.51
CA ASN A 49 6.78 -6.51 2.42
C ASN A 49 5.98 -5.37 1.79
N GLY A 50 5.83 -5.43 0.47
CA GLY A 50 5.08 -4.40 -0.23
C GLY A 50 5.62 -3.01 0.03
N ASN A 51 6.89 -2.93 0.41
CA ASN A 51 7.53 -1.66 0.71
C ASN A 51 8.30 -1.14 -0.50
N LEU A 52 7.59 -0.53 -1.44
CA LEU A 52 8.21 0.00 -2.65
C LEU A 52 9.13 1.17 -2.32
N GLY A 53 9.02 1.68 -1.09
CA GLY A 53 9.85 2.78 -0.67
C GLY A 53 9.42 4.10 -1.30
N TYR A 54 10.36 4.80 -1.91
CA TYR A 54 10.08 6.08 -2.55
C TYR A 54 9.63 5.88 -3.99
N PHE A 55 8.57 6.58 -4.37
CA PHE A 55 8.04 6.48 -5.72
C PHE A 55 7.66 7.86 -6.27
N THR A 56 7.25 7.90 -7.53
CA THR A 56 6.87 9.16 -8.17
C THR A 56 5.63 8.98 -9.03
N LYS A 57 5.26 10.04 -9.75
CA LYS A 57 4.09 10.00 -10.62
C LYS A 57 4.46 9.46 -12.01
N GLY A 58 3.97 8.27 -12.32
CA GLY A 58 4.27 7.66 -13.61
C GLY A 58 4.99 6.34 -13.48
N MET A 59 5.06 5.82 -12.26
CA MET A 59 5.73 4.55 -12.01
C MET A 59 4.73 3.49 -11.54
N MET A 60 3.46 3.87 -11.48
CA MET A 60 2.40 2.96 -11.05
C MET A 60 1.18 3.06 -11.96
N VAL A 61 0.08 2.46 -11.53
CA VAL A 61 -1.16 2.49 -12.30
C VAL A 61 -2.07 3.60 -11.83
N LYS A 62 -3.05 3.96 -12.65
CA LYS A 62 -4.00 5.01 -12.31
C LYS A 62 -4.66 4.74 -10.97
N PRO A 63 -5.33 3.59 -10.85
CA PRO A 63 -6.01 3.19 -9.62
C PRO A 63 -5.03 2.84 -8.51
N PHE A 64 -4.03 3.69 -8.31
CA PHE A 64 -3.03 3.47 -7.28
C PHE A 64 -2.21 4.73 -7.03
N GLU A 65 -1.53 5.20 -8.07
CA GLU A 65 -0.71 6.39 -7.98
C GLU A 65 -1.53 7.58 -7.48
N ASP A 66 -2.77 7.66 -7.92
CA ASP A 66 -3.66 8.74 -7.51
C ASP A 66 -3.79 8.80 -5.99
N ALA A 67 -4.23 7.70 -5.40
CA ALA A 67 -4.40 7.63 -3.95
C ALA A 67 -3.14 7.07 -3.29
N ALA A 68 -1.99 7.29 -3.92
CA ALA A 68 -0.72 6.81 -3.38
C ALA A 68 0.01 7.91 -2.64
N PHE A 69 -0.30 9.16 -2.96
CA PHE A 69 0.33 10.30 -2.32
C PHE A 69 -0.71 11.22 -1.68
N LYS A 70 -1.98 10.89 -1.88
CA LYS A 70 -3.08 11.67 -1.32
C LYS A 70 -3.28 11.35 0.16
N LEU A 71 -2.64 10.29 0.62
CA LEU A 71 -2.76 9.88 2.02
C LEU A 71 -1.92 10.79 2.92
N GLN A 72 -1.99 10.53 4.22
CA GLN A 72 -1.23 11.33 5.19
C GLN A 72 0.02 10.60 5.64
N VAL A 73 0.83 11.26 6.46
CA VAL A 73 2.07 10.68 6.96
C VAL A 73 1.77 9.49 7.87
N GLY A 74 1.66 8.31 7.28
CA GLY A 74 1.39 7.12 8.06
C GLY A 74 -0.06 6.69 7.98
N GLU A 75 -0.78 7.20 6.99
CA GLU A 75 -2.18 6.87 6.81
C GLU A 75 -2.36 5.79 5.74
N VAL A 76 -3.27 4.85 6.01
CA VAL A 76 -3.54 3.76 5.08
C VAL A 76 -4.63 4.15 4.09
N SER A 77 -4.45 3.74 2.84
CA SER A 77 -5.42 4.06 1.79
C SER A 77 -6.52 3.00 1.75
N GLU A 78 -7.65 3.36 1.17
CA GLU A 78 -8.79 2.45 1.07
C GLU A 78 -8.50 1.35 0.04
N PRO A 79 -9.29 0.26 0.11
CA PRO A 79 -9.14 -0.88 -0.80
C PRO A 79 -9.56 -0.54 -2.23
N ILE A 80 -8.63 0.02 -3.00
CA ILE A 80 -8.90 0.40 -4.38
C ILE A 80 -8.94 -0.83 -5.28
N LYS A 81 -10.13 -1.16 -5.77
CA LYS A 81 -10.30 -2.31 -6.65
C LYS A 81 -9.71 -2.04 -8.03
N SER A 82 -8.71 -2.82 -8.40
CA SER A 82 -8.05 -2.66 -9.70
C SER A 82 -7.86 -4.01 -10.38
N GLU A 83 -7.16 -4.00 -11.51
CA GLU A 83 -6.91 -5.22 -12.26
C GLU A 83 -6.13 -6.23 -11.43
N PHE A 84 -5.36 -5.73 -10.48
CA PHE A 84 -4.55 -6.59 -9.61
C PHE A 84 -5.30 -6.88 -8.31
N GLY A 85 -6.31 -6.08 -8.02
CA GLY A 85 -7.10 -6.28 -6.80
C GLY A 85 -7.13 -5.04 -5.93
N TYR A 86 -7.40 -5.24 -4.64
CA TYR A 86 -7.47 -4.13 -3.70
C TYR A 86 -6.08 -3.64 -3.32
N HIS A 87 -5.80 -2.37 -3.61
CA HIS A 87 -4.49 -1.79 -3.31
C HIS A 87 -4.55 -1.03 -1.98
N ILE A 88 -3.64 -1.38 -1.07
CA ILE A 88 -3.59 -0.72 0.24
C ILE A 88 -2.29 0.05 0.40
N ILE A 89 -2.26 1.27 -0.13
CA ILE A 89 -1.08 2.12 -0.03
C ILE A 89 -0.99 2.79 1.34
N LYS A 90 0.19 2.73 1.95
CA LYS A 90 0.41 3.34 3.25
C LYS A 90 1.71 4.12 3.28
N ARG A 91 1.60 5.43 3.51
CA ARG A 91 2.78 6.29 3.56
C ARG A 91 3.63 5.97 4.79
N PHE A 92 4.95 6.15 4.65
CA PHE A 92 5.86 5.89 5.74
C PHE A 92 6.69 7.13 6.08
N GLY A 93 6.92 7.97 5.07
CA GLY A 93 7.69 9.18 5.29
C GLY A 93 7.11 10.06 6.37
N GLY A 1 15.93 16.65 -5.74
CA GLY A 1 16.17 16.00 -7.02
C GLY A 1 15.34 16.62 -8.14
N PRO A 2 15.39 15.99 -9.33
CA PRO A 2 14.66 16.48 -10.50
C PRO A 2 13.15 16.30 -10.35
N SER A 3 12.75 15.34 -9.53
CA SER A 3 11.34 15.07 -9.30
C SER A 3 11.05 14.90 -7.81
N ASN A 4 9.77 14.92 -7.45
CA ASN A 4 9.35 14.76 -6.06
C ASN A 4 8.91 13.32 -5.80
N LYS A 5 9.41 12.76 -4.70
CA LYS A 5 9.06 11.39 -4.33
C LYS A 5 8.74 11.30 -2.84
N ILE A 6 8.06 10.23 -2.45
CA ILE A 6 7.69 10.02 -1.05
C ILE A 6 7.60 8.53 -0.72
N LYS A 7 7.88 8.20 0.53
CA LYS A 7 7.82 6.81 0.98
C LYS A 7 6.39 6.31 1.04
N CYS A 8 6.19 5.03 0.73
CA CYS A 8 4.87 4.44 0.74
C CYS A 8 4.95 2.93 0.53
N SER A 9 3.82 2.25 0.71
CA SER A 9 3.76 0.80 0.56
C SER A 9 2.56 0.38 -0.29
N HIS A 10 2.25 -0.91 -0.26
CA HIS A 10 1.12 -1.43 -1.03
C HIS A 10 0.88 -2.90 -0.70
N ILE A 11 -0.39 -3.31 -0.75
CA ILE A 11 -0.75 -4.69 -0.45
C ILE A 11 -1.95 -5.14 -1.29
N LEU A 12 -1.73 -6.12 -2.15
CA LEU A 12 -2.79 -6.65 -3.01
C LEU A 12 -3.46 -7.85 -2.37
N VAL A 13 -4.76 -7.99 -2.60
CA VAL A 13 -5.52 -9.11 -2.05
C VAL A 13 -6.63 -9.54 -3.01
N SER A 14 -7.42 -10.53 -2.58
CA SER A 14 -8.51 -11.04 -3.40
C SER A 14 -9.86 -10.71 -2.77
N LYS A 15 -9.84 -10.39 -1.48
CA LYS A 15 -11.06 -10.05 -0.76
C LYS A 15 -10.90 -8.74 0.00
N GLN A 16 -11.98 -7.96 0.06
CA GLN A 16 -11.95 -6.67 0.75
C GLN A 16 -11.65 -6.87 2.24
N SER A 17 -12.00 -8.04 2.76
CA SER A 17 -11.77 -8.35 4.17
C SER A 17 -10.28 -8.38 4.48
N GLU A 18 -9.48 -8.70 3.47
CA GLU A 18 -8.03 -8.77 3.63
C GLU A 18 -7.39 -7.39 3.44
N ALA A 19 -7.82 -6.70 2.38
CA ALA A 19 -7.29 -5.37 2.08
C ALA A 19 -7.69 -4.36 3.16
N LEU A 20 -8.98 -4.35 3.50
CA LEU A 20 -9.49 -3.43 4.51
C LEU A 20 -8.96 -3.80 5.90
N ALA A 21 -8.48 -5.03 6.03
CA ALA A 21 -7.92 -5.50 7.30
C ALA A 21 -6.59 -4.83 7.61
N ILE A 22 -6.04 -4.14 6.61
CA ILE A 22 -4.76 -3.46 6.78
C ILE A 22 -4.91 -2.24 7.69
N MET A 23 -6.06 -1.58 7.61
CA MET A 23 -6.32 -0.41 8.44
C MET A 23 -6.81 -0.81 9.82
N GLU A 24 -7.36 -2.03 9.92
CA GLU A 24 -7.87 -2.54 11.19
C GLU A 24 -6.76 -3.21 11.99
N LYS A 25 -6.03 -4.12 11.34
CA LYS A 25 -4.95 -4.84 11.99
C LYS A 25 -3.86 -3.88 12.45
N LEU A 26 -3.58 -2.87 11.64
CA LEU A 26 -2.57 -1.87 11.99
C LEU A 26 -3.19 -0.65 12.65
N LYS A 27 -4.35 -0.85 13.28
CA LYS A 27 -5.05 0.23 13.96
C LYS A 27 -4.32 0.65 15.23
N SER A 28 -3.67 -0.32 15.87
CA SER A 28 -2.93 -0.06 17.10
C SER A 28 -1.51 0.40 16.79
N GLY A 29 -0.97 -0.08 15.68
CA GLY A 29 0.38 0.30 15.30
C GLY A 29 1.26 -0.92 15.04
N GLU A 30 0.68 -1.96 14.47
CA GLU A 30 1.43 -3.19 14.17
C GLU A 30 2.38 -2.98 13.00
N LYS A 31 2.89 -4.07 12.46
CA LYS A 31 3.81 -4.02 11.34
C LYS A 31 3.07 -4.20 10.01
N PHE A 32 3.15 -3.19 9.15
CA PHE A 32 2.48 -3.24 7.85
C PHE A 32 3.04 -4.38 7.00
N GLY A 33 4.36 -4.49 6.97
CA GLY A 33 5.00 -5.53 6.19
C GLY A 33 4.57 -6.92 6.62
N LYS A 34 4.42 -7.11 7.92
CA LYS A 34 4.01 -8.40 8.47
C LYS A 34 2.78 -8.93 7.75
N LEU A 35 1.95 -8.01 7.26
CA LEU A 35 0.72 -8.39 6.55
C LEU A 35 0.96 -8.39 5.04
N ALA A 36 1.91 -7.59 4.58
CA ALA A 36 2.24 -7.50 3.17
C ALA A 36 3.03 -8.72 2.72
N LYS A 37 3.61 -9.43 3.67
CA LYS A 37 4.39 -10.63 3.37
C LYS A 37 3.49 -11.84 3.21
N GLU A 38 2.18 -11.63 3.33
CA GLU A 38 1.21 -12.71 3.19
C GLU A 38 0.03 -12.27 2.33
N LEU A 39 -0.61 -11.18 2.74
CA LEU A 39 -1.76 -10.66 2.01
C LEU A 39 -1.39 -10.31 0.57
N SER A 40 -0.32 -9.56 0.42
CA SER A 40 0.15 -9.16 -0.91
C SER A 40 0.27 -10.36 -1.83
N ILE A 41 -0.68 -10.48 -2.76
CA ILE A 41 -0.67 -11.59 -3.71
C ILE A 41 0.35 -11.37 -4.81
N ASP A 42 0.69 -10.11 -5.05
CA ASP A 42 1.65 -9.76 -6.09
C ASP A 42 3.01 -10.38 -5.79
N SER A 43 3.44 -11.30 -6.64
CA SER A 43 4.72 -11.97 -6.46
C SER A 43 5.84 -10.95 -6.27
N GLY A 44 5.76 -9.85 -7.00
CA GLY A 44 6.77 -8.81 -6.90
C GLY A 44 6.42 -7.76 -5.87
N SER A 45 5.94 -8.20 -4.71
CA SER A 45 5.57 -7.30 -3.63
C SER A 45 5.60 -8.01 -2.29
N ALA A 46 5.05 -9.22 -2.25
CA ALA A 46 5.01 -10.01 -1.03
C ALA A 46 6.42 -10.38 -0.57
N LYS A 47 7.39 -10.21 -1.46
CA LYS A 47 8.78 -10.51 -1.15
C LYS A 47 9.49 -9.31 -0.53
N LYS A 48 8.91 -8.13 -0.75
CA LYS A 48 9.48 -6.89 -0.22
C LYS A 48 8.52 -6.22 0.76
N ASN A 49 7.67 -7.03 1.40
CA ASN A 49 6.70 -6.51 2.35
C ASN A 49 5.90 -5.35 1.74
N GLY A 50 5.69 -5.41 0.44
CA GLY A 50 4.94 -4.37 -0.24
C GLY A 50 5.49 -2.99 0.04
N ASN A 51 6.78 -2.92 0.35
CA ASN A 51 7.42 -1.65 0.65
C ASN A 51 8.21 -1.13 -0.56
N LEU A 52 7.49 -0.50 -1.49
CA LEU A 52 8.13 0.04 -2.69
C LEU A 52 9.04 1.20 -2.35
N GLY A 53 8.93 1.70 -1.12
CA GLY A 53 9.76 2.80 -0.69
C GLY A 53 9.33 4.13 -1.32
N TYR A 54 10.29 4.82 -1.93
CA TYR A 54 10.01 6.10 -2.57
C TYR A 54 9.54 5.91 -4.00
N PHE A 55 8.51 6.65 -4.38
CA PHE A 55 7.97 6.56 -5.74
C PHE A 55 7.60 7.95 -6.27
N THR A 56 7.11 7.99 -7.50
CA THR A 56 6.73 9.25 -8.13
C THR A 56 5.53 9.06 -9.06
N LYS A 57 5.06 10.15 -9.65
CA LYS A 57 3.93 10.11 -10.56
C LYS A 57 4.34 9.57 -11.93
N GLY A 58 3.89 8.36 -12.24
CA GLY A 58 4.23 7.77 -13.52
C GLY A 58 4.97 6.46 -13.37
N MET A 59 5.02 5.95 -12.14
CA MET A 59 5.71 4.68 -11.86
C MET A 59 4.71 3.61 -11.42
N MET A 60 3.43 3.96 -11.42
CA MET A 60 2.39 3.03 -11.02
C MET A 60 1.18 3.14 -11.95
N VAL A 61 0.08 2.50 -11.56
CA VAL A 61 -1.14 2.52 -12.36
C VAL A 61 -2.08 3.63 -11.89
N LYS A 62 -3.12 3.88 -12.67
CA LYS A 62 -4.09 4.91 -12.34
C LYS A 62 -4.73 4.65 -10.98
N PRO A 63 -5.37 3.48 -10.84
CA PRO A 63 -6.03 3.08 -9.60
C PRO A 63 -5.03 2.76 -8.49
N PHE A 64 -4.05 3.65 -8.31
CA PHE A 64 -3.04 3.46 -7.29
C PHE A 64 -2.23 4.74 -7.08
N GLU A 65 -1.58 5.21 -8.15
CA GLU A 65 -0.78 6.42 -8.08
C GLU A 65 -1.59 7.57 -7.48
N ASP A 66 -2.79 7.77 -7.99
CA ASP A 66 -3.67 8.83 -7.51
C ASP A 66 -3.86 8.74 -6.00
N ALA A 67 -4.07 7.52 -5.51
CA ALA A 67 -4.27 7.29 -4.08
C ALA A 67 -3.01 6.71 -3.45
N ALA A 68 -1.85 7.19 -3.89
CA ALA A 68 -0.58 6.72 -3.36
C ALA A 68 0.17 7.85 -2.65
N PHE A 69 -0.20 9.08 -2.97
CA PHE A 69 0.44 10.24 -2.37
C PHE A 69 -0.61 11.19 -1.76
N LYS A 70 -1.87 10.80 -1.87
CA LYS A 70 -2.96 11.60 -1.34
C LYS A 70 -3.28 11.20 0.10
N LEU A 71 -2.40 10.40 0.69
CA LEU A 71 -2.59 9.94 2.06
C LEU A 71 -1.83 10.84 3.04
N GLN A 72 -1.94 10.52 4.33
CA GLN A 72 -1.27 11.29 5.36
C GLN A 72 0.06 10.64 5.74
N VAL A 73 0.72 11.21 6.76
CA VAL A 73 2.00 10.69 7.22
C VAL A 73 1.80 9.50 8.16
N GLY A 74 1.77 8.30 7.60
CA GLY A 74 1.58 7.10 8.41
C GLY A 74 0.15 6.62 8.40
N GLU A 75 -0.58 6.95 7.35
CA GLU A 75 -1.98 6.55 7.23
C GLU A 75 -2.15 5.51 6.12
N VAL A 76 -3.19 4.69 6.24
CA VAL A 76 -3.47 3.65 5.26
C VAL A 76 -4.57 4.09 4.30
N SER A 77 -4.32 3.90 3.01
CA SER A 77 -5.29 4.29 1.98
C SER A 77 -6.50 3.36 2.00
N GLU A 78 -7.32 3.43 0.96
CA GLU A 78 -8.51 2.59 0.86
C GLU A 78 -8.29 1.45 -0.12
N PRO A 79 -9.13 0.41 -0.02
CA PRO A 79 -9.04 -0.77 -0.89
C PRO A 79 -9.46 -0.45 -2.32
N ILE A 80 -8.51 0.04 -3.12
CA ILE A 80 -8.78 0.37 -4.51
C ILE A 80 -8.83 -0.88 -5.38
N LYS A 81 -10.03 -1.22 -5.84
CA LYS A 81 -10.21 -2.39 -6.68
C LYS A 81 -9.66 -2.15 -8.09
N SER A 82 -8.61 -2.88 -8.43
CA SER A 82 -7.97 -2.74 -9.75
C SER A 82 -7.78 -4.10 -10.40
N GLU A 83 -7.09 -4.11 -11.54
CA GLU A 83 -6.83 -5.35 -12.27
C GLU A 83 -6.06 -6.33 -11.40
N PHE A 84 -5.32 -5.80 -10.43
CA PHE A 84 -4.53 -6.63 -9.53
C PHE A 84 -5.29 -6.91 -8.24
N GLY A 85 -6.31 -6.10 -7.98
CA GLY A 85 -7.10 -6.27 -6.76
C GLY A 85 -7.11 -5.02 -5.90
N TYR A 86 -7.43 -5.20 -4.62
CA TYR A 86 -7.47 -4.08 -3.69
C TYR A 86 -6.07 -3.61 -3.33
N HIS A 87 -5.80 -2.33 -3.59
CA HIS A 87 -4.49 -1.75 -3.29
C HIS A 87 -4.52 -0.98 -1.99
N ILE A 88 -3.63 -1.35 -1.06
CA ILE A 88 -3.56 -0.69 0.23
C ILE A 88 -2.25 0.07 0.39
N ILE A 89 -2.24 1.32 -0.09
CA ILE A 89 -1.04 2.16 0.00
C ILE A 89 -0.95 2.83 1.37
N LYS A 90 0.23 2.72 2.00
CA LYS A 90 0.45 3.32 3.30
C LYS A 90 1.73 4.14 3.31
N ARG A 91 1.64 5.39 3.74
CA ARG A 91 2.80 6.27 3.80
C ARG A 91 3.68 5.93 5.00
N PHE A 92 4.99 6.10 4.82
CA PHE A 92 5.94 5.80 5.89
C PHE A 92 6.79 7.03 6.21
N GLY A 93 7.00 7.87 5.20
CA GLY A 93 7.80 9.08 5.40
C GLY A 93 7.34 9.89 6.59
#